data_7SMS
#
_entry.id   7SMS
#
_cell.length_a   1.00
_cell.length_b   1.00
_cell.length_c   1.00
_cell.angle_alpha   90.00
_cell.angle_beta   90.00
_cell.angle_gamma   90.00
#
_symmetry.space_group_name_H-M   'P 1'
#
loop_
_entity.id
_entity.type
_entity.pdbx_description
1 polymer 'Acetylcholine receptor subunit alpha'
2 polymer 'Acetylcholine receptor subunit delta'
3 polymer 'Acetylcholine receptor subunit beta'
4 polymer 'Acetylcholine receptor subunit gamma'
5 branched alpha-D-mannopyranose-(1-6)-alpha-D-mannopyranose-(1-6)-beta-D-mannopyranose-(1-4)-2-acetamido-2-deoxy-beta-D-glucopyranose-(1-4)-2-acetamido-2-deoxy-beta-D-glucopyranose
6 branched 2-acetamido-2-deoxy-beta-D-glucopyranose-(1-4)-2-acetamido-2-deoxy-beta-D-glucopyranose
7 branched beta-D-mannopyranose-(1-4)-2-acetamido-2-deoxy-beta-D-glucopyranose-(1-4)-2-acetamido-2-deoxy-beta-D-glucopyranose
8 non-polymer CHOLESTEROL
9 non-polymer D-TUBOCURARINE
10 non-polymer '(2S)-3-(hexadecanoyloxy)-2-[(9Z)-octadec-9-enoyloxy]propyl 2-(trimethylammonio)ethyl phosphate'
#
loop_
_entity_poly.entity_id
_entity_poly.type
_entity_poly.pdbx_seq_one_letter_code
_entity_poly.pdbx_strand_id
1 'polypeptide(L)'
;SEHETRLVANLLENYNKVIRPVEHHTHFVDITVGLQLIQLISVDEVNQIVETNVRLRQQWIDVRLRWNPADYGGIKKIRL
PSDDVWLPDLVLYNNADGDFAIVHMTKLLLDYTGKIMWTPPAIFKSYCEIIVTHFPFDQQNCTMKLGIWTYDGTKVSISP
ESDRPDLSTFMESGEWVMKDYRGWKHWVYYTCCPDTPYLDITYHFIMQRIPLYFVVNVIIPCLLFSFLTGLVFYLPTDSG
EKMTLSISVLLSLTVFLLVIVELIPSTSSAVPLIGKYMLFTMIFVISSIIITVVVINTHHRSPSTHTMPQWVRKIFIDTI
PNVMFFSTMKRASKEKQENKIFADDIDISDISGKQVTGEVIFQTPLIKNPDVKSAIEGVKYIAEHMKSDEESSNAAEEWK
YVAMVIDHILLCVFMLICIIGTVSVFAGRLIELSQEG
;
A,D
2 'polypeptide(L)'
;VNEEERLINDLLIVNKYNKHVRPVKHNNEVVNIALSLTLSNLISLKETDETLTSNVWMDHAWYDHRLTWNASEYSDISIL
RLPPELVWIPDIVLQNNNDGQYHVAYFCNVLVRPNGYVTWLPPAIFRSSCPINVLYFPFDWQNCSLKFTALNYDANEITM
DLMTDTIDGKDYPIEWIIIDPEAFTENGEWEIIHKPAKKNIYPDKFPNGTNYQDVTFYLIIRRKPLFYVINFITPCVLIS
FLASLAFYLPAESGEKMSTAISVLLAQAVFLLLTSQRLPETALAVPLIGKYLMFIMSLVTGVIVNCGIVLNFHFRTPSTH
VLSTRVKQIFLEKLPRILHMSRADESEQPDWQNDLKLRRSSSVGYISKAQEYFNIKSRSELMFEKQSERHGLVPRVTPRI
GFGNNNENIAASDQLHDEIKSGIDSTNYIVKQIKEKNAYDEEVGNWNLVGQTIDRLSMFIITPVMVLGTIFIFVMGNFNH
PPAKPFEGDPFDYSSDHPRCA
;
B
3 'polypeptide(L)'
;SVMEDTLLSVLFETYNPKVRPAQTVGDKVTVRVGLTLTNLLILNEKIEEMTTNVFLNLAWTDYRLQWDPAAYEGIKDLRI
PSSDVWQPDIVLMNNNDGSFEITLHVNVLVQHTGAVSWQPSAIYRSSCTIKVMYFPFDWQNCTMVFKSYTYDTSEVTLQH
ALDAKGEREVKEIVINKDAFTENGQWSIEHKPSRKNWRSDDPSYEDVTFYLIIQRKPLFYIVYTIIPCILISILAILVFY
LPPDAGEKMSLSISALLAVTVFLLLLADKVPETSLSVPIIIRYLMFIMILVAFSVILSVVVLNLHHRSPNTHTMPNWIRQ
IFIETLPPFLWIQRPVTTPSPDSKPTIISRANDEYFIRKPAGDFVCPVDNARVAVQPERLFSEMKWHLNGLTQPVTLPQD
LKEAVEAIKYIAEQLESASEFDDLKKDWQYVAMVADRLFLYVFFVICSIGTFSIFLDASHNVPPDNPFA
;
C
4 'polypeptide(L)'
;ENEEGRLIEKLLGDYDKRIIPAKTLDHIIDVTLKLTLTNLISLNEKEEALTTNVWIEIQWNDYRLSWNTSEYEGIDLVRI
PSELLWLPDVVLENNVDGQFEVAYYANVLVYNDGSMYWLPPAIYRSTCPIAVTYFPFDWQNCSLVFRSQTYNAHEVNLQL
SAEEGEAVEWIHIDPEDFTENGEWTIRHRPAKKNYNWQLTKDDTDFQEIIFFLIIQRKPLFYIINIIAPCVLISSLVVLV
YFLPAQAGGQKCTLSISVLLAQTIFLFLIAQKVPETSLNVPLIGKYLIFVMFVSMLIVMNCVIVLNVSLRTPNTHSLSEK
IKHLFLGFLPKYLGMQLEPSEETPEKPQPRRRSSFGIMIKAEEYILKKPRSELMFEEQKDRHGLKRVNKMTSDIDIGTTV
DLYKDLANFAPEIKSCVEACNFIAKSTKEQNDSGSENENWVLIGKVIDKACFWIALLLFSIGTLAIFLTGHFNQVPEFPF
PGDPRKYVP
;
E
#
# COMPACT_ATOMS: atom_id res chain seq x y z
N SER A 1 21.27 -21.78 -46.38
CA SER A 1 21.70 -23.01 -47.04
C SER A 1 20.62 -23.54 -47.96
N GLU A 2 20.93 -23.69 -49.24
CA GLU A 2 19.96 -24.21 -50.19
C GLU A 2 19.54 -25.63 -49.84
N HIS A 3 20.49 -26.44 -49.35
CA HIS A 3 20.15 -27.79 -48.92
C HIS A 3 19.18 -27.76 -47.74
N GLU A 4 19.43 -26.90 -46.76
CA GLU A 4 18.56 -26.82 -45.59
C GLU A 4 17.17 -26.36 -45.96
N THR A 5 17.05 -25.34 -46.80
CA THR A 5 15.72 -24.85 -47.16
C THR A 5 14.99 -25.88 -48.02
N ARG A 6 15.70 -26.58 -48.91
CA ARG A 6 15.07 -27.65 -49.67
C ARG A 6 14.57 -28.76 -48.74
N LEU A 7 15.38 -29.13 -47.76
CA LEU A 7 14.97 -30.16 -46.82
C LEU A 7 13.75 -29.74 -46.02
N VAL A 8 13.73 -28.49 -45.53
CA VAL A 8 12.60 -28.03 -44.73
C VAL A 8 11.34 -27.97 -45.59
N ALA A 9 11.47 -27.56 -46.85
CA ALA A 9 10.33 -27.58 -47.75
C ALA A 9 9.82 -29.00 -47.96
N ASN A 10 10.74 -29.95 -48.13
CA ASN A 10 10.33 -31.34 -48.34
C ASN A 10 9.65 -31.93 -47.12
N LEU A 11 10.11 -31.57 -45.92
CA LEU A 11 9.57 -32.16 -44.70
C LEU A 11 8.12 -31.74 -44.47
N LEU A 12 7.85 -30.44 -44.56
CA LEU A 12 6.55 -29.89 -44.19
C LEU A 12 5.60 -29.73 -45.37
N GLU A 13 5.88 -30.38 -46.50
CA GLU A 13 5.03 -30.21 -47.67
C GLU A 13 3.64 -30.80 -47.44
N ASN A 14 3.56 -31.94 -46.75
CA ASN A 14 2.28 -32.58 -46.47
C ASN A 14 2.16 -32.95 -45.00
N TYR A 15 2.80 -32.17 -44.14
CA TYR A 15 2.79 -32.42 -42.71
C TYR A 15 1.56 -31.76 -42.09
N ASN A 16 0.78 -32.56 -41.37
CA ASN A 16 -0.45 -32.08 -40.71
C ASN A 16 -0.18 -32.06 -39.21
N LYS A 17 0.00 -30.85 -38.67
CA LYS A 17 0.38 -30.73 -37.27
C LYS A 17 -0.75 -31.09 -36.32
N VAL A 18 -1.97 -31.29 -36.82
CA VAL A 18 -3.06 -31.73 -35.97
C VAL A 18 -2.86 -33.17 -35.52
N ILE A 19 -2.32 -34.01 -36.39
CA ILE A 19 -2.26 -35.45 -36.14
C ILE A 19 -1.16 -35.75 -35.11
N ARG A 20 -1.36 -36.83 -34.35
CA ARG A 20 -0.31 -37.32 -33.47
C ARG A 20 0.81 -37.96 -34.29
N PRO A 21 2.03 -37.94 -33.79
CA PRO A 21 3.16 -38.57 -34.50
C PRO A 21 3.34 -40.05 -34.20
N VAL A 22 2.49 -40.87 -34.81
CA VAL A 22 2.53 -42.32 -34.61
C VAL A 22 2.35 -43.00 -35.97
N GLU A 23 3.08 -44.09 -36.18
CA GLU A 23 2.89 -44.88 -37.40
C GLU A 23 1.50 -45.47 -37.46
N HIS A 24 1.01 -45.99 -36.34
CA HIS A 24 -0.35 -46.50 -36.23
C HIS A 24 -1.05 -45.82 -35.07
N HIS A 25 -2.36 -45.59 -35.24
CA HIS A 25 -3.10 -44.79 -34.28
C HIS A 25 -3.22 -45.45 -32.91
N THR A 26 -2.92 -46.74 -32.80
CA THR A 26 -2.99 -47.43 -31.52
C THR A 26 -1.72 -47.31 -30.69
N HIS A 27 -0.63 -46.81 -31.26
CA HIS A 27 0.58 -46.59 -30.50
C HIS A 27 0.44 -45.31 -29.67
N PHE A 28 1.44 -45.06 -28.83
CA PHE A 28 1.46 -43.87 -27.99
C PHE A 28 2.79 -43.17 -28.11
N VAL A 29 2.76 -41.85 -28.12
CA VAL A 29 3.96 -41.04 -28.22
C VAL A 29 4.60 -40.97 -26.84
N ASP A 30 5.85 -41.41 -26.73
CA ASP A 30 6.57 -41.36 -25.47
C ASP A 30 7.31 -40.03 -25.39
N ILE A 31 6.97 -39.22 -24.40
CA ILE A 31 7.51 -37.88 -24.24
C ILE A 31 8.26 -37.82 -22.92
N THR A 32 9.53 -37.45 -22.97
CA THR A 32 10.36 -37.32 -21.78
C THR A 32 10.34 -35.85 -21.37
N VAL A 33 9.77 -35.58 -20.20
CA VAL A 33 9.60 -34.24 -19.67
C VAL A 33 10.62 -34.02 -18.57
N GLY A 34 11.39 -32.95 -18.68
CA GLY A 34 12.29 -32.54 -17.61
C GLY A 34 12.08 -31.08 -17.33
N LEU A 35 12.22 -30.72 -16.06
CA LEU A 35 12.05 -29.34 -15.64
C LEU A 35 13.40 -28.77 -15.21
N GLN A 36 13.71 -27.56 -15.66
CA GLN A 36 14.95 -26.89 -15.29
C GLN A 36 14.61 -25.57 -14.63
N LEU A 37 14.77 -25.50 -13.31
CA LEU A 37 14.45 -24.29 -12.57
C LEU A 37 15.58 -23.28 -12.70
N ILE A 38 15.31 -22.16 -13.36
CA ILE A 38 16.32 -21.13 -13.56
C ILE A 38 16.38 -20.18 -12.38
N GLN A 39 15.22 -19.85 -11.81
CA GLN A 39 15.16 -18.87 -10.75
C GLN A 39 13.84 -19.03 -10.01
N LEU A 40 13.85 -18.66 -8.73
CA LEU A 40 12.64 -18.62 -7.91
C LEU A 40 12.28 -17.14 -7.75
N ILE A 41 11.33 -16.67 -8.56
CA ILE A 41 11.05 -15.24 -8.61
C ILE A 41 10.52 -14.76 -7.27
N SER A 42 9.55 -15.47 -6.70
CA SER A 42 8.99 -15.05 -5.42
C SER A 42 8.11 -16.17 -4.86
N VAL A 43 7.81 -16.06 -3.57
CA VAL A 43 6.89 -16.94 -2.89
C VAL A 43 5.95 -16.03 -2.10
N ASP A 44 4.82 -15.67 -2.70
CA ASP A 44 3.83 -14.80 -2.05
C ASP A 44 3.07 -15.64 -1.04
N GLU A 45 3.42 -15.48 0.23
CA GLU A 45 2.80 -16.25 1.30
C GLU A 45 1.32 -15.87 1.46
N VAL A 46 1.00 -14.58 1.32
CA VAL A 46 -0.37 -14.13 1.59
C VAL A 46 -1.33 -14.75 0.59
N ASN A 47 -1.00 -14.70 -0.69
CA ASN A 47 -1.82 -15.30 -1.73
C ASN A 47 -1.46 -16.76 -1.99
N GLN A 48 -0.42 -17.27 -1.34
CA GLN A 48 -0.02 -18.67 -1.45
C GLN A 48 0.34 -19.04 -2.89
N ILE A 49 1.08 -18.17 -3.56
CA ILE A 49 1.44 -18.35 -4.96
C ILE A 49 2.95 -18.28 -5.10
N VAL A 50 3.54 -19.27 -5.74
CA VAL A 50 4.99 -19.29 -5.98
C VAL A 50 5.23 -19.02 -7.46
N GLU A 51 5.98 -17.96 -7.74
CA GLU A 51 6.33 -17.57 -9.09
C GLU A 51 7.77 -17.99 -9.36
N THR A 52 7.96 -18.83 -10.37
CA THR A 52 9.27 -19.34 -10.72
C THR A 52 9.51 -19.19 -12.22
N ASN A 53 10.77 -19.07 -12.59
CA ASN A 53 11.22 -19.02 -13.97
C ASN A 53 11.79 -20.39 -14.28
N VAL A 54 11.22 -21.09 -15.26
CA VAL A 54 11.62 -22.46 -15.56
C VAL A 54 11.84 -22.61 -17.05
N ARG A 55 12.44 -23.74 -17.42
CA ARG A 55 12.52 -24.19 -18.80
C ARG A 55 11.99 -25.61 -18.85
N LEU A 56 10.95 -25.84 -19.65
CA LEU A 56 10.25 -27.11 -19.65
C LEU A 56 10.77 -27.96 -20.80
N ARG A 57 11.88 -28.65 -20.55
CA ARG A 57 12.48 -29.50 -21.56
C ARG A 57 11.56 -30.67 -21.90
N GLN A 58 11.40 -30.95 -23.19
CA GLN A 58 10.56 -32.03 -23.67
C GLN A 58 11.26 -32.71 -24.82
N GLN A 59 11.09 -34.03 -24.90
CA GLN A 59 11.68 -34.80 -25.98
C GLN A 59 10.68 -35.83 -26.47
N TRP A 60 10.69 -36.08 -27.77
CA TRP A 60 9.84 -37.14 -28.32
C TRP A 60 10.33 -37.47 -29.72
N ILE A 61 9.64 -38.42 -30.36
CA ILE A 61 10.02 -38.90 -31.68
C ILE A 61 8.87 -38.66 -32.65
N ASP A 62 9.15 -37.95 -33.74
CA ASP A 62 8.20 -37.70 -34.81
C ASP A 62 8.70 -38.42 -36.04
N VAL A 63 8.06 -39.54 -36.38
CA VAL A 63 8.53 -40.36 -37.50
C VAL A 63 8.37 -39.64 -38.82
N ARG A 64 7.47 -38.66 -38.90
CA ARG A 64 7.22 -37.98 -40.17
C ARG A 64 8.34 -37.01 -40.53
N LEU A 65 9.18 -36.63 -39.57
CA LEU A 65 10.23 -35.63 -39.78
C LEU A 65 11.61 -36.27 -39.87
N ARG A 66 11.69 -37.43 -40.49
CA ARG A 66 12.96 -38.13 -40.69
C ARG A 66 13.45 -37.89 -42.11
N TRP A 67 14.78 -37.80 -42.26
CA TRP A 67 15.37 -37.58 -43.57
C TRP A 67 16.74 -38.23 -43.61
N ASN A 68 17.22 -38.45 -44.83
CA ASN A 68 18.53 -39.05 -45.05
C ASN A 68 19.56 -37.96 -45.23
N PRO A 69 20.57 -37.85 -44.36
CA PRO A 69 21.55 -36.77 -44.51
C PRO A 69 22.33 -36.84 -45.81
N ALA A 70 22.45 -38.02 -46.42
CA ALA A 70 23.21 -38.15 -47.65
C ALA A 70 22.56 -37.39 -48.80
N ASP A 71 21.26 -37.12 -48.73
CA ASP A 71 20.55 -36.42 -49.79
C ASP A 71 20.49 -34.92 -49.58
N TYR A 72 21.01 -34.41 -48.46
CA TYR A 72 20.92 -33.00 -48.15
C TYR A 72 22.27 -32.47 -47.68
N GLY A 73 23.34 -32.90 -48.33
CA GLY A 73 24.67 -32.40 -48.00
C GLY A 73 25.14 -32.76 -46.62
N GLY A 74 24.63 -33.84 -46.03
CA GLY A 74 25.08 -34.25 -44.73
C GLY A 74 24.54 -33.48 -43.56
N ILE A 75 23.40 -32.81 -43.72
CA ILE A 75 22.79 -32.09 -42.60
C ILE A 75 22.29 -33.09 -41.57
N LYS A 76 22.63 -32.85 -40.31
CA LYS A 76 22.23 -33.73 -39.21
C LYS A 76 21.18 -33.13 -38.30
N LYS A 77 21.25 -31.83 -38.02
CA LYS A 77 20.32 -31.18 -37.12
C LYS A 77 19.77 -29.93 -37.79
N ILE A 78 18.49 -29.65 -37.55
CA ILE A 78 17.88 -28.42 -38.01
C ILE A 78 17.11 -27.80 -36.86
N ARG A 79 16.78 -26.53 -37.01
CA ARG A 79 15.94 -25.83 -36.05
C ARG A 79 14.66 -25.39 -36.75
N LEU A 80 13.52 -25.75 -36.15
CA LEU A 80 12.24 -25.40 -36.75
C LEU A 80 11.40 -24.62 -35.75
N PRO A 81 10.60 -23.66 -36.20
CA PRO A 81 9.69 -23.00 -35.26
C PRO A 81 8.72 -24.01 -34.68
N SER A 82 8.44 -23.86 -33.39
CA SER A 82 7.63 -24.85 -32.68
C SER A 82 6.21 -24.93 -33.22
N ASP A 83 5.74 -23.88 -33.90
CA ASP A 83 4.38 -23.86 -34.39
C ASP A 83 4.18 -24.65 -35.68
N ASP A 84 5.26 -25.08 -36.33
CA ASP A 84 5.11 -25.81 -37.59
C ASP A 84 4.87 -27.30 -37.39
N VAL A 85 5.08 -27.83 -36.19
CA VAL A 85 5.03 -29.26 -35.97
C VAL A 85 4.10 -29.56 -34.79
N TRP A 86 3.71 -30.82 -34.68
CA TRP A 86 2.87 -31.25 -33.57
C TRP A 86 3.61 -31.07 -32.25
N LEU A 87 2.89 -30.63 -31.24
CA LEU A 87 3.44 -30.45 -29.90
C LEU A 87 2.53 -31.09 -28.87
N PRO A 88 3.09 -31.57 -27.77
CA PRO A 88 2.24 -32.01 -26.66
C PRO A 88 1.70 -30.82 -25.88
N ASP A 89 0.46 -30.95 -25.42
CA ASP A 89 -0.20 -29.88 -24.70
C ASP A 89 -0.05 -30.08 -23.19
N LEU A 90 1.18 -29.85 -22.73
CA LEU A 90 1.47 -29.95 -21.30
C LEU A 90 0.82 -28.79 -20.56
N VAL A 91 0.10 -29.11 -19.49
CA VAL A 91 -0.62 -28.13 -18.70
C VAL A 91 -0.17 -28.26 -17.26
N LEU A 92 0.12 -27.11 -16.64
CA LEU A 92 0.38 -27.02 -15.20
C LEU A 92 -0.96 -27.05 -14.49
N TYR A 93 -1.28 -28.18 -13.86
CA TYR A 93 -2.62 -28.36 -13.30
C TYR A 93 -2.92 -27.33 -12.22
N ASN A 94 -1.95 -27.05 -11.34
CA ASN A 94 -2.17 -26.16 -10.22
C ASN A 94 -1.82 -24.71 -10.52
N ASN A 95 -1.96 -24.29 -11.77
CA ASN A 95 -1.76 -22.89 -12.11
C ASN A 95 -2.71 -22.02 -11.32
N ALA A 96 -2.21 -20.88 -10.85
CA ALA A 96 -2.99 -19.98 -10.00
C ALA A 96 -3.26 -18.64 -10.65
N ASP A 97 -2.24 -18.01 -11.24
CA ASP A 97 -2.42 -16.69 -11.82
C ASP A 97 -1.88 -16.64 -13.24
N GLY A 98 -0.92 -17.50 -13.54
CA GLY A 98 -0.26 -17.48 -14.84
C GLY A 98 -1.04 -18.21 -15.90
N ASP A 99 -0.35 -18.56 -16.97
CA ASP A 99 -0.96 -19.27 -18.09
C ASP A 99 -0.80 -20.77 -17.90
N PHE A 100 -1.81 -21.51 -18.34
CA PHE A 100 -1.83 -22.96 -18.11
C PHE A 100 -0.78 -23.66 -18.95
N ALA A 101 -0.70 -23.32 -20.23
CA ALA A 101 0.22 -24.00 -21.14
C ALA A 101 1.45 -23.15 -21.37
N ILE A 102 2.28 -23.57 -22.32
CA ILE A 102 3.45 -22.79 -22.72
C ILE A 102 3.02 -21.75 -23.74
N VAL A 103 3.43 -20.51 -23.52
CA VAL A 103 3.07 -19.41 -24.41
C VAL A 103 4.26 -18.86 -25.19
N HIS A 104 5.49 -19.07 -24.72
CA HIS A 104 6.69 -18.65 -25.44
C HIS A 104 7.08 -19.77 -26.39
N MET A 105 6.64 -19.63 -27.65
CA MET A 105 6.81 -20.69 -28.64
C MET A 105 8.17 -20.53 -29.32
N THR A 106 9.21 -20.96 -28.63
CA THR A 106 10.56 -20.85 -29.15
C THR A 106 10.86 -22.01 -30.11
N LYS A 107 11.93 -21.85 -30.87
CA LYS A 107 12.31 -22.84 -31.86
C LYS A 107 12.75 -24.14 -31.19
N LEU A 108 12.59 -25.24 -31.92
CA LEU A 108 12.92 -26.57 -31.42
C LEU A 108 13.95 -27.23 -32.32
N LEU A 109 14.82 -28.02 -31.71
CA LEU A 109 15.82 -28.78 -32.43
C LEU A 109 15.21 -30.07 -32.97
N LEU A 110 15.45 -30.35 -34.25
CA LEU A 110 14.97 -31.55 -34.89
C LEU A 110 16.15 -32.34 -35.43
N ASP A 111 16.26 -33.59 -35.01
CA ASP A 111 17.33 -34.47 -35.41
C ASP A 111 16.94 -35.25 -36.67
N TYR A 112 17.94 -35.80 -37.34
CA TYR A 112 17.69 -36.51 -38.59
C TYR A 112 17.01 -37.86 -38.38
N THR A 113 16.92 -38.33 -37.14
CA THR A 113 16.22 -39.57 -36.83
C THR A 113 14.78 -39.33 -36.39
N GLY A 114 14.32 -38.08 -36.42
CA GLY A 114 13.00 -37.75 -35.96
C GLY A 114 12.90 -37.36 -34.50
N LYS A 115 14.02 -37.29 -33.79
CA LYS A 115 14.00 -36.95 -32.38
C LYS A 115 13.91 -35.44 -32.20
N ILE A 116 12.86 -34.99 -31.52
CA ILE A 116 12.60 -33.58 -31.30
C ILE A 116 12.92 -33.21 -29.87
N MET A 117 13.66 -32.12 -29.72
CA MET A 117 14.09 -31.51 -28.47
C MET A 117 13.47 -30.11 -28.40
N TRP A 118 12.75 -29.82 -27.33
CA TRP A 118 12.08 -28.52 -27.21
C TRP A 118 12.23 -28.02 -25.79
N THR A 119 12.82 -26.84 -25.61
CA THR A 119 13.08 -26.30 -24.27
C THR A 119 12.50 -24.89 -24.17
N PRO A 120 11.17 -24.77 -24.15
CA PRO A 120 10.57 -23.45 -24.03
C PRO A 120 10.67 -22.93 -22.60
N PRO A 121 10.97 -21.66 -22.43
CA PRO A 121 10.94 -21.07 -21.09
C PRO A 121 9.51 -20.80 -20.66
N ALA A 122 9.35 -20.55 -19.36
CA ALA A 122 8.03 -20.28 -18.83
C ALA A 122 8.15 -19.61 -17.48
N ILE A 123 7.05 -19.01 -17.04
CA ILE A 123 6.93 -18.40 -15.72
C ILE A 123 5.76 -19.10 -15.05
N PHE A 124 6.06 -20.08 -14.21
CA PHE A 124 5.02 -20.83 -13.51
C PHE A 124 4.62 -20.08 -12.25
N LYS A 125 3.39 -19.57 -12.22
CA LYS A 125 2.82 -18.99 -11.02
C LYS A 125 1.89 -20.03 -10.40
N SER A 126 2.50 -20.98 -9.72
CA SER A 126 1.77 -22.16 -9.25
C SER A 126 1.26 -21.96 -7.83
N TYR A 127 0.12 -22.60 -7.55
CA TYR A 127 -0.47 -22.54 -6.23
C TYR A 127 0.38 -23.30 -5.23
N CYS A 128 0.57 -22.70 -4.05
CA CYS A 128 1.52 -23.19 -3.05
C CYS A 128 0.89 -23.07 -1.68
N GLU A 129 0.39 -24.18 -1.14
CA GLU A 129 -0.09 -24.16 0.24
C GLU A 129 1.06 -23.77 1.17
N ILE A 130 0.79 -22.79 2.03
CA ILE A 130 1.80 -22.20 2.90
C ILE A 130 1.48 -22.61 4.33
N ILE A 131 2.43 -23.27 4.98
CA ILE A 131 2.31 -23.64 6.39
C ILE A 131 3.10 -22.60 7.18
N VAL A 132 2.41 -21.89 8.06
CA VAL A 132 3.00 -20.77 8.78
C VAL A 132 3.16 -21.09 10.26
N THR A 133 3.16 -22.37 10.62
CA THR A 133 3.30 -22.74 12.04
C THR A 133 4.63 -22.27 12.60
N HIS A 134 5.71 -22.46 11.85
CA HIS A 134 7.04 -22.14 12.33
C HIS A 134 7.60 -20.85 11.73
N PHE A 135 6.73 -19.95 11.30
CA PHE A 135 7.19 -18.68 10.77
C PHE A 135 7.96 -17.92 11.84
N PRO A 136 9.07 -17.26 11.50
CA PRO A 136 9.71 -17.17 10.18
C PRO A 136 10.76 -18.23 9.91
N PHE A 137 10.80 -19.28 10.72
CA PHE A 137 11.74 -20.39 10.52
C PHE A 137 11.08 -21.57 9.82
N ASP A 138 10.10 -21.30 8.97
CA ASP A 138 9.32 -22.34 8.33
C ASP A 138 10.02 -22.86 7.09
N GLN A 139 9.66 -24.07 6.68
CA GLN A 139 10.04 -24.61 5.38
C GLN A 139 8.77 -24.91 4.60
N GLN A 140 8.77 -24.54 3.34
CA GLN A 140 7.63 -24.72 2.46
C GLN A 140 7.84 -25.92 1.56
N ASN A 141 6.76 -26.62 1.26
CA ASN A 141 6.78 -27.78 0.37
C ASN A 141 5.65 -27.61 -0.63
N CYS A 142 5.94 -27.04 -1.78
CA CYS A 142 4.95 -27.07 -2.84
C CYS A 142 5.55 -27.51 -4.17
N THR A 143 4.64 -27.66 -5.13
CA THR A 143 4.79 -28.57 -6.25
C THR A 143 4.46 -27.88 -7.55
N MET A 144 4.72 -28.60 -8.63
CA MET A 144 4.36 -28.20 -9.99
C MET A 144 3.82 -29.47 -10.63
N LYS A 145 2.50 -29.51 -10.80
CA LYS A 145 1.83 -30.66 -11.40
C LYS A 145 1.71 -30.43 -12.91
N LEU A 146 2.35 -31.28 -13.70
CA LEU A 146 2.32 -31.16 -15.15
C LEU A 146 1.66 -32.40 -15.73
N GLY A 147 0.92 -32.21 -16.81
CA GLY A 147 0.31 -33.37 -17.46
C GLY A 147 -0.29 -33.00 -18.79
N ILE A 148 -0.46 -34.03 -19.62
CA ILE A 148 -1.10 -33.87 -20.91
C ILE A 148 -2.61 -33.72 -20.67
N TRP A 149 -3.18 -32.64 -21.20
CA TRP A 149 -4.55 -32.30 -20.87
C TRP A 149 -5.55 -33.19 -21.59
N THR A 150 -5.53 -33.18 -22.92
CA THR A 150 -6.58 -33.81 -23.71
C THR A 150 -6.26 -35.25 -24.13
N TYR A 151 -5.11 -35.78 -23.73
CA TYR A 151 -4.72 -37.13 -24.11
C TYR A 151 -4.57 -38.00 -22.87
N ASP A 152 -5.04 -39.24 -22.97
CA ASP A 152 -4.92 -40.18 -21.87
C ASP A 152 -3.58 -40.92 -21.98
N GLY A 153 -3.36 -41.86 -21.08
CA GLY A 153 -2.09 -42.57 -21.05
C GLY A 153 -1.87 -43.51 -22.22
N THR A 154 -2.93 -43.86 -22.94
CA THR A 154 -2.81 -44.79 -24.06
C THR A 154 -2.59 -44.09 -25.40
N LYS A 155 -2.64 -42.76 -25.43
CA LYS A 155 -2.35 -41.99 -26.63
C LYS A 155 -1.08 -41.19 -26.54
N VAL A 156 -0.85 -40.51 -25.42
CA VAL A 156 0.38 -39.77 -25.17
C VAL A 156 0.83 -40.08 -23.75
N SER A 157 2.07 -40.54 -23.61
CA SER A 157 2.62 -40.93 -22.32
C SER A 157 3.83 -40.06 -22.00
N ILE A 158 3.83 -39.44 -20.83
CA ILE A 158 4.94 -38.61 -20.38
C ILE A 158 5.69 -39.36 -19.29
N SER A 159 7.01 -39.32 -19.35
CA SER A 159 7.86 -39.89 -18.32
C SER A 159 8.90 -38.88 -17.90
N PRO A 160 9.32 -38.89 -16.64
CA PRO A 160 10.30 -37.89 -16.21
C PRO A 160 11.69 -38.20 -16.75
N GLU A 161 12.40 -37.13 -17.13
CA GLU A 161 13.74 -37.29 -17.66
C GLU A 161 14.68 -37.88 -16.61
N SER A 162 14.59 -37.38 -15.38
CA SER A 162 15.40 -37.89 -14.27
C SER A 162 14.60 -37.70 -12.98
N ASP A 163 15.01 -38.43 -11.96
CA ASP A 163 14.26 -38.42 -10.70
C ASP A 163 14.24 -37.05 -10.05
N ARG A 164 15.11 -36.13 -10.46
CA ARG A 164 15.17 -34.81 -9.87
C ARG A 164 15.14 -33.75 -10.97
N PRO A 165 14.65 -32.56 -10.66
CA PRO A 165 14.75 -31.45 -11.63
C PRO A 165 16.19 -30.97 -11.74
N ASP A 166 16.47 -30.33 -12.88
CA ASP A 166 17.81 -29.86 -13.18
C ASP A 166 17.98 -28.46 -12.61
N LEU A 167 18.61 -28.36 -11.44
CA LEU A 167 18.91 -27.08 -10.80
C LEU A 167 20.37 -26.68 -11.00
N SER A 168 20.99 -27.14 -12.07
CA SER A 168 22.40 -26.83 -12.30
C SER A 168 22.61 -25.34 -12.52
N THR A 169 21.67 -24.69 -13.22
CA THR A 169 21.77 -23.27 -13.52
C THR A 169 20.91 -22.42 -12.59
N PHE A 170 20.42 -22.98 -11.49
CA PHE A 170 19.57 -22.24 -10.56
C PHE A 170 20.30 -21.03 -10.01
N MET A 171 19.61 -19.89 -10.02
CA MET A 171 20.12 -18.66 -9.43
C MET A 171 19.77 -18.64 -7.95
N GLU A 172 20.77 -18.48 -7.08
CA GLU A 172 20.52 -18.48 -5.66
C GLU A 172 19.56 -17.35 -5.28
N SER A 173 18.55 -17.68 -4.48
CA SER A 173 17.46 -16.74 -4.22
C SER A 173 17.90 -15.63 -3.30
N GLY A 174 18.68 -15.93 -2.26
CA GLY A 174 18.98 -14.96 -1.24
C GLY A 174 17.90 -14.83 -0.19
N GLU A 175 16.80 -15.56 -0.33
CA GLU A 175 15.74 -15.60 0.66
C GLU A 175 15.29 -17.02 0.97
N TRP A 176 15.60 -17.99 0.11
CA TRP A 176 15.20 -19.37 0.32
C TRP A 176 16.37 -20.27 -0.01
N VAL A 177 16.35 -21.48 0.54
CA VAL A 177 17.40 -22.47 0.32
C VAL A 177 16.75 -23.75 -0.19
N MET A 178 17.28 -24.27 -1.29
CA MET A 178 16.76 -25.51 -1.87
C MET A 178 17.21 -26.71 -1.05
N LYS A 179 16.47 -27.05 0.01
CA LYS A 179 16.86 -28.19 0.83
C LYS A 179 16.80 -29.48 0.03
N ASP A 180 15.75 -29.66 -0.77
CA ASP A 180 15.58 -30.89 -1.52
C ASP A 180 14.63 -30.62 -2.68
N TYR A 181 14.69 -31.47 -3.69
CA TYR A 181 13.77 -31.36 -4.81
C TYR A 181 13.65 -32.71 -5.48
N ARG A 182 12.44 -33.05 -5.90
CA ARG A 182 12.24 -34.39 -6.45
C ARG A 182 11.04 -34.38 -7.39
N GLY A 183 11.08 -35.28 -8.35
CA GLY A 183 9.97 -35.44 -9.29
C GLY A 183 9.45 -36.85 -9.28
N TRP A 184 8.13 -36.96 -9.28
CA TRP A 184 7.46 -38.26 -9.25
C TRP A 184 6.44 -38.35 -10.38
N LYS A 185 6.14 -39.57 -10.79
CA LYS A 185 5.14 -39.83 -11.81
C LYS A 185 3.97 -40.58 -11.18
N HIS A 186 2.75 -40.11 -11.44
CA HIS A 186 1.56 -40.69 -10.84
C HIS A 186 0.61 -41.18 -11.92
N TRP A 187 0.08 -42.39 -11.70
CA TRP A 187 -1.01 -42.96 -12.47
C TRP A 187 -2.30 -42.75 -11.69
N VAL A 188 -3.33 -42.27 -12.37
CA VAL A 188 -4.64 -42.06 -11.77
C VAL A 188 -5.68 -42.78 -12.63
N TYR A 189 -6.51 -43.59 -12.00
CA TYR A 189 -7.59 -44.31 -12.65
C TYR A 189 -8.90 -43.77 -12.10
N TYR A 190 -9.55 -42.90 -12.87
CA TYR A 190 -10.82 -42.32 -12.44
C TYR A 190 -11.94 -43.35 -12.58
N THR A 191 -12.99 -43.15 -11.77
CA THR A 191 -14.12 -44.07 -11.77
C THR A 191 -14.81 -44.12 -13.13
N CYS A 192 -14.78 -43.02 -13.88
CA CYS A 192 -15.32 -43.04 -15.23
C CYS A 192 -14.58 -44.03 -16.11
N CYS A 193 -13.26 -44.06 -16.00
CA CYS A 193 -12.40 -44.47 -17.10
C CYS A 193 -11.33 -45.44 -16.61
N PRO A 194 -11.74 -46.64 -16.17
CA PRO A 194 -10.73 -47.60 -15.67
C PRO A 194 -9.75 -48.06 -16.72
N ASP A 195 -10.15 -48.09 -17.99
CA ASP A 195 -9.28 -48.62 -19.04
C ASP A 195 -8.18 -47.64 -19.41
N THR A 196 -8.41 -46.34 -19.23
CA THR A 196 -7.45 -45.34 -19.66
C THR A 196 -6.73 -44.76 -18.45
N PRO A 197 -5.44 -45.02 -18.27
CA PRO A 197 -4.70 -44.38 -17.19
C PRO A 197 -4.44 -42.92 -17.50
N TYR A 198 -4.45 -42.10 -16.45
CA TYR A 198 -4.13 -40.68 -16.58
C TYR A 198 -2.81 -40.43 -15.87
N LEU A 199 -1.85 -39.88 -16.60
CA LEU A 199 -0.49 -39.71 -16.09
C LEU A 199 -0.26 -38.26 -15.71
N ASP A 200 0.55 -38.05 -14.69
CA ASP A 200 0.96 -36.69 -14.38
C ASP A 200 2.24 -36.70 -13.57
N ILE A 201 3.09 -35.71 -13.83
CA ILE A 201 4.40 -35.61 -13.20
C ILE A 201 4.39 -34.45 -12.24
N THR A 202 4.74 -34.71 -10.98
CA THR A 202 4.73 -33.69 -9.94
C THR A 202 6.18 -33.42 -9.52
N TYR A 203 6.60 -32.17 -9.64
CA TYR A 203 7.92 -31.74 -9.22
C TYR A 203 7.78 -30.89 -7.97
N HIS A 204 8.32 -31.36 -6.85
CA HIS A 204 8.14 -30.68 -5.59
C HIS A 204 9.48 -30.20 -5.05
N PHE A 205 9.48 -28.99 -4.48
CA PHE A 205 10.68 -28.36 -3.96
C PHE A 205 10.49 -28.07 -2.48
N ILE A 206 11.49 -28.42 -1.68
CA ILE A 206 11.51 -28.08 -0.26
C ILE A 206 12.34 -26.81 -0.11
N MET A 207 11.71 -25.74 0.34
CA MET A 207 12.35 -24.44 0.46
C MET A 207 12.48 -24.08 1.93
N GLN A 208 13.68 -23.69 2.35
CA GLN A 208 13.91 -23.26 3.72
C GLN A 208 14.13 -21.77 3.74
N ARG A 209 13.25 -21.04 4.42
CA ARG A 209 13.41 -19.60 4.53
C ARG A 209 14.64 -19.27 5.35
N ILE A 210 15.35 -18.23 4.94
CA ILE A 210 16.54 -17.76 5.66
C ILE A 210 16.06 -16.72 6.67
N PRO A 211 16.13 -16.99 7.97
CA PRO A 211 15.59 -16.07 8.97
C PRO A 211 16.58 -15.00 9.43
N LEU A 212 16.73 -13.98 8.61
CA LEU A 212 17.52 -12.84 9.03
C LEU A 212 16.79 -11.51 8.84
N TYR A 213 15.99 -11.38 7.78
CA TYR A 213 15.20 -10.18 7.60
C TYR A 213 14.16 -10.04 8.70
N PHE A 214 13.48 -11.13 9.02
CA PHE A 214 12.42 -11.08 10.03
C PHE A 214 12.97 -11.13 11.44
N VAL A 215 14.12 -11.78 11.65
CA VAL A 215 14.76 -11.74 12.96
C VAL A 215 15.17 -10.31 13.31
N VAL A 216 15.78 -9.61 12.35
CA VAL A 216 16.20 -8.24 12.59
C VAL A 216 15.00 -7.31 12.67
N ASN A 217 14.03 -7.46 11.77
CA ASN A 217 12.96 -6.48 11.65
C ASN A 217 11.72 -6.79 12.49
N VAL A 218 11.59 -8.00 13.02
CA VAL A 218 10.39 -8.34 13.77
C VAL A 218 10.71 -8.88 15.16
N ILE A 219 11.50 -9.96 15.22
CA ILE A 219 11.68 -10.68 16.48
C ILE A 219 12.49 -9.85 17.47
N ILE A 220 13.58 -9.23 17.01
CA ILE A 220 14.44 -8.47 17.92
C ILE A 220 13.70 -7.30 18.56
N PRO A 221 13.01 -6.44 17.81
CA PRO A 221 12.24 -5.38 18.49
C PRO A 221 11.16 -5.91 19.42
N CYS A 222 10.53 -7.02 19.05
CA CYS A 222 9.51 -7.61 19.90
C CYS A 222 10.11 -8.05 21.23
N LEU A 223 11.29 -8.68 21.19
CA LEU A 223 11.97 -9.06 22.42
C LEU A 223 12.37 -7.84 23.23
N LEU A 224 12.88 -6.80 22.56
CA LEU A 224 13.30 -5.60 23.27
C LEU A 224 12.12 -4.96 23.99
N PHE A 225 10.95 -4.93 23.35
CA PHE A 225 9.79 -4.32 23.98
C PHE A 225 9.17 -5.22 25.05
N SER A 226 9.20 -6.54 24.85
CA SER A 226 8.67 -7.44 25.86
C SER A 226 9.52 -7.45 27.12
N PHE A 227 10.84 -7.26 26.96
CA PHE A 227 11.71 -7.24 28.14
C PHE A 227 11.43 -6.02 29.01
N LEU A 228 10.92 -4.93 28.42
CA LEU A 228 10.57 -3.75 29.20
C LEU A 228 9.34 -3.96 30.07
N THR A 229 8.62 -5.08 29.90
CA THR A 229 7.48 -5.36 30.76
C THR A 229 7.91 -5.50 32.21
N GLY A 230 9.09 -6.09 32.45
CA GLY A 230 9.56 -6.30 33.80
C GLY A 230 9.98 -5.04 34.51
N LEU A 231 10.31 -3.98 33.77
CA LEU A 231 10.71 -2.73 34.41
C LEU A 231 9.55 -2.02 35.09
N VAL A 232 8.32 -2.31 34.69
CA VAL A 232 7.17 -1.66 35.32
C VAL A 232 7.14 -1.98 36.80
N PHE A 233 7.50 -3.21 37.16
CA PHE A 233 7.47 -3.61 38.57
C PHE A 233 8.59 -2.96 39.36
N TYR A 234 9.77 -2.83 38.77
CA TYR A 234 10.88 -2.21 39.48
C TYR A 234 10.73 -0.70 39.60
N LEU A 235 9.88 -0.09 38.79
CA LEU A 235 9.67 1.34 38.87
C LEU A 235 8.86 1.67 40.11
N PRO A 236 9.35 2.52 41.01
CA PRO A 236 8.59 2.86 42.20
C PRO A 236 7.33 3.65 41.84
N THR A 237 6.30 3.49 42.67
CA THR A 237 5.03 4.15 42.41
C THR A 237 5.15 5.67 42.50
N ASP A 238 6.03 6.17 43.38
CA ASP A 238 6.15 7.61 43.56
C ASP A 238 6.58 8.32 42.29
N SER A 239 7.21 7.63 41.34
CA SER A 239 7.62 8.27 40.11
C SER A 239 6.44 8.70 39.25
N GLY A 240 5.28 8.08 39.44
CA GLY A 240 4.11 8.42 38.63
C GLY A 240 4.33 8.15 37.16
N GLU A 241 5.04 7.06 36.84
CA GLU A 241 5.35 6.75 35.45
C GLU A 241 5.17 5.27 35.13
N LYS A 242 4.65 4.47 36.06
CA LYS A 242 4.45 3.05 35.78
C LYS A 242 3.48 2.86 34.63
N MET A 243 2.36 3.59 34.66
CA MET A 243 1.35 3.42 33.62
C MET A 243 1.88 3.86 32.26
N THR A 244 2.65 4.96 32.23
CA THR A 244 3.23 5.40 30.97
C THR A 244 4.05 4.29 30.32
N LEU A 245 4.98 3.71 31.08
CA LEU A 245 5.85 2.68 30.54
C LEU A 245 5.07 1.43 30.14
N SER A 246 4.18 0.97 31.02
CA SER A 246 3.45 -0.26 30.72
C SER A 246 2.54 -0.09 29.50
N ILE A 247 1.83 1.03 29.42
CA ILE A 247 0.93 1.27 28.30
C ILE A 247 1.71 1.43 27.01
N SER A 248 2.85 2.13 27.05
CA SER A 248 3.66 2.28 25.84
C SER A 248 4.16 0.93 25.35
N VAL A 249 4.61 0.07 26.27
CA VAL A 249 5.06 -1.26 25.89
C VAL A 249 3.92 -2.05 25.26
N LEU A 250 2.73 -1.97 25.87
CA LEU A 250 1.58 -2.70 25.33
C LEU A 250 1.22 -2.23 23.92
N LEU A 251 1.22 -0.92 23.70
CA LEU A 251 0.87 -0.40 22.39
C LEU A 251 1.91 -0.79 21.34
N SER A 252 3.20 -0.73 21.68
CA SER A 252 4.22 -1.17 20.75
C SER A 252 4.05 -2.65 20.43
N LEU A 253 3.77 -3.47 21.44
CA LEU A 253 3.60 -4.90 21.20
C LEU A 253 2.39 -5.18 20.30
N THR A 254 1.28 -4.47 20.53
CA THR A 254 0.12 -4.74 19.68
C THR A 254 0.38 -4.29 18.24
N VAL A 255 1.12 -3.20 18.06
CA VAL A 255 1.47 -2.78 16.70
C VAL A 255 2.33 -3.84 16.03
N PHE A 256 3.30 -4.40 16.76
CA PHE A 256 4.15 -5.43 16.19
C PHE A 256 3.34 -6.68 15.85
N LEU A 257 2.39 -7.05 16.69
CA LEU A 257 1.51 -8.17 16.39
C LEU A 257 0.72 -7.90 15.11
N LEU A 258 0.23 -6.67 14.94
CA LEU A 258 -0.52 -6.34 13.73
C LEU A 258 0.35 -6.46 12.49
N VAL A 259 1.61 -6.01 12.58
CA VAL A 259 2.52 -6.16 11.45
C VAL A 259 2.75 -7.64 11.13
N ILE A 260 3.00 -8.44 12.17
CA ILE A 260 3.19 -9.89 11.98
C ILE A 260 1.97 -10.49 11.29
N VAL A 261 0.78 -10.05 11.69
CA VAL A 261 -0.45 -10.49 11.05
C VAL A 261 -0.44 -10.12 9.58
N GLU A 262 -0.02 -8.89 9.26
CA GLU A 262 0.01 -8.48 7.87
C GLU A 262 1.03 -9.25 7.05
N LEU A 263 2.02 -9.89 7.69
CA LEU A 263 3.04 -10.61 6.95
C LEU A 263 2.73 -12.08 6.72
N ILE A 264 1.57 -12.57 7.15
CA ILE A 264 1.23 -13.99 7.01
C ILE A 264 -0.12 -14.12 6.32
N PRO A 265 -0.40 -15.24 5.65
CA PRO A 265 -1.71 -15.40 5.01
C PRO A 265 -2.83 -15.46 6.05
N SER A 266 -4.01 -15.02 5.63
CA SER A 266 -5.17 -14.96 6.51
C SER A 266 -5.78 -16.32 6.79
N THR A 267 -5.14 -17.41 6.39
CA THR A 267 -5.71 -18.73 6.59
C THR A 267 -5.79 -19.09 8.06
N SER A 268 -6.84 -19.84 8.42
CA SER A 268 -7.05 -20.32 9.78
C SER A 268 -6.65 -21.78 9.94
N SER A 269 -5.89 -22.33 9.00
CA SER A 269 -5.49 -23.73 9.09
C SER A 269 -4.67 -23.99 10.35
N ALA A 270 -3.74 -23.09 10.66
CA ALA A 270 -2.93 -23.21 11.87
C ALA A 270 -2.51 -21.81 12.30
N VAL A 271 -2.30 -21.66 13.61
CA VAL A 271 -1.91 -20.39 14.21
C VAL A 271 -0.39 -20.35 14.31
N PRO A 272 0.28 -19.35 13.75
CA PRO A 272 1.74 -19.32 13.81
C PRO A 272 2.26 -19.29 15.25
N LEU A 273 3.41 -19.93 15.46
CA LEU A 273 4.02 -19.89 16.78
C LEU A 273 4.42 -18.46 17.15
N ILE A 274 4.88 -17.67 16.18
CA ILE A 274 5.23 -16.29 16.49
C ILE A 274 3.98 -15.51 16.88
N GLY A 275 2.86 -15.71 16.18
CA GLY A 275 1.64 -15.03 16.54
C GLY A 275 1.11 -15.45 17.89
N LYS A 276 1.17 -16.76 18.19
CA LYS A 276 0.73 -17.24 19.49
C LYS A 276 1.60 -16.69 20.61
N TYR A 277 2.92 -16.64 20.39
CA TYR A 277 3.81 -16.10 21.41
C TYR A 277 3.57 -14.60 21.60
N MET A 278 3.28 -13.87 20.52
CA MET A 278 2.95 -12.46 20.67
C MET A 278 1.65 -12.27 21.44
N LEU A 279 0.66 -13.13 21.17
CA LEU A 279 -0.59 -13.04 21.91
C LEU A 279 -0.38 -13.32 23.39
N PHE A 280 0.44 -14.32 23.71
CA PHE A 280 0.75 -14.60 25.11
C PHE A 280 1.53 -13.45 25.74
N THR A 281 2.42 -12.82 24.99
CA THR A 281 3.13 -11.66 25.50
C THR A 281 2.19 -10.51 25.81
N MET A 282 1.23 -10.24 24.92
CA MET A 282 0.24 -9.20 25.20
C MET A 282 -0.61 -9.54 26.41
N ILE A 283 -1.00 -10.81 26.53
CA ILE A 283 -1.81 -11.21 27.68
C ILE A 283 -1.04 -11.02 28.97
N PHE A 284 0.25 -11.40 28.98
CA PHE A 284 1.07 -11.19 30.17
C PHE A 284 1.27 -9.71 30.44
N VAL A 285 1.43 -8.89 29.41
CA VAL A 285 1.60 -7.45 29.61
C VAL A 285 0.33 -6.85 30.20
N ILE A 286 -0.83 -7.30 29.74
CA ILE A 286 -2.08 -6.79 30.29
C ILE A 286 -2.27 -7.25 31.73
N SER A 287 -1.88 -8.48 32.05
CA SER A 287 -1.90 -8.90 33.44
C SER A 287 -0.96 -8.05 34.29
N SER A 288 0.20 -7.71 33.74
CA SER A 288 1.14 -6.84 34.43
C SER A 288 0.53 -5.46 34.65
N ILE A 289 -0.21 -4.95 33.67
CA ILE A 289 -0.86 -3.65 33.83
C ILE A 289 -1.94 -3.71 34.89
N ILE A 290 -2.68 -4.82 34.94
CA ILE A 290 -3.72 -4.98 35.97
C ILE A 290 -3.07 -4.97 37.34
N ILE A 291 -2.02 -5.76 37.52
CA ILE A 291 -1.35 -5.80 38.82
C ILE A 291 -0.67 -4.48 39.13
N THR A 292 -0.18 -3.75 38.12
CA THR A 292 0.40 -2.45 38.35
C THR A 292 -0.64 -1.45 38.84
N VAL A 293 -1.84 -1.49 38.27
CA VAL A 293 -2.91 -0.62 38.74
C VAL A 293 -3.31 -0.99 40.15
N VAL A 294 -3.35 -2.28 40.46
CA VAL A 294 -3.63 -2.71 41.83
C VAL A 294 -2.56 -2.20 42.78
N VAL A 295 -1.29 -2.27 42.37
CA VAL A 295 -0.19 -1.80 43.22
C VAL A 295 -0.29 -0.29 43.44
N ILE A 296 -0.60 0.46 42.39
CA ILE A 296 -0.73 1.91 42.53
C ILE A 296 -1.87 2.25 43.46
N ASN A 297 -3.01 1.55 43.32
CA ASN A 297 -4.15 1.82 44.19
C ASN A 297 -3.83 1.47 45.64
N THR A 298 -3.10 0.38 45.86
CA THR A 298 -2.70 0.02 47.22
C THR A 298 -1.74 1.05 47.80
N HIS A 299 -0.82 1.56 46.99
CA HIS A 299 0.20 2.49 47.48
C HIS A 299 -0.40 3.78 47.98
N HIS A 300 -1.55 4.19 47.43
CA HIS A 300 -2.18 5.44 47.80
C HIS A 300 -3.38 5.25 48.72
N ARG A 301 -3.55 4.06 49.30
CA ARG A 301 -4.69 3.80 50.16
C ARG A 301 -4.65 4.68 51.39
N SER A 302 -5.61 5.61 51.49
CA SER A 302 -5.66 6.49 52.64
C SER A 302 -5.99 5.68 53.90
N PRO A 303 -5.30 5.91 55.01
CA PRO A 303 -5.66 5.20 56.26
C PRO A 303 -7.02 5.55 56.78
N SER A 304 -7.60 6.68 56.36
CA SER A 304 -8.89 7.10 56.89
C SER A 304 -9.99 6.13 56.55
N THR A 305 -10.01 5.63 55.31
CA THR A 305 -11.11 4.82 54.82
C THR A 305 -10.76 3.35 54.63
N HIS A 306 -9.51 2.96 54.83
CA HIS A 306 -9.08 1.59 54.64
C HIS A 306 -8.29 1.13 55.85
N THR A 307 -8.65 -0.03 56.38
CA THR A 307 -7.90 -0.67 57.46
C THR A 307 -7.30 -1.96 56.94
N MET A 308 -6.02 -2.14 57.14
CA MET A 308 -5.33 -3.29 56.57
C MET A 308 -5.82 -4.57 57.23
N PRO A 309 -6.38 -5.51 56.47
CA PRO A 309 -6.84 -6.76 57.08
C PRO A 309 -5.68 -7.58 57.62
N GLN A 310 -5.97 -8.36 58.66
CA GLN A 310 -4.92 -9.15 59.29
C GLN A 310 -4.34 -10.19 58.34
N TRP A 311 -5.15 -10.71 57.41
CA TRP A 311 -4.60 -11.64 56.43
C TRP A 311 -3.61 -10.96 55.48
N VAL A 312 -3.71 -9.64 55.31
CA VAL A 312 -2.72 -8.94 54.50
C VAL A 312 -1.47 -8.64 55.33
N ARG A 313 -1.66 -8.21 56.57
CA ARG A 313 -0.53 -7.86 57.42
C ARG A 313 0.32 -9.09 57.74
N LYS A 314 -0.32 -10.24 57.98
CA LYS A 314 0.41 -11.44 58.35
C LYS A 314 1.29 -11.94 57.21
N ILE A 315 0.80 -11.84 55.98
CA ILE A 315 1.52 -12.42 54.85
C ILE A 315 2.47 -11.42 54.20
N PHE A 316 2.00 -10.22 53.86
CA PHE A 316 2.82 -9.30 53.08
C PHE A 316 3.80 -8.50 53.92
N ILE A 317 3.71 -8.57 55.25
CA ILE A 317 4.64 -7.87 56.11
C ILE A 317 5.46 -8.80 56.98
N ASP A 318 4.98 -10.02 57.25
CA ASP A 318 5.67 -10.93 58.16
C ASP A 318 6.04 -12.27 57.53
N THR A 319 5.68 -12.53 56.29
CA THR A 319 5.97 -13.81 55.66
C THR A 319 6.95 -13.70 54.50
N ILE A 320 6.60 -12.95 53.46
CA ILE A 320 7.46 -12.82 52.28
C ILE A 320 8.77 -12.06 52.57
N PRO A 321 8.75 -10.94 53.30
CA PRO A 321 10.02 -10.19 53.48
C PRO A 321 11.15 -11.01 54.05
N ASN A 322 10.86 -12.02 54.86
CA ASN A 322 11.91 -12.90 55.37
C ASN A 322 12.29 -14.00 54.39
N VAL A 323 11.57 -14.14 53.29
CA VAL A 323 11.86 -15.21 52.33
C VAL A 323 12.80 -14.74 51.23
N MET A 324 12.59 -13.54 50.70
CA MET A 324 13.36 -13.06 49.55
C MET A 324 14.63 -12.39 50.05
N PHE A 325 15.78 -12.91 49.64
CA PHE A 325 17.06 -12.50 50.20
C PHE A 325 17.78 -11.43 49.37
N PHE A 326 17.84 -11.58 48.04
CA PHE A 326 18.69 -10.72 47.24
C PHE A 326 18.30 -9.25 47.31
N SER A 327 17.08 -8.95 47.75
CA SER A 327 16.68 -7.56 47.90
C SER A 327 17.33 -6.94 49.13
N THR A 328 17.33 -5.61 49.16
CA THR A 328 17.91 -4.84 50.25
C THR A 328 16.84 -4.00 50.96
N MET A 329 15.67 -4.60 51.18
CA MET A 329 14.58 -3.92 51.88
C MET A 329 14.77 -4.10 53.38
N LYS A 330 13.75 -3.74 54.15
CA LYS A 330 13.80 -3.88 55.60
C LYS A 330 13.44 -5.30 56.02
N PRO A 370 -6.63 33.88 82.20
CA PRO A 370 -7.00 35.03 81.35
C PRO A 370 -7.00 34.67 79.88
N ASP A 371 -5.79 34.62 79.30
CA ASP A 371 -5.60 34.25 77.92
C ASP A 371 -4.58 33.14 77.72
N VAL A 372 -3.72 32.86 78.71
CA VAL A 372 -2.79 31.76 78.60
C VAL A 372 -3.50 30.42 78.53
N LYS A 373 -4.75 30.35 79.01
CA LYS A 373 -5.52 29.12 78.89
C LYS A 373 -5.74 28.76 77.42
N SER A 374 -6.02 29.75 76.58
CA SER A 374 -6.15 29.51 75.16
C SER A 374 -4.86 28.98 74.57
N ALA A 375 -3.72 29.54 74.98
CA ALA A 375 -2.43 29.07 74.48
C ALA A 375 -2.17 27.63 74.90
N ILE A 376 -2.47 27.29 76.16
CA ILE A 376 -2.26 25.93 76.64
C ILE A 376 -3.14 24.95 75.88
N GLU A 377 -4.42 25.31 75.71
CA GLU A 377 -5.33 24.44 74.97
C GLU A 377 -4.88 24.27 73.52
N GLY A 378 -4.42 25.35 72.90
CA GLY A 378 -3.94 25.25 71.53
C GLY A 378 -2.69 24.40 71.39
N VAL A 379 -1.77 24.52 72.35
CA VAL A 379 -0.57 23.69 72.32
C VAL A 379 -0.93 22.23 72.47
N LYS A 380 -1.85 21.91 73.39
CA LYS A 380 -2.30 20.54 73.54
C LYS A 380 -2.97 20.04 72.26
N TYR A 381 -3.75 20.91 71.61
CA TYR A 381 -4.38 20.54 70.35
C TYR A 381 -3.34 20.26 69.28
N ILE A 382 -2.30 21.08 69.21
CA ILE A 382 -1.22 20.86 68.25
C ILE A 382 -0.56 19.51 68.51
N ALA A 383 -0.29 19.21 69.78
CA ALA A 383 0.35 17.94 70.11
C ALA A 383 -0.52 16.75 69.69
N GLU A 384 -1.82 16.81 70.01
CA GLU A 384 -2.69 15.70 69.66
C GLU A 384 -2.85 15.57 68.15
N HIS A 385 -2.88 16.70 67.45
CA HIS A 385 -2.96 16.65 65.99
C HIS A 385 -1.72 16.01 65.39
N MET A 386 -0.54 16.35 65.92
CA MET A 386 0.67 15.71 65.43
C MET A 386 0.71 14.23 65.76
N LYS A 387 0.19 13.82 66.92
CA LYS A 387 0.11 12.39 67.23
C LYS A 387 -0.78 11.67 66.24
N SER A 388 -1.95 12.24 65.94
CA SER A 388 -2.84 11.63 64.96
C SER A 388 -2.19 11.57 63.59
N ASP A 389 -1.49 12.64 63.20
CA ASP A 389 -0.80 12.65 61.92
C ASP A 389 0.26 11.58 61.86
N GLU A 390 1.01 11.39 62.95
CA GLU A 390 2.02 10.34 62.97
C GLU A 390 1.40 8.97 62.81
N GLU A 391 0.28 8.72 63.49
CA GLU A 391 -0.37 7.41 63.36
C GLU A 391 -0.88 7.18 61.93
N SER A 392 -1.51 8.19 61.34
CA SER A 392 -1.99 8.05 59.96
C SER A 392 -0.84 7.83 59.00
N SER A 393 0.26 8.56 59.18
CA SER A 393 1.43 8.37 58.33
C SER A 393 1.99 6.97 58.50
N ASN A 394 1.96 6.43 59.71
CA ASN A 394 2.44 5.07 59.91
C ASN A 394 1.60 4.07 59.14
N ALA A 395 0.28 4.23 59.18
CA ALA A 395 -0.58 3.34 58.39
C ALA A 395 -0.32 3.48 56.90
N ALA A 396 -0.13 4.72 56.43
CA ALA A 396 0.17 4.93 55.01
C ALA A 396 1.49 4.27 54.62
N GLU A 397 2.50 4.37 55.49
CA GLU A 397 3.77 3.72 55.22
C GLU A 397 3.61 2.20 55.17
N GLU A 398 2.74 1.65 56.03
CA GLU A 398 2.48 0.22 55.96
C GLU A 398 1.87 -0.16 54.60
N TRP A 399 0.93 0.64 54.11
CA TRP A 399 0.36 0.37 52.80
C TRP A 399 1.41 0.44 51.70
N LYS A 400 2.29 1.45 51.78
CA LYS A 400 3.34 1.58 50.79
C LYS A 400 4.28 0.39 50.82
N TYR A 401 4.59 -0.11 52.03
CA TYR A 401 5.40 -1.30 52.16
C TYR A 401 4.74 -2.50 51.51
N VAL A 402 3.43 -2.65 51.70
CA VAL A 402 2.71 -3.75 51.07
C VAL A 402 2.83 -3.66 49.56
N ALA A 403 2.65 -2.47 49.01
CA ALA A 403 2.80 -2.31 47.56
C ALA A 403 4.20 -2.67 47.10
N MET A 404 5.21 -2.27 47.87
CA MET A 404 6.60 -2.56 47.51
C MET A 404 6.85 -4.07 47.49
N VAL A 405 6.38 -4.79 48.51
CA VAL A 405 6.62 -6.23 48.50
C VAL A 405 5.86 -6.90 47.37
N ILE A 406 4.65 -6.40 47.05
CA ILE A 406 3.88 -7.01 45.97
C ILE A 406 4.63 -6.86 44.64
N ASP A 407 5.06 -5.66 44.32
CA ASP A 407 5.68 -5.52 43.00
C ASP A 407 7.08 -6.12 42.97
N HIS A 408 7.76 -6.28 44.11
CA HIS A 408 9.00 -7.06 44.08
C HIS A 408 8.74 -8.54 43.86
N ILE A 409 7.65 -9.07 44.42
CA ILE A 409 7.28 -10.46 44.13
C ILE A 409 7.03 -10.62 42.63
N LEU A 410 6.29 -9.68 42.05
CA LEU A 410 6.03 -9.75 40.61
C LEU A 410 7.33 -9.64 39.80
N LEU A 411 8.25 -8.79 40.24
CA LEU A 411 9.53 -8.67 39.53
C LEU A 411 10.32 -9.97 39.60
N CYS A 412 10.31 -10.63 40.76
CA CYS A 412 11.01 -11.91 40.88
C CYS A 412 10.36 -12.96 39.97
N VAL A 413 9.03 -12.95 39.89
CA VAL A 413 8.35 -13.85 38.96
C VAL A 413 8.80 -13.59 37.53
N PHE A 414 8.88 -12.32 37.15
CA PHE A 414 9.32 -11.96 35.80
C PHE A 414 10.76 -12.41 35.54
N MET A 415 11.64 -12.22 36.51
CA MET A 415 13.03 -12.65 36.32
C MET A 415 13.12 -14.16 36.18
N LEU A 416 12.34 -14.90 36.97
CA LEU A 416 12.35 -16.35 36.82
C LEU A 416 11.86 -16.76 35.43
N ILE A 417 10.79 -16.12 34.95
CA ILE A 417 10.29 -16.43 33.62
C ILE A 417 11.35 -16.13 32.57
N CYS A 418 12.03 -14.98 32.70
CA CYS A 418 13.06 -14.62 31.72
C CYS A 418 14.18 -15.64 31.70
N ILE A 419 14.66 -16.04 32.89
CA ILE A 419 15.79 -16.97 32.95
C ILE A 419 15.40 -18.33 32.38
N ILE A 420 14.22 -18.84 32.78
CA ILE A 420 13.84 -20.16 32.27
C ILE A 420 13.60 -20.12 30.77
N GLY A 421 13.03 -19.02 30.26
CA GLY A 421 12.82 -18.92 28.83
C GLY A 421 14.11 -18.85 28.03
N THR A 422 15.07 -18.05 28.50
CA THR A 422 16.33 -17.94 27.78
C THR A 422 17.14 -19.22 27.88
N VAL A 423 17.00 -19.98 28.98
CA VAL A 423 17.67 -21.28 29.06
C VAL A 423 17.00 -22.27 28.12
N SER A 424 15.66 -22.28 28.08
CA SER A 424 14.95 -23.23 27.23
C SER A 424 15.27 -23.00 25.76
N VAL A 425 15.28 -21.74 25.33
CA VAL A 425 15.60 -21.46 23.92
C VAL A 425 17.05 -21.81 23.63
N PHE A 426 17.94 -21.69 24.61
CA PHE A 426 19.35 -21.94 24.41
C PHE A 426 19.66 -23.44 24.48
N ASN B 2 -1.01 -43.51 -40.67
CA ASN B 2 -1.98 -43.07 -39.67
C ASN B 2 -3.33 -42.78 -40.33
N GLU B 3 -4.36 -43.50 -39.90
CA GLU B 3 -5.69 -43.29 -40.45
C GLU B 3 -6.35 -42.02 -39.92
N GLU B 4 -5.87 -41.50 -38.79
CA GLU B 4 -6.44 -40.27 -38.24
C GLU B 4 -6.29 -39.11 -39.22
N GLU B 5 -5.15 -39.05 -39.92
CA GLU B 5 -4.95 -37.99 -40.91
C GLU B 5 -5.99 -38.08 -42.00
N ARG B 6 -6.24 -39.29 -42.51
CA ARG B 6 -7.24 -39.45 -43.55
C ARG B 6 -8.63 -39.08 -43.04
N LEU B 7 -8.97 -39.49 -41.82
CA LEU B 7 -10.28 -39.17 -41.27
C LEU B 7 -10.48 -37.67 -41.11
N ILE B 8 -9.48 -36.98 -40.56
CA ILE B 8 -9.62 -35.54 -40.36
C ILE B 8 -9.64 -34.80 -41.69
N ASN B 9 -8.85 -35.25 -42.65
CA ASN B 9 -8.91 -34.63 -43.98
C ASN B 9 -10.28 -34.82 -44.61
N ASP B 10 -10.87 -36.00 -44.45
CA ASP B 10 -12.21 -36.23 -44.97
C ASP B 10 -13.23 -35.34 -44.28
N LEU B 11 -13.10 -35.18 -42.96
CA LEU B 11 -14.11 -34.43 -42.21
C LEU B 11 -14.03 -32.94 -42.50
N LEU B 12 -12.83 -32.37 -42.48
CA LEU B 12 -12.69 -30.91 -42.48
C LEU B 12 -12.27 -30.33 -43.82
N ILE B 13 -11.96 -31.15 -44.81
CA ILE B 13 -11.49 -30.61 -46.09
C ILE B 13 -12.42 -31.06 -47.21
N VAL B 14 -12.62 -32.37 -47.33
CA VAL B 14 -13.47 -32.90 -48.39
C VAL B 14 -14.91 -32.44 -48.21
N ASN B 15 -15.41 -32.49 -46.98
CA ASN B 15 -16.79 -32.12 -46.70
C ASN B 15 -17.00 -30.62 -46.57
N LYS B 16 -15.93 -29.82 -46.67
CA LYS B 16 -16.02 -28.36 -46.61
C LYS B 16 -16.67 -27.91 -45.30
N TYR B 17 -16.00 -28.24 -44.20
CA TYR B 17 -16.48 -27.85 -42.89
C TYR B 17 -16.36 -26.35 -42.71
N ASN B 18 -17.47 -25.71 -42.33
CA ASN B 18 -17.52 -24.27 -42.11
C ASN B 18 -17.73 -24.03 -40.63
N LYS B 19 -16.69 -23.58 -39.94
CA LYS B 19 -16.74 -23.43 -38.49
C LYS B 19 -17.59 -22.26 -38.04
N HIS B 20 -18.17 -21.49 -38.96
CA HIS B 20 -19.01 -20.36 -38.62
C HIS B 20 -20.50 -20.68 -38.79
N VAL B 21 -20.85 -21.95 -38.92
CA VAL B 21 -22.23 -22.39 -39.13
C VAL B 21 -22.59 -23.36 -38.02
N ARG B 22 -23.78 -23.17 -37.44
CA ARG B 22 -24.22 -24.04 -36.37
C ARG B 22 -24.36 -25.48 -36.86
N PRO B 23 -24.13 -26.45 -36.00
CA PRO B 23 -24.27 -27.87 -36.38
C PRO B 23 -25.72 -28.36 -36.33
N VAL B 24 -26.49 -27.97 -37.34
CA VAL B 24 -27.89 -28.37 -37.47
C VAL B 24 -28.17 -28.75 -38.91
N LYS B 25 -28.98 -29.79 -39.10
CA LYS B 25 -29.43 -30.14 -40.44
C LYS B 25 -30.29 -29.04 -41.04
N HIS B 26 -31.18 -28.47 -40.24
CA HIS B 26 -32.09 -27.41 -40.67
C HIS B 26 -31.90 -26.18 -39.80
N ASN B 27 -32.23 -25.02 -40.38
CA ASN B 27 -32.01 -23.75 -39.68
C ASN B 27 -32.82 -23.67 -38.40
N ASN B 28 -34.07 -24.11 -38.43
CA ASN B 28 -34.95 -23.98 -37.27
C ASN B 28 -34.55 -24.91 -36.11
N GLU B 29 -33.70 -25.90 -36.38
CA GLU B 29 -33.28 -26.82 -35.33
C GLU B 29 -32.40 -26.10 -34.32
N VAL B 30 -32.36 -26.63 -33.10
CA VAL B 30 -31.63 -26.04 -31.99
C VAL B 30 -30.52 -26.98 -31.56
N VAL B 31 -29.45 -26.42 -31.01
CA VAL B 31 -28.29 -27.16 -30.53
C VAL B 31 -28.29 -27.09 -29.02
N ASN B 32 -28.16 -28.23 -28.36
CA ASN B 32 -28.15 -28.29 -26.90
C ASN B 32 -26.71 -28.25 -26.42
N ILE B 33 -26.39 -27.26 -25.57
CA ILE B 33 -25.04 -27.13 -25.04
C ILE B 33 -25.04 -27.51 -23.57
N ALA B 34 -24.78 -28.79 -23.28
CA ALA B 34 -24.68 -29.22 -21.90
C ALA B 34 -23.44 -28.61 -21.26
N LEU B 35 -23.58 -28.19 -20.00
CA LEU B 35 -22.52 -27.48 -19.29
C LEU B 35 -22.31 -28.08 -17.91
N SER B 36 -21.10 -27.92 -17.40
CA SER B 36 -20.78 -28.26 -16.03
C SER B 36 -19.50 -27.52 -15.65
N LEU B 37 -19.27 -27.38 -14.36
CA LEU B 37 -18.13 -26.65 -13.86
C LEU B 37 -17.42 -27.50 -12.82
N THR B 38 -16.09 -27.58 -12.91
CA THR B 38 -15.29 -28.30 -11.93
C THR B 38 -14.37 -27.30 -11.23
N LEU B 39 -14.60 -27.07 -9.95
CA LEU B 39 -13.80 -26.12 -9.19
C LEU B 39 -12.52 -26.81 -8.72
N SER B 40 -11.42 -26.60 -9.44
CA SER B 40 -10.19 -27.26 -9.05
C SER B 40 -9.55 -26.59 -7.85
N ASN B 41 -9.66 -25.27 -7.76
CA ASN B 41 -9.11 -24.54 -6.62
C ASN B 41 -9.76 -23.16 -6.57
N LEU B 42 -10.04 -22.70 -5.35
CA LEU B 42 -10.60 -21.36 -5.14
C LEU B 42 -9.41 -20.46 -4.84
N ILE B 43 -9.01 -19.64 -5.82
CA ILE B 43 -7.78 -18.88 -5.68
C ILE B 43 -7.90 -17.86 -4.55
N SER B 44 -8.96 -17.06 -4.55
CA SER B 44 -9.09 -16.04 -3.52
C SER B 44 -10.48 -15.40 -3.61
N LEU B 45 -10.73 -14.50 -2.66
CA LEU B 45 -11.89 -13.61 -2.69
C LEU B 45 -11.43 -12.31 -2.06
N LYS B 46 -11.12 -11.32 -2.90
CA LYS B 46 -10.71 -10.00 -2.46
C LYS B 46 -11.96 -9.23 -2.06
N GLU B 47 -12.16 -9.06 -0.75
CA GLU B 47 -13.30 -8.29 -0.27
C GLU B 47 -13.17 -6.82 -0.66
N THR B 48 -11.96 -6.27 -0.60
CA THR B 48 -11.76 -4.88 -0.98
C THR B 48 -12.08 -4.66 -2.45
N ASP B 49 -11.66 -5.60 -3.30
CA ASP B 49 -11.96 -5.53 -4.73
C ASP B 49 -13.30 -6.17 -5.07
N GLU B 50 -13.93 -6.85 -4.12
CA GLU B 50 -15.20 -7.56 -4.36
C GLU B 50 -15.07 -8.53 -5.53
N THR B 51 -13.96 -9.26 -5.57
CA THR B 51 -13.66 -10.16 -6.68
C THR B 51 -13.48 -11.58 -6.17
N LEU B 52 -14.04 -12.54 -6.89
CA LEU B 52 -13.86 -13.96 -6.59
C LEU B 52 -12.99 -14.54 -7.68
N THR B 53 -11.78 -14.97 -7.33
CA THR B 53 -10.86 -15.57 -8.28
C THR B 53 -10.88 -17.09 -8.09
N SER B 54 -11.31 -17.81 -9.13
CA SER B 54 -11.52 -19.24 -9.05
C SER B 54 -10.86 -19.94 -10.22
N ASN B 55 -10.23 -21.08 -9.94
CA ASN B 55 -9.61 -21.91 -10.97
C ASN B 55 -10.57 -23.06 -11.26
N VAL B 56 -11.13 -23.09 -12.47
CA VAL B 56 -12.17 -24.04 -12.81
C VAL B 56 -11.82 -24.72 -14.13
N TRP B 57 -12.47 -25.84 -14.37
CA TRP B 57 -12.51 -26.50 -15.67
C TRP B 57 -13.96 -26.44 -16.13
N MET B 58 -14.21 -25.69 -17.21
CA MET B 58 -15.58 -25.31 -17.54
C MET B 58 -15.99 -26.14 -18.76
N ASP B 59 -16.63 -27.27 -18.49
CA ASP B 59 -16.91 -28.30 -19.48
C ASP B 59 -18.04 -27.87 -20.42
N HIS B 60 -18.01 -28.42 -21.62
CA HIS B 60 -19.07 -28.27 -22.60
C HIS B 60 -19.29 -29.60 -23.30
N ALA B 61 -20.51 -29.84 -23.73
CA ALA B 61 -20.78 -31.02 -24.54
C ALA B 61 -21.94 -30.73 -25.46
N TRP B 62 -21.79 -31.09 -26.73
CA TRP B 62 -22.84 -30.83 -27.71
C TRP B 62 -22.73 -31.85 -28.84
N TYR B 63 -23.54 -31.65 -29.87
CA TYR B 63 -23.60 -32.55 -31.00
C TYR B 63 -23.29 -31.81 -32.29
N ASP B 64 -22.52 -32.45 -33.16
CA ASP B 64 -22.12 -31.87 -34.45
C ASP B 64 -22.33 -32.94 -35.51
N HIS B 65 -23.43 -32.86 -36.26
CA HIS B 65 -23.75 -33.89 -37.23
C HIS B 65 -22.73 -33.94 -38.37
N ARG B 66 -21.92 -32.90 -38.54
CA ARG B 66 -20.89 -32.90 -39.57
C ARG B 66 -19.61 -33.61 -39.14
N LEU B 67 -19.46 -33.91 -37.85
CA LEU B 67 -18.28 -34.58 -37.32
C LEU B 67 -18.56 -36.04 -36.97
N THR B 68 -19.37 -36.70 -37.78
CA THR B 68 -19.68 -38.11 -37.58
C THR B 68 -19.03 -38.95 -38.67
N TRP B 69 -18.67 -40.18 -38.31
CA TRP B 69 -18.04 -41.09 -39.25
C TRP B 69 -18.32 -42.52 -38.83
N ASN B 70 -18.12 -43.44 -39.77
CA ASN B 70 -18.29 -44.87 -39.50
C ASN B 70 -16.93 -45.44 -39.09
N ALA B 71 -16.83 -45.89 -37.84
CA ALA B 71 -15.56 -46.40 -37.35
C ALA B 71 -15.11 -47.65 -38.09
N SER B 72 -16.06 -48.42 -38.62
CA SER B 72 -15.72 -49.65 -39.32
C SER B 72 -14.96 -49.36 -40.61
N GLU B 73 -15.38 -48.32 -41.35
CA GLU B 73 -14.74 -48.01 -42.64
C GLU B 73 -13.27 -47.66 -42.44
N TYR B 74 -12.97 -46.83 -41.45
CA TYR B 74 -11.60 -46.58 -41.05
C TYR B 74 -11.16 -47.67 -40.08
N SER B 75 -9.96 -47.52 -39.52
CA SER B 75 -9.63 -48.33 -38.37
C SER B 75 -10.57 -47.97 -37.22
N ASP B 76 -10.64 -48.84 -36.22
CA ASP B 76 -11.64 -48.63 -35.19
C ASP B 76 -11.27 -47.44 -34.31
N ILE B 77 -11.39 -46.25 -34.87
CA ILE B 77 -11.09 -45.01 -34.15
C ILE B 77 -12.34 -44.58 -33.43
N SER B 78 -12.33 -44.69 -32.10
CA SER B 78 -13.51 -44.39 -31.29
C SER B 78 -13.45 -43.01 -30.65
N ILE B 79 -12.43 -42.21 -30.94
CA ILE B 79 -12.33 -40.86 -30.38
C ILE B 79 -11.33 -40.10 -31.24
N LEU B 80 -11.47 -38.77 -31.25
CA LEU B 80 -10.63 -37.93 -32.08
C LEU B 80 -10.37 -36.61 -31.35
N ARG B 81 -9.18 -36.07 -31.53
CA ARG B 81 -8.80 -34.81 -30.91
C ARG B 81 -8.64 -33.74 -31.98
N LEU B 82 -9.37 -32.63 -31.84
CA LEU B 82 -9.30 -31.59 -32.83
C LEU B 82 -9.06 -30.24 -32.16
N PRO B 83 -8.23 -29.39 -32.74
CA PRO B 83 -8.03 -28.06 -32.15
C PRO B 83 -9.32 -27.25 -32.22
N PRO B 84 -9.62 -26.47 -31.19
CA PRO B 84 -10.91 -25.75 -31.17
C PRO B 84 -11.04 -24.74 -32.29
N GLU B 85 -9.94 -24.21 -32.82
CA GLU B 85 -10.02 -23.26 -33.92
C GLU B 85 -10.27 -23.93 -35.26
N LEU B 86 -10.60 -25.22 -35.27
CA LEU B 86 -10.95 -25.91 -36.51
C LEU B 86 -12.40 -26.36 -36.56
N VAL B 87 -13.11 -26.37 -35.43
CA VAL B 87 -14.49 -26.83 -35.37
C VAL B 87 -15.32 -25.78 -34.66
N TRP B 88 -16.62 -25.79 -34.96
CA TRP B 88 -17.53 -24.86 -34.31
C TRP B 88 -17.61 -25.13 -32.82
N ILE B 89 -17.46 -24.08 -32.02
CA ILE B 89 -17.58 -24.20 -30.57
C ILE B 89 -18.53 -23.11 -30.07
N PRO B 90 -19.39 -23.41 -29.09
CA PRO B 90 -20.27 -22.38 -28.55
C PRO B 90 -19.49 -21.41 -27.69
N ASP B 91 -19.82 -20.12 -27.81
CA ASP B 91 -19.12 -19.07 -27.10
C ASP B 91 -19.89 -18.73 -25.82
N ILE B 92 -19.76 -19.61 -24.84
CA ILE B 92 -20.31 -19.35 -23.51
C ILE B 92 -19.35 -18.43 -22.78
N VAL B 93 -19.87 -17.29 -22.31
CA VAL B 93 -19.04 -16.26 -21.70
C VAL B 93 -19.52 -16.00 -20.29
N LEU B 94 -18.57 -15.81 -19.38
CA LEU B 94 -18.86 -15.38 -18.02
C LEU B 94 -19.26 -13.92 -18.06
N GLN B 95 -20.54 -13.64 -17.82
CA GLN B 95 -21.04 -12.29 -18.06
C GLN B 95 -20.65 -11.32 -16.95
N ASN B 96 -20.43 -11.80 -15.73
CA ASN B 96 -20.20 -10.93 -14.58
C ASN B 96 -18.74 -10.89 -14.16
N ASN B 97 -17.82 -10.87 -15.12
CA ASN B 97 -16.39 -10.83 -14.80
C ASN B 97 -15.92 -9.40 -14.56
N ASN B 98 -15.01 -9.23 -13.60
CA ASN B 98 -14.47 -7.91 -13.30
C ASN B 98 -13.54 -7.43 -14.40
N ASP B 99 -12.62 -8.28 -14.85
CA ASP B 99 -11.68 -7.90 -15.88
C ASP B 99 -12.21 -8.27 -17.26
N GLY B 100 -11.40 -8.08 -18.28
CA GLY B 100 -11.82 -8.31 -19.64
C GLY B 100 -11.78 -9.74 -20.10
N GLN B 101 -11.47 -10.68 -19.22
CA GLN B 101 -11.35 -12.09 -19.60
C GLN B 101 -12.73 -12.72 -19.54
N TYR B 102 -13.34 -12.92 -20.70
CA TYR B 102 -14.64 -13.56 -20.80
C TYR B 102 -14.52 -15.06 -21.06
N HIS B 103 -13.71 -15.43 -22.05
CA HIS B 103 -13.62 -16.82 -22.48
C HIS B 103 -12.72 -17.60 -21.54
N VAL B 104 -12.37 -18.81 -21.94
CA VAL B 104 -11.42 -19.63 -21.20
C VAL B 104 -10.00 -19.23 -21.59
N ALA B 105 -9.08 -19.33 -20.61
CA ALA B 105 -7.70 -18.92 -20.85
C ALA B 105 -7.04 -19.82 -21.89
N TYR B 106 -7.19 -21.12 -21.74
CA TYR B 106 -6.49 -22.10 -22.57
C TYR B 106 -7.49 -22.81 -23.47
N PHE B 107 -7.22 -22.80 -24.77
CA PHE B 107 -8.12 -23.40 -25.77
C PHE B 107 -7.62 -24.81 -26.07
N CYS B 108 -7.94 -25.74 -25.16
CA CYS B 108 -7.50 -27.11 -25.34
C CYS B 108 -8.29 -27.77 -26.46
N ASN B 109 -7.82 -28.95 -26.87
CA ASN B 109 -8.48 -29.68 -27.94
C ASN B 109 -9.88 -30.13 -27.52
N VAL B 110 -10.68 -30.47 -28.51
CA VAL B 110 -12.02 -31.00 -28.31
C VAL B 110 -12.01 -32.48 -28.68
N LEU B 111 -12.70 -33.28 -27.88
CA LEU B 111 -12.85 -34.70 -28.16
C LEU B 111 -14.11 -34.91 -28.98
N VAL B 112 -14.00 -35.76 -30.00
CA VAL B 112 -15.11 -36.05 -30.91
C VAL B 112 -15.28 -37.55 -30.98
N ARG B 113 -16.47 -38.03 -30.59
CA ARG B 113 -16.81 -39.43 -30.73
C ARG B 113 -17.33 -39.70 -32.14
N PRO B 114 -17.34 -40.96 -32.58
CA PRO B 114 -17.83 -41.25 -33.93
C PRO B 114 -19.30 -40.94 -34.14
N ASN B 115 -20.07 -40.72 -33.08
CA ASN B 115 -21.49 -40.42 -33.21
C ASN B 115 -21.77 -38.93 -33.19
N GLY B 116 -20.74 -38.09 -33.27
CA GLY B 116 -20.91 -36.65 -33.31
C GLY B 116 -20.85 -35.96 -31.97
N TYR B 117 -20.75 -36.69 -30.87
CA TYR B 117 -20.73 -36.09 -29.55
C TYR B 117 -19.41 -35.40 -29.30
N VAL B 118 -19.42 -34.08 -29.21
CA VAL B 118 -18.22 -33.29 -28.98
C VAL B 118 -18.17 -32.88 -27.52
N THR B 119 -17.01 -33.06 -26.91
CA THR B 119 -16.76 -32.67 -25.52
C THR B 119 -15.59 -31.71 -25.51
N TRP B 120 -15.62 -30.75 -24.59
CA TRP B 120 -14.56 -29.75 -24.50
C TRP B 120 -14.39 -29.35 -23.04
N LEU B 121 -13.19 -29.54 -22.50
CA LEU B 121 -12.94 -29.26 -21.08
C LEU B 121 -11.75 -28.32 -20.96
N PRO B 122 -11.95 -27.04 -21.20
CA PRO B 122 -10.87 -26.08 -21.04
C PRO B 122 -10.78 -25.59 -19.61
N PRO B 123 -9.57 -25.41 -19.10
CA PRO B 123 -9.39 -24.75 -17.81
C PRO B 123 -9.46 -23.24 -17.95
N ALA B 124 -9.76 -22.59 -16.84
CA ALA B 124 -9.96 -21.15 -16.85
C ALA B 124 -9.73 -20.58 -15.46
N ILE B 125 -9.14 -19.40 -15.41
CA ILE B 125 -9.06 -18.60 -14.19
C ILE B 125 -10.10 -17.50 -14.34
N PHE B 126 -11.17 -17.58 -13.56
CA PHE B 126 -12.28 -16.65 -13.67
C PHE B 126 -12.23 -15.67 -12.51
N ARG B 127 -12.21 -14.38 -12.83
CA ARG B 127 -12.30 -13.33 -11.82
C ARG B 127 -13.71 -12.76 -11.88
N SER B 128 -14.64 -13.45 -11.21
CA SER B 128 -16.01 -13.00 -11.25
C SER B 128 -16.26 -11.92 -10.21
N SER B 129 -17.39 -11.23 -10.35
CA SER B 129 -17.76 -10.15 -9.47
C SER B 129 -18.72 -10.69 -8.42
N CYS B 130 -18.32 -10.64 -7.16
CA CYS B 130 -19.11 -11.17 -6.05
C CYS B 130 -19.42 -10.06 -5.07
N PRO B 131 -20.65 -9.54 -5.05
CA PRO B 131 -21.01 -8.53 -4.05
C PRO B 131 -20.84 -9.08 -2.65
N ILE B 132 -20.26 -8.27 -1.76
CA ILE B 132 -19.83 -8.70 -0.44
C ILE B 132 -20.77 -8.13 0.60
N ASN B 133 -21.31 -9.01 1.44
CA ASN B 133 -22.14 -8.63 2.57
C ASN B 133 -21.23 -8.56 3.80
N VAL B 134 -20.94 -7.34 4.24
CA VAL B 134 -20.01 -7.13 5.36
C VAL B 134 -20.74 -6.99 6.68
N LEU B 135 -22.01 -7.38 6.75
CA LEU B 135 -22.81 -7.14 7.95
C LEU B 135 -22.25 -7.88 9.16
N TYR B 136 -21.84 -9.13 8.98
CA TYR B 136 -21.40 -9.96 10.09
C TYR B 136 -19.91 -10.24 10.08
N PHE B 137 -19.12 -9.38 9.43
CA PHE B 137 -17.68 -9.56 9.41
C PHE B 137 -17.14 -9.53 10.84
N PRO B 138 -16.22 -10.44 11.20
CA PRO B 138 -15.58 -11.48 10.38
C PRO B 138 -16.25 -12.85 10.43
N PHE B 139 -17.46 -12.95 10.99
CA PHE B 139 -18.19 -14.21 11.05
C PHE B 139 -19.12 -14.40 9.86
N ASP B 140 -18.92 -13.63 8.79
CA ASP B 140 -19.86 -13.57 7.69
C ASP B 140 -19.71 -14.76 6.74
N TRP B 141 -20.74 -14.99 5.94
CA TRP B 141 -20.72 -15.94 4.86
C TRP B 141 -21.15 -15.23 3.58
N GLN B 142 -20.42 -15.43 2.51
CA GLN B 142 -20.68 -14.78 1.24
C GLN B 142 -21.38 -15.74 0.29
N ASN B 143 -22.04 -15.15 -0.72
CA ASN B 143 -22.82 -15.90 -1.71
C ASN B 143 -22.41 -15.36 -3.07
N CYS B 144 -21.39 -15.97 -3.67
CA CYS B 144 -20.92 -15.53 -4.97
C CYS B 144 -21.58 -16.36 -6.07
N SER B 145 -21.41 -15.93 -7.31
CA SER B 145 -22.05 -16.61 -8.42
C SER B 145 -21.26 -16.41 -9.69
N LEU B 146 -21.17 -17.46 -10.50
CA LEU B 146 -20.60 -17.41 -11.84
C LEU B 146 -21.74 -17.57 -12.83
N LYS B 147 -22.03 -16.52 -13.59
CA LYS B 147 -23.19 -16.47 -14.48
C LYS B 147 -22.70 -16.59 -15.93
N PHE B 148 -22.97 -17.73 -16.55
CA PHE B 148 -22.52 -17.99 -17.91
C PHE B 148 -23.69 -17.81 -18.87
N THR B 149 -23.49 -16.97 -19.89
CA THR B 149 -24.50 -16.71 -20.90
C THR B 149 -23.92 -16.95 -22.27
N ALA B 150 -24.79 -17.32 -23.22
CA ALA B 150 -24.40 -17.49 -24.61
C ALA B 150 -24.82 -16.25 -25.37
N LEU B 151 -23.84 -15.48 -25.84
CA LEU B 151 -24.10 -14.23 -26.53
C LEU B 151 -24.02 -14.34 -28.04
N ASN B 152 -23.25 -15.29 -28.57
CA ASN B 152 -23.12 -15.44 -30.01
C ASN B 152 -24.41 -15.90 -30.66
N TYR B 153 -25.32 -16.51 -29.91
CA TYR B 153 -26.59 -16.99 -30.44
C TYR B 153 -27.69 -16.74 -29.42
N ASP B 154 -28.92 -16.78 -29.89
CA ASP B 154 -30.09 -16.62 -29.04
C ASP B 154 -30.68 -17.99 -28.71
N ALA B 155 -31.67 -17.99 -27.81
CA ALA B 155 -32.26 -19.23 -27.35
C ALA B 155 -33.04 -19.96 -28.43
N ASN B 156 -33.35 -19.32 -29.55
CA ASN B 156 -33.97 -20.02 -30.65
C ASN B 156 -32.97 -20.82 -31.48
N GLU B 157 -31.68 -20.63 -31.27
CA GLU B 157 -30.66 -21.34 -32.03
C GLU B 157 -29.84 -22.29 -31.18
N ILE B 158 -29.46 -21.91 -29.96
CA ILE B 158 -28.80 -22.83 -29.04
C ILE B 158 -29.47 -22.73 -27.68
N THR B 159 -29.60 -23.87 -27.02
CA THR B 159 -30.21 -23.98 -25.70
C THR B 159 -29.14 -24.42 -24.71
N MET B 160 -28.78 -23.53 -23.80
CA MET B 160 -27.91 -23.88 -22.69
C MET B 160 -28.62 -24.89 -21.79
N ASP B 161 -27.84 -25.74 -21.13
CA ASP B 161 -28.40 -26.77 -20.28
C ASP B 161 -27.41 -27.10 -19.17
N LEU B 162 -27.75 -28.12 -18.38
CA LEU B 162 -26.87 -28.66 -17.36
C LEU B 162 -26.55 -30.09 -17.70
N MET B 163 -25.28 -30.47 -17.54
CA MET B 163 -24.84 -31.81 -17.90
C MET B 163 -25.62 -32.86 -17.13
N THR B 164 -26.00 -33.93 -17.83
CA THR B 164 -26.73 -35.04 -17.25
C THR B 164 -25.78 -36.20 -16.98
N ASP B 165 -25.99 -36.88 -15.86
CA ASP B 165 -25.17 -38.01 -15.48
C ASP B 165 -26.08 -39.20 -15.20
N THR B 166 -25.56 -40.40 -15.43
CA THR B 166 -26.33 -41.63 -15.28
C THR B 166 -25.68 -42.51 -14.23
N ILE B 167 -26.49 -43.03 -13.31
CA ILE B 167 -26.03 -43.91 -12.25
C ILE B 167 -26.72 -45.27 -12.30
N ASP B 168 -28.03 -45.30 -12.48
CA ASP B 168 -28.80 -46.54 -12.52
C ASP B 168 -29.77 -46.52 -13.70
N GLY B 169 -29.28 -46.09 -14.86
CA GLY B 169 -30.08 -46.08 -16.06
C GLY B 169 -30.95 -44.85 -16.25
N LYS B 170 -31.14 -44.04 -15.21
CA LYS B 170 -31.88 -42.79 -15.32
C LYS B 170 -30.89 -41.62 -15.25
N ASP B 171 -31.11 -40.63 -16.11
CA ASP B 171 -30.25 -39.47 -16.16
C ASP B 171 -30.75 -38.40 -15.20
N TYR B 172 -29.86 -37.93 -14.35
CA TYR B 172 -30.13 -36.81 -13.47
C TYR B 172 -29.25 -35.63 -13.87
N PRO B 173 -29.80 -34.44 -14.02
CA PRO B 173 -28.95 -33.28 -14.32
C PRO B 173 -28.05 -32.95 -13.14
N ILE B 174 -26.87 -32.43 -13.46
CA ILE B 174 -25.89 -32.06 -12.46
C ILE B 174 -26.20 -30.63 -12.03
N GLU B 175 -26.89 -30.47 -10.91
CA GLU B 175 -27.27 -29.16 -10.40
C GLU B 175 -26.25 -28.59 -9.43
N TRP B 176 -24.99 -29.01 -9.50
CA TRP B 176 -24.01 -28.52 -8.55
C TRP B 176 -22.64 -28.42 -9.22
N ILE B 177 -21.80 -27.58 -8.64
CA ILE B 177 -20.40 -27.52 -9.07
C ILE B 177 -19.72 -28.82 -8.66
N ILE B 178 -19.03 -29.44 -9.60
CA ILE B 178 -18.31 -30.67 -9.31
C ILE B 178 -16.99 -30.32 -8.61
N ILE B 179 -16.77 -30.92 -7.45
CA ILE B 179 -15.51 -30.75 -6.72
C ILE B 179 -14.94 -32.13 -6.46
N ASP B 180 -13.75 -32.38 -6.97
CA ASP B 180 -13.08 -33.65 -6.72
C ASP B 180 -12.55 -33.67 -5.30
N PRO B 181 -12.90 -34.68 -4.49
CA PRO B 181 -12.53 -34.63 -3.07
C PRO B 181 -11.02 -34.60 -2.82
N GLU B 182 -10.24 -35.21 -3.70
CA GLU B 182 -8.79 -35.27 -3.49
C GLU B 182 -8.05 -34.15 -4.22
N ALA B 183 -8.35 -33.93 -5.50
CA ALA B 183 -7.64 -32.92 -6.26
C ALA B 183 -7.88 -31.52 -5.72
N PHE B 184 -9.03 -31.29 -5.09
CA PHE B 184 -9.37 -29.98 -4.58
C PHE B 184 -8.67 -29.72 -3.26
N THR B 185 -7.94 -28.61 -3.18
CA THR B 185 -7.25 -28.21 -1.96
C THR B 185 -8.14 -27.21 -1.22
N GLU B 186 -8.66 -27.62 -0.07
CA GLU B 186 -9.56 -26.77 0.68
C GLU B 186 -8.89 -25.45 1.02
N ASN B 187 -9.56 -24.35 0.72
CA ASN B 187 -8.99 -23.03 0.97
C ASN B 187 -8.85 -22.80 2.46
N GLY B 188 -7.80 -22.07 2.82
CA GLY B 188 -7.54 -21.82 4.23
C GLY B 188 -8.60 -20.94 4.88
N GLU B 189 -9.03 -19.89 4.19
CA GLU B 189 -9.90 -18.90 4.80
C GLU B 189 -11.38 -19.19 4.59
N TRP B 190 -11.76 -19.80 3.47
CA TRP B 190 -13.16 -20.00 3.13
C TRP B 190 -13.45 -21.48 2.95
N GLU B 191 -14.62 -21.91 3.40
CA GLU B 191 -15.10 -23.27 3.13
C GLU B 191 -16.45 -23.20 2.43
N ILE B 192 -16.68 -24.12 1.50
CA ILE B 192 -17.87 -24.13 0.69
C ILE B 192 -18.97 -24.90 1.41
N ILE B 193 -20.09 -24.23 1.68
CA ILE B 193 -21.22 -24.88 2.33
C ILE B 193 -22.22 -25.40 1.31
N HIS B 194 -22.60 -24.56 0.36
CA HIS B 194 -23.53 -24.94 -0.70
C HIS B 194 -22.96 -24.51 -2.04
N LYS B 195 -23.10 -25.38 -3.04
CA LYS B 195 -22.61 -25.11 -4.39
C LYS B 195 -23.67 -25.53 -5.41
N PRO B 196 -24.80 -24.83 -5.45
CA PRO B 196 -25.84 -25.20 -6.41
C PRO B 196 -25.58 -24.62 -7.79
N ALA B 197 -26.16 -25.27 -8.80
CA ALA B 197 -26.08 -24.83 -10.18
C ALA B 197 -27.49 -24.78 -10.74
N LYS B 198 -27.91 -23.62 -11.24
CA LYS B 198 -29.28 -23.43 -11.68
C LYS B 198 -29.30 -22.82 -13.08
N LYS B 199 -30.23 -23.30 -13.91
CA LYS B 199 -30.45 -22.76 -15.24
C LYS B 199 -31.62 -21.78 -15.16
N ASN B 200 -31.32 -20.50 -15.32
CA ASN B 200 -32.36 -19.48 -15.25
C ASN B 200 -32.86 -19.12 -16.64
N ILE B 201 -34.18 -18.97 -16.74
CA ILE B 201 -34.85 -18.49 -17.93
C ILE B 201 -35.62 -17.25 -17.55
N TYR B 202 -35.53 -16.20 -18.37
CA TYR B 202 -36.16 -14.93 -18.04
C TYR B 202 -37.40 -14.75 -18.89
N PRO B 203 -38.61 -14.92 -18.34
CA PRO B 203 -39.82 -14.89 -19.17
C PRO B 203 -40.17 -13.51 -19.68
N ASP B 204 -39.67 -12.45 -19.08
CA ASP B 204 -39.99 -11.09 -19.50
C ASP B 204 -39.21 -10.64 -20.72
N LYS B 205 -38.42 -11.54 -21.34
CA LYS B 205 -37.67 -11.22 -22.53
C LYS B 205 -37.92 -12.31 -23.57
N PHE B 206 -37.75 -11.94 -24.83
CA PHE B 206 -38.07 -12.83 -25.93
C PHE B 206 -36.94 -13.80 -26.20
N PRO B 207 -37.25 -14.97 -26.77
CA PRO B 207 -36.18 -15.92 -27.12
C PRO B 207 -35.20 -15.35 -28.14
N ASN B 208 -35.64 -14.44 -29.00
CA ASN B 208 -34.74 -13.84 -29.98
C ASN B 208 -33.59 -13.09 -29.31
N GLY B 209 -33.81 -12.58 -28.10
CA GLY B 209 -32.73 -11.91 -27.39
C GLY B 209 -31.68 -12.88 -26.90
N THR B 210 -30.48 -12.37 -26.73
CA THR B 210 -29.39 -13.16 -26.18
C THR B 210 -29.39 -13.21 -24.66
N ASN B 211 -30.34 -12.52 -24.02
CA ASN B 211 -30.45 -12.48 -22.57
C ASN B 211 -31.70 -13.19 -22.07
N TYR B 212 -32.14 -14.23 -22.78
CA TYR B 212 -33.32 -14.98 -22.41
C TYR B 212 -33.01 -16.15 -21.49
N GLN B 213 -31.73 -16.50 -21.31
CA GLN B 213 -31.37 -17.68 -20.54
C GLN B 213 -29.94 -17.51 -20.04
N ASP B 214 -29.60 -18.33 -19.05
CA ASP B 214 -28.21 -18.42 -18.58
C ASP B 214 -28.10 -19.59 -17.62
N VAL B 215 -26.85 -19.95 -17.32
CA VAL B 215 -26.56 -21.00 -16.34
C VAL B 215 -25.68 -20.37 -15.27
N THR B 216 -26.15 -20.34 -14.04
CA THR B 216 -25.42 -19.73 -12.95
C THR B 216 -25.02 -20.77 -11.93
N PHE B 217 -23.74 -20.80 -11.59
CA PHE B 217 -23.19 -21.68 -10.57
C PHE B 217 -22.95 -20.83 -9.33
N TYR B 218 -23.81 -21.02 -8.33
CA TYR B 218 -23.66 -20.29 -7.08
C TYR B 218 -22.64 -20.97 -6.18
N LEU B 219 -22.12 -20.19 -5.24
CA LEU B 219 -21.07 -20.68 -4.35
C LEU B 219 -21.25 -19.93 -3.03
N ILE B 220 -21.90 -20.60 -2.08
CA ILE B 220 -22.05 -20.08 -0.74
C ILE B 220 -20.86 -20.54 0.09
N ILE B 221 -20.07 -19.59 0.56
CA ILE B 221 -18.83 -19.90 1.27
C ILE B 221 -18.82 -19.18 2.60
N ARG B 222 -18.47 -19.90 3.65
CA ARG B 222 -18.36 -19.33 4.99
C ARG B 222 -16.91 -19.10 5.33
N ARG B 223 -16.63 -17.95 5.94
CA ARG B 223 -15.29 -17.62 6.39
C ARG B 223 -14.97 -18.33 7.69
N LYS B 224 -13.73 -18.81 7.80
CA LYS B 224 -13.27 -19.31 9.08
C LYS B 224 -12.80 -18.13 9.93
N PRO B 225 -13.45 -17.85 11.06
CA PRO B 225 -13.14 -16.63 11.81
C PRO B 225 -12.00 -16.75 12.81
N LEU B 226 -11.31 -17.89 12.86
CA LEU B 226 -10.26 -18.08 13.85
C LEU B 226 -9.17 -17.02 13.73
N PHE B 227 -8.77 -16.70 12.51
CA PHE B 227 -7.66 -15.79 12.29
C PHE B 227 -7.97 -14.40 12.83
N TYR B 228 -9.11 -13.84 12.44
CA TYR B 228 -9.48 -12.51 12.92
C TYR B 228 -9.80 -12.50 14.40
N VAL B 229 -10.43 -13.56 14.91
CA VAL B 229 -10.75 -13.62 16.33
C VAL B 229 -9.47 -13.61 17.16
N ILE B 230 -8.47 -14.39 16.74
CA ILE B 230 -7.22 -14.45 17.49
C ILE B 230 -6.44 -13.16 17.35
N ASN B 231 -6.38 -12.60 16.14
CA ASN B 231 -5.43 -11.52 15.86
C ASN B 231 -6.06 -10.13 15.83
N PHE B 232 -7.37 -10.02 15.82
CA PHE B 232 -7.96 -8.68 15.77
C PHE B 232 -8.98 -8.43 16.87
N ILE B 233 -9.76 -9.44 17.25
CA ILE B 233 -10.81 -9.22 18.24
C ILE B 233 -10.28 -9.32 19.66
N THR B 234 -9.43 -10.31 19.95
CA THR B 234 -8.90 -10.46 21.30
C THR B 234 -8.09 -9.25 21.77
N PRO B 235 -7.11 -8.75 21.01
CA PRO B 235 -6.40 -7.54 21.48
C PRO B 235 -7.32 -6.35 21.67
N CYS B 236 -8.29 -6.17 20.77
CA CYS B 236 -9.22 -5.06 20.91
C CYS B 236 -10.04 -5.19 22.18
N VAL B 237 -10.53 -6.38 22.47
CA VAL B 237 -11.34 -6.58 23.68
C VAL B 237 -10.52 -6.32 24.93
N LEU B 238 -9.29 -6.84 24.97
CA LEU B 238 -8.48 -6.65 26.17
C LEU B 238 -8.11 -5.19 26.38
N ILE B 239 -7.70 -4.50 25.31
CA ILE B 239 -7.37 -3.09 25.44
C ILE B 239 -8.60 -2.29 25.83
N SER B 240 -9.77 -2.67 25.35
CA SER B 240 -11.00 -2.00 25.77
C SER B 240 -11.25 -2.20 27.26
N PHE B 241 -11.04 -3.42 27.76
CA PHE B 241 -11.25 -3.67 29.18
C PHE B 241 -10.29 -2.85 30.04
N LEU B 242 -9.11 -2.57 29.52
CA LEU B 242 -8.20 -1.69 30.25
C LEU B 242 -8.81 -0.32 30.51
N ALA B 243 -9.67 0.16 29.62
CA ALA B 243 -10.34 1.44 29.84
C ALA B 243 -11.21 1.40 31.09
N SER B 244 -12.06 0.39 31.19
CA SER B 244 -12.90 0.25 32.38
C SER B 244 -12.06 0.02 33.62
N LEU B 245 -10.89 -0.62 33.47
CA LEU B 245 -10.01 -0.79 34.62
C LEU B 245 -9.36 0.52 35.04
N ALA B 246 -9.25 1.48 34.12
CA ALA B 246 -8.63 2.76 34.46
C ALA B 246 -9.39 3.51 35.55
N PHE B 247 -10.64 3.13 35.84
CA PHE B 247 -11.38 3.77 36.91
C PHE B 247 -10.80 3.49 38.28
N TYR B 248 -9.95 2.49 38.40
CA TYR B 248 -9.43 2.04 39.69
C TYR B 248 -8.17 2.78 40.11
N LEU B 249 -7.67 3.69 39.27
CA LEU B 249 -6.47 4.46 39.60
C LEU B 249 -6.84 5.67 40.45
N PRO B 250 -6.03 5.97 41.47
CA PRO B 250 -6.31 7.14 42.30
C PRO B 250 -6.01 8.44 41.56
N ALA B 251 -6.63 9.51 42.03
CA ALA B 251 -6.41 10.82 41.42
C ALA B 251 -4.99 11.32 41.66
N GLU B 252 -4.41 11.02 42.81
CA GLU B 252 -3.04 11.44 43.07
C GLU B 252 -2.03 10.74 42.17
N SER B 253 -2.42 9.61 41.56
CA SER B 253 -1.50 8.89 40.68
C SER B 253 -1.10 9.73 39.48
N GLY B 254 -2.02 10.50 38.94
CA GLY B 254 -1.71 11.31 37.77
C GLY B 254 -1.60 10.52 36.49
N GLU B 255 -2.34 9.40 36.38
CA GLU B 255 -2.28 8.60 35.17
C GLU B 255 -3.65 8.09 34.72
N LYS B 256 -4.75 8.59 35.27
CA LYS B 256 -6.07 8.18 34.81
C LYS B 256 -6.29 8.59 33.36
N MET B 257 -6.09 9.88 33.07
CA MET B 257 -6.33 10.38 31.73
C MET B 257 -5.40 9.74 30.72
N SER B 258 -4.14 9.54 31.08
CA SER B 258 -3.20 8.92 30.15
C SER B 258 -3.67 7.52 29.76
N THR B 259 -4.09 6.73 30.75
CA THR B 259 -4.56 5.37 30.47
C THR B 259 -5.79 5.38 29.58
N ALA B 260 -6.79 6.18 29.94
CA ALA B 260 -8.03 6.19 29.16
C ALA B 260 -7.78 6.68 27.74
N ILE B 261 -6.97 7.73 27.58
CA ILE B 261 -6.69 8.28 26.27
C ILE B 261 -5.90 7.28 25.42
N SER B 262 -4.95 6.58 26.03
CA SER B 262 -4.19 5.58 25.30
C SER B 262 -5.09 4.45 24.82
N VAL B 263 -6.04 4.03 25.66
CA VAL B 263 -6.98 3.01 25.23
C VAL B 263 -7.82 3.53 24.05
N LEU B 264 -8.25 4.79 24.13
CA LEU B 264 -9.04 5.34 23.03
C LEU B 264 -8.25 5.38 21.74
N LEU B 265 -6.98 5.79 21.81
CA LEU B 265 -6.15 5.83 20.60
C LEU B 265 -5.92 4.45 20.03
N ALA B 266 -5.71 3.45 20.90
CA ALA B 266 -5.57 2.08 20.42
C ALA B 266 -6.83 1.61 19.71
N GLN B 267 -8.00 1.94 20.28
CA GLN B 267 -9.25 1.55 19.62
C GLN B 267 -9.41 2.26 18.29
N ALA B 268 -9.00 3.52 18.20
CA ALA B 268 -9.07 4.24 16.94
C ALA B 268 -8.18 3.61 15.88
N VAL B 269 -6.97 3.19 16.28
CA VAL B 269 -6.07 2.52 15.34
C VAL B 269 -6.68 1.20 14.87
N PHE B 270 -7.28 0.45 15.79
CA PHE B 270 -7.92 -0.80 15.40
C PHE B 270 -9.07 -0.55 14.43
N LEU B 271 -9.86 0.50 14.68
CA LEU B 271 -10.95 0.84 13.76
C LEU B 271 -10.42 1.20 12.38
N LEU B 272 -9.33 1.97 12.33
CA LEU B 272 -8.75 2.32 11.03
C LEU B 272 -8.28 1.08 10.29
N LEU B 273 -7.61 0.17 10.98
CA LEU B 273 -7.15 -1.05 10.33
C LEU B 273 -8.32 -1.90 9.84
N THR B 274 -9.39 -1.99 10.64
CA THR B 274 -10.58 -2.70 10.19
C THR B 274 -11.16 -2.04 8.94
N SER B 275 -11.15 -0.71 8.90
CA SER B 275 -11.61 0.01 7.72
C SER B 275 -10.80 -0.35 6.49
N GLN B 276 -9.48 -0.49 6.66
CA GLN B 276 -8.62 -0.81 5.52
C GLN B 276 -8.96 -2.16 4.90
N ARG B 277 -9.53 -3.08 5.68
CA ARG B 277 -9.69 -4.46 5.25
C ARG B 277 -11.04 -4.75 4.61
N LEU B 278 -11.90 -3.75 4.43
CA LEU B 278 -13.24 -4.01 3.95
C LEU B 278 -13.57 -3.10 2.77
N PRO B 279 -14.47 -3.52 1.90
CA PRO B 279 -14.89 -2.64 0.80
C PRO B 279 -15.64 -1.43 1.34
N GLU B 280 -15.52 -0.32 0.61
CA GLU B 280 -16.13 0.93 1.02
C GLU B 280 -17.60 0.98 0.59
N THR B 281 -18.34 -0.04 1.00
CA THR B 281 -19.76 -0.14 0.71
C THR B 281 -20.57 0.42 1.88
N ALA B 282 -21.75 0.92 1.57
CA ALA B 282 -22.61 1.58 2.55
C ALA B 282 -23.91 0.83 2.80
N LEU B 283 -23.96 -0.45 2.44
CA LEU B 283 -25.16 -1.23 2.76
C LEU B 283 -25.33 -1.40 4.26
N ALA B 284 -24.24 -1.68 4.98
CA ALA B 284 -24.34 -1.89 6.41
C ALA B 284 -22.98 -1.67 7.04
N VAL B 285 -23.00 -1.40 8.35
CA VAL B 285 -21.79 -1.25 9.14
C VAL B 285 -21.39 -2.64 9.63
N PRO B 286 -20.14 -3.05 9.47
CA PRO B 286 -19.75 -4.40 9.90
C PRO B 286 -19.91 -4.59 11.39
N LEU B 287 -20.07 -5.85 11.79
CA LEU B 287 -20.25 -6.18 13.21
C LEU B 287 -19.06 -5.70 14.02
N ILE B 288 -17.84 -5.96 13.53
CA ILE B 288 -16.66 -5.45 14.20
C ILE B 288 -16.66 -3.93 14.18
N GLY B 289 -17.14 -3.34 13.10
CA GLY B 289 -17.25 -1.88 13.05
C GLY B 289 -18.23 -1.34 14.07
N LYS B 290 -19.39 -1.99 14.20
CA LYS B 290 -20.36 -1.57 15.20
C LYS B 290 -19.78 -1.70 16.60
N TYR B 291 -19.10 -2.81 16.88
CA TYR B 291 -18.50 -3.00 18.19
C TYR B 291 -17.45 -1.94 18.47
N LEU B 292 -16.62 -1.63 17.47
CA LEU B 292 -15.58 -0.62 17.66
C LEU B 292 -16.19 0.75 17.90
N MET B 293 -17.25 1.09 17.17
CA MET B 293 -17.92 2.37 17.39
C MET B 293 -18.49 2.45 18.79
N PHE B 294 -19.16 1.38 19.23
CA PHE B 294 -19.76 1.38 20.56
C PHE B 294 -18.69 1.48 21.63
N ILE B 295 -17.59 0.75 21.47
CA ILE B 295 -16.54 0.75 22.48
C ILE B 295 -15.79 2.07 22.50
N MET B 296 -15.61 2.71 21.34
CA MET B 296 -14.98 4.02 21.34
C MET B 296 -15.88 5.06 21.99
N SER B 297 -17.19 4.99 21.74
CA SER B 297 -18.11 5.89 22.43
C SER B 297 -18.05 5.68 23.94
N LEU B 298 -18.01 4.42 24.37
CA LEU B 298 -17.97 4.13 25.80
C LEU B 298 -16.65 4.59 26.41
N VAL B 299 -15.54 4.42 25.71
CA VAL B 299 -14.25 4.87 26.23
C VAL B 299 -14.19 6.39 26.26
N THR B 300 -14.82 7.07 25.31
CA THR B 300 -14.93 8.52 25.39
C THR B 300 -15.73 8.94 26.61
N GLY B 301 -16.83 8.23 26.89
CA GLY B 301 -17.55 8.47 28.12
C GLY B 301 -16.69 8.26 29.35
N VAL B 302 -15.86 7.23 29.33
CA VAL B 302 -14.94 6.97 30.43
C VAL B 302 -13.95 8.11 30.59
N ILE B 303 -13.43 8.63 29.47
CA ILE B 303 -12.48 9.74 29.52
C ILE B 303 -13.14 10.97 30.13
N VAL B 304 -14.36 11.28 29.68
CA VAL B 304 -15.07 12.44 30.20
C VAL B 304 -15.35 12.28 31.68
N ASN B 305 -15.71 11.07 32.11
CA ASN B 305 -16.07 10.89 33.51
C ASN B 305 -14.84 10.85 34.40
N CYS B 306 -13.71 10.36 33.89
CA CYS B 306 -12.46 10.50 34.62
C CYS B 306 -12.06 11.96 34.75
N GLY B 307 -12.29 12.75 33.70
CA GLY B 307 -12.06 14.19 33.81
C GLY B 307 -12.93 14.84 34.87
N ILE B 308 -14.19 14.43 34.95
CA ILE B 308 -15.08 14.94 35.98
C ILE B 308 -14.58 14.56 37.37
N VAL B 309 -14.13 13.31 37.53
CA VAL B 309 -13.60 12.87 38.83
C VAL B 309 -12.39 13.69 39.21
N LEU B 310 -11.49 13.94 38.25
CA LEU B 310 -10.30 14.74 38.53
C LEU B 310 -10.69 16.17 38.91
N ASN B 311 -11.68 16.74 38.21
CA ASN B 311 -12.13 18.07 38.57
C ASN B 311 -12.72 18.11 39.98
N PHE B 312 -13.43 17.05 40.35
CA PHE B 312 -14.01 16.98 41.70
C PHE B 312 -12.94 16.81 42.76
N HIS B 313 -11.87 16.07 42.45
CA HIS B 313 -10.87 15.76 43.47
C HIS B 313 -10.04 16.97 43.85
N PHE B 314 -9.79 17.88 42.92
CA PHE B 314 -8.85 18.98 43.15
C PHE B 314 -9.54 20.28 43.56
N ARG B 315 -10.81 20.20 43.94
CA ARG B 315 -11.49 21.39 44.44
C ARG B 315 -11.01 21.71 45.85
N THR B 316 -11.09 22.98 46.20
CA THR B 316 -10.60 23.49 47.47
C THR B 316 -11.64 24.45 48.04
N PRO B 317 -11.62 24.68 49.35
CA PRO B 317 -12.55 25.65 49.92
C PRO B 317 -12.37 27.07 49.40
N SER B 318 -11.21 27.38 48.83
CA SER B 318 -10.96 28.72 48.33
C SER B 318 -11.49 28.95 46.93
N THR B 319 -12.05 27.93 46.28
CA THR B 319 -12.61 28.11 44.94
C THR B 319 -14.02 27.54 44.86
N HIS B 320 -14.34 26.55 45.70
CA HIS B 320 -15.63 25.89 45.65
C HIS B 320 -16.15 25.71 47.07
N VAL B 321 -17.46 25.51 47.17
CA VAL B 321 -18.14 25.29 48.44
C VAL B 321 -18.82 23.93 48.40
N LEU B 322 -18.65 23.15 49.46
CA LEU B 322 -19.21 21.81 49.56
C LEU B 322 -20.61 21.92 50.17
N SER B 323 -21.62 21.90 49.32
CA SER B 323 -22.99 22.01 49.80
C SER B 323 -23.42 20.73 50.51
N THR B 324 -24.42 20.87 51.38
CA THR B 324 -24.87 19.73 52.16
C THR B 324 -25.53 18.67 51.28
N ARG B 325 -26.16 19.09 50.18
CA ARG B 325 -26.81 18.13 49.30
C ARG B 325 -25.81 17.15 48.70
N VAL B 326 -24.74 17.67 48.10
CA VAL B 326 -23.75 16.81 47.48
C VAL B 326 -23.02 16.00 48.54
N LYS B 327 -22.78 16.60 49.72
CA LYS B 327 -22.12 15.87 50.79
C LYS B 327 -22.93 14.65 51.22
N GLN B 328 -24.23 14.84 51.44
CA GLN B 328 -25.05 13.71 51.87
C GLN B 328 -25.30 12.73 50.74
N ILE B 329 -25.29 13.18 49.49
CA ILE B 329 -25.50 12.26 48.38
C ILE B 329 -24.27 11.36 48.20
N PHE B 330 -23.09 11.95 48.16
CA PHE B 330 -21.87 11.22 47.80
C PHE B 330 -21.04 10.79 49.01
N LEU B 331 -21.54 11.01 50.23
CA LEU B 331 -20.81 10.59 51.41
C LEU B 331 -21.65 9.81 52.41
N GLU B 332 -22.97 9.78 52.26
CA GLU B 332 -23.85 9.06 53.17
C GLU B 332 -24.61 7.95 52.47
N LYS B 333 -25.25 8.22 51.34
CA LYS B 333 -26.11 7.25 50.68
C LYS B 333 -25.31 6.36 49.72
N LEU B 334 -24.64 6.98 48.74
CA LEU B 334 -23.92 6.19 47.74
C LEU B 334 -22.81 5.32 48.31
N PRO B 335 -21.95 5.77 49.22
CA PRO B 335 -20.93 4.86 49.75
C PRO B 335 -21.51 3.63 50.40
N ARG B 336 -22.66 3.75 51.07
CA ARG B 336 -23.31 2.60 51.66
C ARG B 336 -23.89 1.69 50.57
N ILE B 337 -24.50 2.27 49.54
CA ILE B 337 -25.12 1.47 48.49
C ILE B 337 -24.08 0.65 47.74
N LEU B 338 -22.96 1.26 47.39
CA LEU B 338 -21.91 0.57 46.65
C LEU B 338 -21.03 -0.30 47.53
N HIS B 339 -21.35 -0.40 48.82
CA HIS B 339 -20.58 -1.21 49.78
C HIS B 339 -19.11 -0.79 49.79
N MET B 340 -18.86 0.51 49.69
CA MET B 340 -17.51 1.01 49.77
C MET B 340 -16.96 0.79 51.18
N SER B 341 -15.63 0.68 51.27
CA SER B 341 -14.98 0.47 52.55
C SER B 341 -15.27 1.62 53.50
N ARG B 342 -15.71 1.27 54.72
CA ARG B 342 -16.10 2.25 55.73
C ARG B 342 -17.12 3.24 55.20
N HIS B 416 6.77 42.31 80.99
CA HIS B 416 5.38 41.91 80.88
C HIS B 416 4.92 41.95 79.42
N ASP B 417 5.42 42.96 78.69
CA ASP B 417 5.04 43.12 77.29
C ASP B 417 5.48 41.92 76.46
N GLU B 418 6.68 41.41 76.72
CA GLU B 418 7.18 40.25 75.98
C GLU B 418 6.29 39.04 76.18
N ILE B 419 5.80 38.85 77.41
CA ILE B 419 4.92 37.71 77.70
C ILE B 419 3.63 37.81 76.89
N LYS B 420 3.03 39.00 76.86
CA LYS B 420 1.81 39.20 76.09
C LYS B 420 2.05 38.99 74.60
N SER B 421 3.17 39.50 74.09
CA SER B 421 3.50 39.29 72.68
C SER B 421 3.65 37.81 72.36
N GLY B 422 4.34 37.07 73.23
CA GLY B 422 4.51 35.64 73.00
C GLY B 422 3.19 34.89 73.05
N ILE B 423 2.33 35.25 74.00
CA ILE B 423 1.03 34.57 74.11
C ILE B 423 0.19 34.86 72.87
N ASP B 424 0.19 36.10 72.40
CA ASP B 424 -0.57 36.43 71.19
C ASP B 424 -0.02 35.69 69.99
N SER B 425 1.31 35.58 69.88
CA SER B 425 1.90 34.83 68.79
C SER B 425 1.50 33.37 68.83
N THR B 426 1.50 32.77 70.02
CA THR B 426 1.08 31.38 70.15
C THR B 426 -0.39 31.21 69.77
N ASN B 427 -1.23 32.15 70.19
CA ASN B 427 -2.65 32.08 69.82
C ASN B 427 -2.82 32.15 68.31
N TYR B 428 -2.08 33.04 67.66
CA TYR B 428 -2.16 33.15 66.21
C TYR B 428 -1.69 31.86 65.53
N ILE B 429 -0.61 31.26 66.05
CA ILE B 429 -0.11 30.01 65.49
C ILE B 429 -1.18 28.92 65.59
N VAL B 430 -1.83 28.84 66.76
CA VAL B 430 -2.87 27.84 66.95
C VAL B 430 -4.02 28.08 65.99
N LYS B 431 -4.43 29.34 65.82
CA LYS B 431 -5.54 29.64 64.93
C LYS B 431 -5.22 29.26 63.49
N GLN B 432 -4.00 29.57 63.04
CA GLN B 432 -3.62 29.20 61.68
C GLN B 432 -3.56 27.69 61.50
N ILE B 433 -3.07 26.96 62.50
CA ILE B 433 -3.03 25.51 62.36
C ILE B 433 -4.44 24.93 62.34
N LYS B 434 -5.36 25.51 63.11
CA LYS B 434 -6.74 25.05 63.08
C LYS B 434 -7.38 25.30 61.71
N GLU B 435 -7.15 26.47 61.13
CA GLU B 435 -7.69 26.73 59.80
C GLU B 435 -7.06 25.81 58.76
N LYS B 436 -5.77 25.52 58.90
CA LYS B 436 -5.12 24.56 58.00
C LYS B 436 -5.76 23.19 58.12
N ASN B 437 -6.08 22.76 59.34
CA ASN B 437 -6.71 21.47 59.54
C ASN B 437 -8.10 21.43 58.92
N ALA B 438 -8.87 22.52 59.05
CA ALA B 438 -10.19 22.56 58.42
C ALA B 438 -10.07 22.51 56.90
N TYR B 439 -9.10 23.24 56.35
CA TYR B 439 -8.86 23.22 54.91
C TYR B 439 -8.54 21.81 54.43
N ASP B 440 -7.64 21.13 55.13
CA ASP B 440 -7.28 19.77 54.74
C ASP B 440 -8.46 18.81 54.91
N GLU B 441 -9.30 19.03 55.92
CA GLU B 441 -10.49 18.19 56.08
C GLU B 441 -11.42 18.34 54.89
N GLU B 442 -11.63 19.58 54.43
CA GLU B 442 -12.47 19.78 53.24
C GLU B 442 -11.84 19.14 52.01
N VAL B 443 -10.52 19.24 51.86
CA VAL B 443 -9.86 18.62 50.72
C VAL B 443 -10.05 17.11 50.76
N GLY B 444 -9.92 16.52 51.95
CA GLY B 444 -10.16 15.09 52.08
C GLY B 444 -11.60 14.70 51.75
N ASN B 445 -12.55 15.55 52.13
CA ASN B 445 -13.94 15.28 51.77
C ASN B 445 -14.12 15.30 50.26
N TRP B 446 -13.48 16.26 49.58
CA TRP B 446 -13.54 16.28 48.12
C TRP B 446 -12.92 15.01 47.53
N ASN B 447 -11.83 14.54 48.12
CA ASN B 447 -11.22 13.29 47.68
C ASN B 447 -12.20 12.13 47.80
N LEU B 448 -12.90 12.06 48.94
CA LEU B 448 -13.87 10.98 49.12
C LEU B 448 -15.01 11.09 48.12
N VAL B 449 -15.44 12.31 47.80
CA VAL B 449 -16.47 12.49 46.79
C VAL B 449 -16.00 11.97 45.44
N GLY B 450 -14.75 12.27 45.08
CA GLY B 450 -14.22 11.76 43.82
C GLY B 450 -14.15 10.24 43.80
N GLN B 451 -13.76 9.64 44.92
CA GLN B 451 -13.74 8.17 45.01
C GLN B 451 -15.13 7.60 44.83
N THR B 452 -16.13 8.19 45.48
CA THR B 452 -17.50 7.71 45.30
C THR B 452 -17.93 7.82 43.84
N ILE B 453 -17.62 8.95 43.19
CA ILE B 453 -18.07 9.16 41.81
C ILE B 453 -17.43 8.12 40.89
N ASP B 454 -16.12 7.91 41.00
CA ASP B 454 -15.52 6.99 40.04
C ASP B 454 -15.83 5.53 40.37
N ARG B 455 -16.09 5.20 41.63
CA ARG B 455 -16.57 3.84 41.91
C ARG B 455 -17.95 3.61 41.31
N LEU B 456 -18.85 4.58 41.43
CA LEU B 456 -20.15 4.48 40.77
C LEU B 456 -19.98 4.39 39.27
N SER B 457 -19.04 5.16 38.71
CA SER B 457 -18.79 5.12 37.28
C SER B 457 -18.34 3.73 36.83
N MET B 458 -17.44 3.12 37.61
CA MET B 458 -17.01 1.76 37.27
C MET B 458 -18.19 0.80 37.29
N PHE B 459 -18.95 0.81 38.39
CA PHE B 459 -20.08 -0.12 38.48
C PHE B 459 -21.16 0.16 37.45
N ILE B 460 -21.20 1.35 36.86
CA ILE B 460 -22.16 1.61 35.80
C ILE B 460 -21.63 1.20 34.44
N ILE B 461 -20.36 1.49 34.15
CA ILE B 461 -19.84 1.34 32.79
C ILE B 461 -19.31 -0.05 32.54
N THR B 462 -18.50 -0.62 33.44
CA THR B 462 -17.92 -1.93 33.12
C THR B 462 -18.96 -3.02 32.89
N PRO B 463 -20.09 -3.10 33.61
CA PRO B 463 -21.10 -4.09 33.19
C PRO B 463 -21.64 -3.82 31.80
N VAL B 464 -21.82 -2.54 31.45
CA VAL B 464 -22.26 -2.22 30.09
C VAL B 464 -21.23 -2.67 29.07
N MET B 465 -19.95 -2.45 29.37
CA MET B 465 -18.89 -2.87 28.47
C MET B 465 -18.91 -4.38 28.26
N VAL B 466 -18.95 -5.15 29.34
CA VAL B 466 -18.87 -6.60 29.20
C VAL B 466 -20.13 -7.16 28.55
N LEU B 467 -21.31 -6.64 28.92
CA LEU B 467 -22.54 -7.11 28.27
C LEU B 467 -22.57 -6.75 26.79
N GLY B 468 -22.11 -5.55 26.43
CA GLY B 468 -22.07 -5.19 25.02
C GLY B 468 -21.13 -6.07 24.23
N THR B 469 -19.93 -6.34 24.78
CA THR B 469 -18.99 -7.21 24.10
C THR B 469 -19.57 -8.60 23.91
N ILE B 470 -20.14 -9.17 24.97
CA ILE B 470 -20.70 -10.51 24.89
C ILE B 470 -21.85 -10.55 23.91
N PHE B 471 -22.74 -9.57 23.96
CA PHE B 471 -23.91 -9.55 23.08
C PHE B 471 -23.49 -9.44 21.63
N ILE B 472 -22.56 -8.53 21.33
CA ILE B 472 -22.12 -8.35 19.94
C ILE B 472 -21.42 -9.60 19.43
N PHE B 473 -20.53 -10.18 20.23
CA PHE B 473 -19.75 -11.31 19.73
C PHE B 473 -20.44 -12.66 19.93
N VAL B 474 -21.65 -12.67 20.49
CA VAL B 474 -22.49 -13.85 20.46
C VAL B 474 -23.54 -13.76 19.36
N MET B 475 -24.11 -12.57 19.14
CA MET B 475 -25.02 -12.38 18.02
C MET B 475 -24.33 -12.66 16.70
N GLY B 476 -23.08 -12.20 16.56
CA GLY B 476 -22.33 -12.52 15.36
C GLY B 476 -22.02 -14.00 15.24
N ASN B 477 -21.75 -14.66 16.36
CA ASN B 477 -21.44 -16.08 16.33
C ASN B 477 -22.65 -16.92 15.94
N PHE B 478 -23.86 -16.43 16.20
CA PHE B 478 -25.08 -17.15 15.85
C PHE B 478 -25.55 -16.80 14.44
N ASN B 479 -24.64 -16.91 13.48
CA ASN B 479 -24.92 -16.53 12.09
C ASN B 479 -24.39 -17.64 11.19
N HIS B 480 -25.29 -18.45 10.67
CA HIS B 480 -24.95 -19.58 9.82
C HIS B 480 -25.65 -19.46 8.47
N PRO B 481 -25.10 -20.06 7.42
CA PRO B 481 -25.83 -20.16 6.17
C PRO B 481 -27.12 -20.93 6.38
N PRO B 482 -28.14 -20.63 5.59
CA PRO B 482 -29.49 -21.12 5.93
C PRO B 482 -29.70 -22.62 5.73
N ALA B 483 -28.61 -23.38 5.50
CA ALA B 483 -28.61 -24.83 5.36
C ALA B 483 -29.37 -25.29 4.12
N LYS B 484 -29.97 -24.39 3.37
CA LYS B 484 -30.62 -24.68 2.09
C LYS B 484 -30.54 -23.45 1.21
N PRO B 485 -29.84 -23.51 0.09
CA PRO B 485 -29.85 -22.40 -0.85
C PRO B 485 -31.22 -22.29 -1.50
N PHE B 486 -31.52 -21.10 -2.03
CA PHE B 486 -32.80 -20.84 -2.68
C PHE B 486 -33.95 -21.10 -1.71
N GLU B 487 -34.05 -20.19 -0.73
CA GLU B 487 -34.90 -20.32 0.46
C GLU B 487 -36.23 -21.02 0.18
N GLY B 488 -36.89 -20.69 -0.92
CA GLY B 488 -38.15 -21.32 -1.26
C GLY B 488 -38.06 -22.68 -1.92
N ASP B 489 -36.85 -23.20 -2.14
CA ASP B 489 -36.68 -24.46 -2.84
C ASP B 489 -36.35 -25.56 -1.86
N PRO B 490 -37.17 -26.61 -1.72
CA PRO B 490 -36.87 -27.66 -0.75
C PRO B 490 -35.71 -28.55 -1.15
N PHE B 491 -35.30 -28.54 -2.42
CA PHE B 491 -34.20 -29.40 -2.86
C PHE B 491 -32.90 -28.97 -2.20
N ASP B 492 -32.05 -29.96 -1.92
CA ASP B 492 -30.81 -29.72 -1.18
C ASP B 492 -29.66 -29.31 -2.07
N TYR B 493 -29.72 -29.60 -3.37
CA TYR B 493 -28.65 -29.29 -4.32
C TYR B 493 -27.31 -29.83 -3.84
N SER B 494 -27.31 -31.09 -3.43
CA SER B 494 -26.12 -31.75 -2.92
C SER B 494 -25.72 -32.89 -3.85
N SER B 495 -24.44 -33.26 -3.78
CA SER B 495 -23.90 -34.25 -4.70
C SER B 495 -24.41 -35.66 -4.41
N ASP B 496 -24.90 -35.91 -3.20
CA ASP B 496 -25.27 -37.27 -2.82
C ASP B 496 -26.70 -37.64 -3.16
N HIS B 497 -27.61 -36.66 -3.24
CA HIS B 497 -29.03 -36.91 -3.50
C HIS B 497 -29.49 -36.11 -4.70
N PRO B 498 -29.28 -36.64 -5.91
CA PRO B 498 -29.85 -36.01 -7.10
C PRO B 498 -31.36 -36.15 -7.13
N ARG B 499 -32.01 -35.23 -7.84
CA ARG B 499 -33.46 -35.28 -7.99
C ARG B 499 -33.85 -36.14 -9.19
N SER C 1 -26.08 -25.80 -41.37
CA SER C 1 -26.98 -26.25 -42.43
C SER C 1 -26.36 -26.03 -43.80
N VAL C 2 -26.84 -26.78 -44.79
CA VAL C 2 -26.32 -26.66 -46.14
C VAL C 2 -26.75 -25.34 -46.77
N MET C 3 -28.04 -24.99 -46.61
CA MET C 3 -28.55 -23.78 -47.25
C MET C 3 -27.98 -22.54 -46.60
N GLU C 4 -27.75 -22.57 -45.28
CA GLU C 4 -27.08 -21.45 -44.62
C GLU C 4 -25.66 -21.27 -45.18
N ASP C 5 -24.94 -22.37 -45.40
CA ASP C 5 -23.61 -22.27 -45.99
C ASP C 5 -23.67 -21.70 -47.40
N THR C 6 -24.64 -22.12 -48.20
CA THR C 6 -24.77 -21.58 -49.54
C THR C 6 -25.07 -20.09 -49.52
N LEU C 7 -25.96 -19.66 -48.63
CA LEU C 7 -26.28 -18.25 -48.52
C LEU C 7 -25.06 -17.45 -48.08
N LEU C 8 -24.29 -17.98 -47.13
CA LEU C 8 -23.08 -17.30 -46.69
C LEU C 8 -22.08 -17.16 -47.82
N SER C 9 -21.91 -18.23 -48.62
CA SER C 9 -21.00 -18.15 -49.74
C SER C 9 -21.45 -17.11 -50.75
N VAL C 10 -22.77 -17.04 -51.01
CA VAL C 10 -23.28 -16.07 -51.98
C VAL C 10 -23.08 -14.65 -51.47
N LEU C 11 -23.36 -14.40 -50.20
CA LEU C 11 -23.28 -13.04 -49.67
C LEU C 11 -21.86 -12.50 -49.72
N PHE C 12 -20.88 -13.30 -49.34
CA PHE C 12 -19.51 -12.84 -49.15
C PHE C 12 -18.59 -13.21 -50.30
N GLU C 13 -19.14 -13.43 -51.51
CA GLU C 13 -18.30 -13.74 -52.65
C GLU C 13 -17.40 -12.56 -53.01
N THR C 14 -17.93 -11.34 -52.95
CA THR C 14 -17.18 -10.15 -53.27
C THR C 14 -17.28 -9.08 -52.20
N TYR C 15 -17.91 -9.38 -51.07
CA TYR C 15 -18.08 -8.40 -50.00
C TYR C 15 -16.74 -8.07 -49.38
N ASN C 16 -16.42 -6.77 -49.32
CA ASN C 16 -15.15 -6.30 -48.77
C ASN C 16 -15.42 -5.54 -47.48
N PRO C 17 -15.08 -6.10 -46.32
CA PRO C 17 -15.41 -5.43 -45.05
C PRO C 17 -14.61 -4.15 -44.80
N LYS C 18 -13.70 -3.77 -45.70
CA LYS C 18 -12.96 -2.53 -45.54
C LYS C 18 -13.63 -1.36 -46.24
N VAL C 19 -14.80 -1.55 -46.81
CA VAL C 19 -15.49 -0.52 -47.58
C VAL C 19 -16.79 -0.18 -46.89
N ARG C 20 -16.99 1.11 -46.60
CA ARG C 20 -18.23 1.57 -46.01
C ARG C 20 -19.38 1.37 -46.99
N PRO C 21 -20.48 0.76 -46.57
CA PRO C 21 -21.57 0.48 -47.50
C PRO C 21 -22.38 1.71 -47.86
N ALA C 22 -22.18 2.22 -49.08
CA ALA C 22 -22.93 3.36 -49.59
C ALA C 22 -23.41 2.99 -50.99
N GLN C 23 -24.72 2.86 -51.15
CA GLN C 23 -25.26 2.43 -52.45
C GLN C 23 -24.92 3.43 -53.55
N THR C 24 -25.01 4.72 -53.24
CA THR C 24 -24.64 5.77 -54.16
C THR C 24 -23.57 6.64 -53.51
N VAL C 25 -22.63 7.13 -54.32
CA VAL C 25 -21.56 7.96 -53.79
C VAL C 25 -22.15 9.15 -53.05
N GLY C 26 -21.66 9.38 -51.82
CA GLY C 26 -22.15 10.44 -50.98
C GLY C 26 -23.24 10.03 -50.02
N ASP C 27 -23.73 8.81 -50.08
CA ASP C 27 -24.75 8.35 -49.13
C ASP C 27 -24.13 8.13 -47.76
N LYS C 28 -24.87 8.51 -46.73
CA LYS C 28 -24.43 8.29 -45.35
C LYS C 28 -24.96 6.96 -44.83
N VAL C 29 -24.35 6.48 -43.76
CA VAL C 29 -24.76 5.25 -43.11
C VAL C 29 -25.30 5.59 -41.73
N THR C 30 -26.58 5.35 -41.53
CA THR C 30 -27.20 5.63 -40.24
C THR C 30 -26.79 4.56 -39.23
N VAL C 31 -26.23 5.00 -38.11
CA VAL C 31 -25.77 4.10 -37.06
C VAL C 31 -26.46 4.49 -35.77
N ARG C 32 -27.17 3.54 -35.16
CA ARG C 32 -27.87 3.75 -33.90
C ARG C 32 -27.01 3.18 -32.79
N VAL C 33 -26.70 4.02 -31.80
CA VAL C 33 -25.81 3.67 -30.70
C VAL C 33 -26.59 3.76 -29.39
N GLY C 34 -26.53 2.70 -28.60
CA GLY C 34 -27.15 2.69 -27.29
C GLY C 34 -26.27 1.91 -26.33
N LEU C 35 -26.41 2.23 -25.05
CA LEU C 35 -25.59 1.61 -24.02
C LEU C 35 -26.46 0.85 -23.04
N THR C 36 -26.00 -0.35 -22.66
CA THR C 36 -26.63 -1.13 -21.60
C THR C 36 -25.59 -1.34 -20.52
N LEU C 37 -25.90 -0.90 -19.31
CA LEU C 37 -24.94 -0.93 -18.21
C LEU C 37 -25.23 -2.15 -17.34
N THR C 38 -24.42 -3.20 -17.47
CA THR C 38 -24.64 -4.38 -16.65
C THR C 38 -24.13 -4.18 -15.23
N ASN C 39 -23.07 -3.39 -15.05
CA ASN C 39 -22.50 -3.18 -13.73
C ASN C 39 -21.55 -1.99 -13.71
N LEU C 40 -21.74 -1.08 -12.76
CA LEU C 40 -20.82 0.03 -12.56
C LEU C 40 -19.76 -0.45 -11.58
N LEU C 41 -18.65 -0.95 -12.13
CA LEU C 41 -17.64 -1.61 -11.32
C LEU C 41 -17.00 -0.69 -10.30
N ILE C 42 -16.28 0.33 -10.76
CA ILE C 42 -15.43 1.12 -9.87
C ILE C 42 -15.50 2.58 -10.30
N LEU C 43 -15.38 3.48 -9.32
CA LEU C 43 -15.05 4.88 -9.59
C LEU C 43 -13.80 5.19 -8.77
N ASN C 44 -12.64 4.98 -9.37
CA ASN C 44 -11.37 5.25 -8.73
C ASN C 44 -11.16 6.75 -8.69
N GLU C 45 -11.35 7.34 -7.51
CA GLU C 45 -11.17 8.78 -7.34
C GLU C 45 -9.72 9.19 -7.47
N LYS C 46 -8.79 8.31 -7.08
CA LYS C 46 -7.38 8.65 -7.09
C LYS C 46 -6.90 8.96 -8.49
N ILE C 47 -7.25 8.13 -9.46
CA ILE C 47 -6.84 8.32 -10.84
C ILE C 47 -7.96 8.90 -11.69
N GLU C 48 -9.09 9.24 -11.09
CA GLU C 48 -10.23 9.84 -11.80
C GLU C 48 -10.65 8.96 -12.99
N GLU C 49 -11.11 7.76 -12.66
CA GLU C 49 -11.42 6.80 -13.70
C GLU C 49 -12.65 6.01 -13.29
N MET C 50 -13.50 5.68 -14.25
CA MET C 50 -14.70 4.90 -13.99
C MET C 50 -14.64 3.63 -14.81
N THR C 51 -14.68 2.49 -14.13
CA THR C 51 -14.67 1.19 -14.76
C THR C 51 -16.08 0.65 -14.79
N THR C 52 -16.57 0.32 -15.98
CA THR C 52 -17.93 -0.14 -16.17
C THR C 52 -17.96 -1.34 -17.11
N ASN C 53 -18.97 -2.19 -16.91
CA ASN C 53 -19.22 -3.36 -17.75
C ASN C 53 -20.46 -3.06 -18.56
N VAL C 54 -20.32 -2.97 -19.88
CA VAL C 54 -21.39 -2.49 -20.73
C VAL C 54 -21.59 -3.38 -21.94
N PHE C 55 -22.79 -3.32 -22.50
CA PHE C 55 -23.10 -3.78 -23.84
C PHE C 55 -23.27 -2.56 -24.73
N LEU C 56 -22.59 -2.55 -25.86
CA LEU C 56 -22.63 -1.41 -26.77
C LEU C 56 -23.54 -1.74 -27.95
N ASN C 57 -24.83 -1.55 -27.75
CA ASN C 57 -25.84 -1.89 -28.75
C ASN C 57 -25.68 -0.99 -29.96
N LEU C 58 -25.18 -1.53 -31.06
CA LEU C 58 -25.04 -0.80 -32.30
C LEU C 58 -25.97 -1.39 -33.36
N ALA C 59 -26.38 -0.57 -34.31
CA ALA C 59 -27.23 -1.06 -35.37
C ALA C 59 -27.15 -0.19 -36.61
N TRP C 60 -26.92 -0.79 -37.78
CA TRP C 60 -26.83 -0.02 -39.01
C TRP C 60 -27.47 -0.84 -40.13
N THR C 61 -27.30 -0.37 -41.36
CA THR C 61 -27.87 -1.02 -42.52
C THR C 61 -26.80 -1.24 -43.56
N ASP C 62 -26.73 -2.46 -44.11
CA ASP C 62 -25.75 -2.85 -45.10
C ASP C 62 -26.50 -3.37 -46.32
N TYR C 63 -26.56 -2.56 -47.37
CA TYR C 63 -27.32 -2.95 -48.55
C TYR C 63 -26.74 -4.17 -49.24
N ARG C 64 -25.46 -4.49 -48.98
CA ARG C 64 -24.85 -5.64 -49.64
C ARG C 64 -25.32 -6.95 -49.04
N LEU C 65 -25.61 -6.98 -47.74
CA LEU C 65 -26.08 -8.19 -47.07
C LEU C 65 -27.60 -8.27 -47.18
N GLN C 66 -28.07 -8.47 -48.41
CA GLN C 66 -29.49 -8.57 -48.71
C GLN C 66 -29.75 -9.83 -49.53
N TRP C 67 -30.84 -10.51 -49.21
CA TRP C 67 -31.21 -11.73 -49.94
C TRP C 67 -32.71 -11.95 -49.80
N ASP C 68 -33.23 -12.86 -50.62
CA ASP C 68 -34.64 -13.22 -50.56
C ASP C 68 -34.78 -14.48 -49.74
N PRO C 69 -35.50 -14.46 -48.61
CA PRO C 69 -35.61 -15.68 -47.80
C PRO C 69 -36.24 -16.84 -48.53
N ALA C 70 -37.21 -16.59 -49.42
CA ALA C 70 -37.86 -17.67 -50.15
C ALA C 70 -36.90 -18.41 -51.06
N ALA C 71 -35.79 -17.79 -51.44
CA ALA C 71 -34.79 -18.44 -52.27
C ALA C 71 -33.79 -19.26 -51.45
N TYR C 72 -33.89 -19.24 -50.13
CA TYR C 72 -32.99 -20.00 -49.28
C TYR C 72 -33.77 -20.70 -48.15
N GLU C 73 -34.94 -21.23 -48.48
CA GLU C 73 -35.76 -21.99 -47.52
C GLU C 73 -36.07 -21.17 -46.28
N GLY C 74 -36.39 -19.90 -46.47
CA GLY C 74 -36.85 -19.07 -45.38
C GLY C 74 -35.84 -18.83 -44.28
N ILE C 75 -34.60 -18.47 -44.64
CA ILE C 75 -33.61 -18.06 -43.64
C ILE C 75 -33.84 -16.57 -43.39
N LYS C 76 -34.50 -16.25 -42.28
CA LYS C 76 -34.84 -14.86 -42.00
C LYS C 76 -33.61 -14.04 -41.65
N ASP C 77 -32.70 -14.59 -40.86
CA ASP C 77 -31.55 -13.84 -40.40
C ASP C 77 -30.38 -14.78 -40.16
N LEU C 78 -29.19 -14.20 -40.05
CA LEU C 78 -27.96 -14.95 -39.88
C LEU C 78 -27.15 -14.36 -38.74
N ARG C 79 -26.26 -15.19 -38.19
CA ARG C 79 -25.28 -14.77 -37.20
C ARG C 79 -23.91 -14.89 -37.83
N ILE C 80 -23.30 -13.74 -38.10
CA ILE C 80 -22.01 -13.72 -38.81
C ILE C 80 -20.94 -13.18 -37.87
N PRO C 81 -19.74 -13.77 -37.82
CA PRO C 81 -18.70 -13.21 -36.96
C PRO C 81 -18.38 -11.77 -37.34
N SER C 82 -18.16 -10.94 -36.33
CA SER C 82 -18.02 -9.50 -36.54
C SER C 82 -16.80 -9.14 -37.37
N SER C 83 -15.87 -10.07 -37.57
CA SER C 83 -14.70 -9.80 -38.38
C SER C 83 -15.00 -9.88 -39.87
N ASP C 84 -16.14 -10.45 -40.27
CA ASP C 84 -16.45 -10.63 -41.68
C ASP C 84 -17.18 -9.46 -42.29
N VAL C 85 -18.02 -8.76 -41.52
CA VAL C 85 -18.81 -7.67 -42.04
C VAL C 85 -18.19 -6.34 -41.65
N TRP C 86 -18.41 -5.32 -42.47
CA TRP C 86 -17.96 -3.98 -42.12
C TRP C 86 -18.71 -3.50 -40.88
N GLN C 87 -17.98 -2.95 -39.93
CA GLN C 87 -18.63 -2.31 -38.81
C GLN C 87 -18.05 -0.91 -38.61
N PRO C 88 -18.84 0.04 -38.17
CA PRO C 88 -18.30 1.36 -37.86
C PRO C 88 -17.36 1.27 -36.68
N ASP C 89 -16.33 2.11 -36.69
CA ASP C 89 -15.32 2.06 -35.65
C ASP C 89 -15.78 2.87 -34.43
N ILE C 90 -16.91 2.45 -33.87
CA ILE C 90 -17.48 3.13 -32.72
C ILE C 90 -16.63 2.83 -31.49
N VAL C 91 -16.01 3.87 -30.93
CA VAL C 91 -15.10 3.73 -29.82
C VAL C 91 -15.42 4.76 -28.75
N LEU C 92 -14.93 4.49 -27.55
CA LEU C 92 -15.05 5.38 -26.40
C LEU C 92 -13.88 6.36 -26.45
N MET C 93 -14.17 7.62 -26.79
CA MET C 93 -13.10 8.58 -27.01
C MET C 93 -12.42 8.99 -25.72
N ASN C 94 -13.17 9.10 -24.63
CA ASN C 94 -12.62 9.61 -23.38
C ASN C 94 -12.16 8.49 -22.45
N ASN C 95 -11.65 7.40 -23.00
CA ASN C 95 -11.11 6.33 -22.18
C ASN C 95 -9.84 6.80 -21.46
N ASN C 96 -9.51 6.13 -20.37
CA ASN C 96 -8.34 6.49 -19.59
C ASN C 96 -7.10 5.73 -20.03
N ASP C 97 -7.23 4.44 -20.31
CA ASP C 97 -6.14 3.65 -20.85
C ASP C 97 -6.20 3.69 -22.37
N GLY C 98 -5.43 2.84 -23.03
CA GLY C 98 -5.41 2.80 -24.48
C GLY C 98 -6.52 2.01 -25.11
N SER C 99 -7.46 1.48 -24.33
CA SER C 99 -8.52 0.63 -24.86
C SER C 99 -9.57 1.50 -25.53
N PHE C 100 -9.51 1.56 -26.86
CA PHE C 100 -10.53 2.25 -27.64
C PHE C 100 -11.64 1.31 -28.09
N GLU C 101 -11.27 0.17 -28.65
CA GLU C 101 -12.21 -0.75 -29.27
C GLU C 101 -12.95 -1.53 -28.19
N ILE C 102 -13.70 -2.54 -28.60
CA ILE C 102 -14.56 -3.31 -27.72
C ILE C 102 -13.86 -4.61 -27.34
N THR C 103 -13.99 -5.01 -26.08
CA THR C 103 -13.26 -6.16 -25.57
C THR C 103 -13.74 -7.46 -26.22
N LEU C 104 -15.05 -7.69 -26.22
CA LEU C 104 -15.63 -8.95 -26.67
C LEU C 104 -16.27 -8.73 -28.04
N HIS C 105 -15.96 -9.62 -28.98
CA HIS C 105 -16.42 -9.51 -30.36
C HIS C 105 -17.47 -10.58 -30.61
N VAL C 106 -18.72 -10.27 -30.28
CA VAL C 106 -19.80 -11.21 -30.50
C VAL C 106 -20.26 -11.12 -31.96
N ASN C 107 -21.00 -12.14 -32.38
CA ASN C 107 -21.50 -12.18 -33.75
C ASN C 107 -22.52 -11.08 -33.99
N VAL C 108 -22.54 -10.59 -35.22
CA VAL C 108 -23.57 -9.67 -35.65
C VAL C 108 -24.77 -10.45 -36.15
N LEU C 109 -25.94 -9.82 -36.10
CA LEU C 109 -27.20 -10.43 -36.51
C LEU C 109 -27.68 -9.70 -37.75
N VAL C 110 -27.63 -10.36 -38.89
CA VAL C 110 -27.94 -9.75 -40.17
C VAL C 110 -29.32 -10.22 -40.60
N GLN C 111 -30.27 -9.30 -40.66
CA GLN C 111 -31.59 -9.60 -41.19
C GLN C 111 -31.53 -9.73 -42.71
N HIS C 112 -32.58 -10.30 -43.28
CA HIS C 112 -32.64 -10.43 -44.73
C HIS C 112 -32.81 -9.09 -45.44
N THR C 113 -33.16 -8.03 -44.70
CA THR C 113 -33.30 -6.70 -45.28
C THR C 113 -32.00 -5.90 -45.23
N GLY C 114 -30.93 -6.46 -44.71
CA GLY C 114 -29.66 -5.76 -44.59
C GLY C 114 -29.45 -5.05 -43.29
N ALA C 115 -30.38 -5.13 -42.34
CA ALA C 115 -30.24 -4.45 -41.07
C ALA C 115 -29.31 -5.24 -40.18
N VAL C 116 -28.10 -4.74 -39.96
CA VAL C 116 -27.12 -5.40 -39.13
C VAL C 116 -27.21 -4.87 -37.71
N SER C 117 -27.10 -5.77 -36.74
CA SER C 117 -27.19 -5.42 -35.33
C SER C 117 -26.02 -6.06 -34.59
N TRP C 118 -25.50 -5.36 -33.59
CA TRP C 118 -24.30 -5.79 -32.88
C TRP C 118 -24.47 -5.48 -31.40
N GLN C 119 -24.12 -6.43 -30.55
CA GLN C 119 -24.23 -6.26 -29.09
C GLN C 119 -22.94 -6.70 -28.42
N PRO C 120 -21.83 -5.99 -28.66
CA PRO C 120 -20.57 -6.41 -28.07
C PRO C 120 -20.44 -5.94 -26.63
N SER C 121 -20.00 -6.85 -25.76
CA SER C 121 -19.71 -6.51 -24.38
C SER C 121 -18.33 -5.89 -24.26
N ALA C 122 -18.14 -5.08 -23.24
CA ALA C 122 -16.88 -4.40 -23.03
C ALA C 122 -16.71 -4.03 -21.57
N ILE C 123 -15.46 -3.80 -21.18
CA ILE C 123 -15.10 -3.32 -19.86
C ILE C 123 -14.34 -2.02 -20.11
N TYR C 124 -14.98 -0.90 -19.86
CA TYR C 124 -14.46 0.40 -20.24
C TYR C 124 -13.91 1.15 -19.03
N ARG C 125 -12.71 1.70 -19.17
CA ARG C 125 -12.11 2.61 -18.21
C ARG C 125 -12.25 4.01 -18.79
N SER C 126 -13.36 4.67 -18.49
CA SER C 126 -13.62 6.01 -19.01
C SER C 126 -13.14 7.05 -18.02
N SER C 127 -12.41 8.05 -18.52
CA SER C 127 -11.92 9.10 -17.64
C SER C 127 -13.08 10.01 -17.26
N CYS C 128 -13.20 10.29 -15.95
CA CYS C 128 -14.30 11.10 -15.43
C CYS C 128 -13.71 12.13 -14.48
N THR C 129 -13.84 13.40 -14.84
CA THR C 129 -13.41 14.47 -13.94
C THR C 129 -14.29 14.48 -12.70
N ILE C 130 -13.66 14.66 -11.54
CA ILE C 130 -14.33 14.49 -10.25
C ILE C 130 -14.38 15.84 -9.54
N LYS C 131 -15.58 16.23 -9.11
CA LYS C 131 -15.77 17.44 -8.34
C LYS C 131 -15.66 17.09 -6.86
N VAL C 132 -14.60 17.56 -6.21
CA VAL C 132 -14.29 17.17 -4.85
C VAL C 132 -14.75 18.22 -3.84
N MET C 133 -15.64 19.12 -4.22
CA MET C 133 -16.05 20.18 -3.32
C MET C 133 -16.75 19.62 -2.08
N TYR C 134 -17.60 18.61 -2.26
CA TYR C 134 -18.43 18.10 -1.17
C TYR C 134 -18.13 16.66 -0.82
N PHE C 135 -16.92 16.18 -1.10
CA PHE C 135 -16.56 14.82 -0.74
C PHE C 135 -16.61 14.67 0.77
N PRO C 136 -17.17 13.57 1.30
CA PRO C 136 -17.76 12.42 0.62
C PRO C 136 -19.26 12.54 0.35
N PHE C 137 -19.88 13.65 0.74
CA PHE C 137 -21.31 13.86 0.50
C PHE C 137 -21.54 14.44 -0.89
N ASP C 138 -21.02 13.78 -1.91
CA ASP C 138 -20.92 14.35 -3.24
C ASP C 138 -21.59 13.46 -4.28
N TRP C 139 -21.99 14.08 -5.37
CA TRP C 139 -22.51 13.38 -6.55
C TRP C 139 -21.59 13.68 -7.72
N GLN C 140 -21.19 12.64 -8.44
CA GLN C 140 -20.35 12.79 -9.62
C GLN C 140 -21.18 12.72 -10.89
N ASN C 141 -20.63 13.29 -11.95
CA ASN C 141 -21.28 13.42 -13.26
C ASN C 141 -20.30 12.85 -14.28
N CYS C 142 -20.35 11.55 -14.49
CA CYS C 142 -19.36 10.86 -15.31
C CYS C 142 -19.93 10.60 -16.70
N THR C 143 -19.19 11.00 -17.72
CA THR C 143 -19.64 10.87 -19.10
C THR C 143 -18.93 9.71 -19.78
N MET C 144 -19.58 9.17 -20.81
CA MET C 144 -18.97 8.20 -21.70
C MET C 144 -19.27 8.62 -23.12
N VAL C 145 -18.25 9.09 -23.84
CA VAL C 145 -18.41 9.63 -25.18
C VAL C 145 -18.13 8.54 -26.18
N PHE C 146 -19.07 8.27 -27.07
CA PHE C 146 -18.92 7.27 -28.11
C PHE C 146 -18.99 7.94 -29.47
N LYS C 147 -18.05 7.61 -30.35
CA LYS C 147 -18.14 8.10 -31.72
C LYS C 147 -17.30 7.20 -32.61
N SER C 148 -17.57 7.29 -33.91
CA SER C 148 -16.76 6.57 -34.88
C SER C 148 -15.39 7.20 -34.96
N TYR C 149 -14.35 6.43 -34.68
CA TYR C 149 -13.00 7.01 -34.66
C TYR C 149 -12.60 7.48 -36.06
N THR C 150 -12.92 6.70 -37.08
CA THR C 150 -12.49 7.03 -38.43
C THR C 150 -13.52 7.88 -39.17
N TYR C 151 -14.73 7.35 -39.36
CA TYR C 151 -15.70 8.02 -40.19
C TYR C 151 -16.26 9.26 -39.50
N ASP C 152 -16.36 10.35 -40.24
CA ASP C 152 -16.88 11.60 -39.72
C ASP C 152 -18.35 11.76 -40.12
N THR C 153 -18.92 12.92 -39.79
CA THR C 153 -20.35 13.13 -39.97
C THR C 153 -20.76 13.12 -41.43
N SER C 154 -19.81 13.21 -42.36
CA SER C 154 -20.11 13.12 -43.78
C SER C 154 -20.17 11.69 -44.28
N GLU C 155 -19.91 10.71 -43.42
CA GLU C 155 -19.91 9.31 -43.85
C GLU C 155 -20.83 8.45 -43.01
N VAL C 156 -20.92 8.74 -41.71
CA VAL C 156 -21.84 8.04 -40.83
C VAL C 156 -22.59 9.06 -39.99
N THR C 157 -23.89 8.83 -39.82
CA THR C 157 -24.74 9.67 -38.97
C THR C 157 -25.10 8.88 -37.72
N LEU C 158 -24.68 9.37 -36.56
CA LEU C 158 -25.01 8.70 -35.31
C LEU C 158 -26.41 9.08 -34.86
N GLN C 159 -27.16 8.07 -34.41
CA GLN C 159 -28.52 8.30 -33.93
C GLN C 159 -28.69 7.66 -32.56
N HIS C 160 -29.93 7.55 -32.10
CA HIS C 160 -30.24 6.93 -30.82
C HIS C 160 -30.89 5.57 -31.05
N ALA C 161 -30.59 4.62 -30.18
CA ALA C 161 -31.12 3.27 -30.34
C ALA C 161 -32.63 3.25 -30.15
N LEU C 162 -33.30 2.42 -30.93
CA LEU C 162 -34.73 2.22 -30.77
C LEU C 162 -34.99 1.23 -29.64
N ASP C 163 -36.14 1.38 -29.00
CA ASP C 163 -36.50 0.49 -27.89
C ASP C 163 -36.75 -0.92 -28.40
N ALA C 164 -37.03 -1.83 -27.45
CA ALA C 164 -37.22 -3.23 -27.81
C ALA C 164 -38.35 -3.40 -28.82
N LYS C 165 -39.46 -2.69 -28.62
CA LYS C 165 -40.54 -2.70 -29.60
C LYS C 165 -40.12 -2.09 -30.92
N GLY C 166 -39.09 -1.26 -30.93
CA GLY C 166 -38.67 -0.60 -32.15
C GLY C 166 -39.56 0.55 -32.57
N GLU C 167 -40.21 1.21 -31.62
CA GLU C 167 -41.13 2.30 -31.92
C GLU C 167 -40.48 3.66 -31.68
N ARG C 168 -39.97 3.89 -30.47
CA ARG C 168 -39.39 5.16 -30.08
C ARG C 168 -37.91 5.01 -29.80
N GLU C 169 -37.19 6.12 -29.84
CA GLU C 169 -35.78 6.14 -29.54
C GLU C 169 -35.57 6.18 -28.03
N VAL C 170 -34.57 5.43 -27.56
CA VAL C 170 -34.22 5.39 -26.15
C VAL C 170 -33.12 6.42 -25.91
N LYS C 171 -33.46 7.49 -25.21
CA LYS C 171 -32.53 8.59 -24.95
C LYS C 171 -31.90 8.48 -23.57
N GLU C 172 -31.62 7.25 -23.13
CA GLU C 172 -30.97 7.06 -21.84
C GLU C 172 -30.29 5.70 -21.82
N ILE C 173 -29.36 5.54 -20.89
CA ILE C 173 -28.72 4.25 -20.68
C ILE C 173 -29.77 3.23 -20.27
N VAL C 174 -29.75 2.06 -20.89
CA VAL C 174 -30.70 1.00 -20.58
C VAL C 174 -30.10 0.13 -19.50
N ILE C 175 -30.80 0.01 -18.38
CA ILE C 175 -30.38 -0.84 -17.28
C ILE C 175 -31.33 -2.03 -17.24
N ASN C 176 -30.81 -3.21 -17.52
CA ASN C 176 -31.60 -4.44 -17.48
C ASN C 176 -31.63 -4.92 -16.04
N LYS C 177 -32.74 -4.65 -15.34
CA LYS C 177 -32.81 -4.91 -13.91
C LYS C 177 -32.63 -6.38 -13.57
N ASP C 178 -32.90 -7.27 -14.52
CA ASP C 178 -32.76 -8.69 -14.24
C ASP C 178 -31.31 -9.15 -14.27
N ALA C 179 -30.42 -8.40 -14.91
CA ALA C 179 -29.01 -8.76 -15.01
C ALA C 179 -28.12 -7.57 -14.68
N PHE C 180 -28.46 -6.87 -13.59
CA PHE C 180 -27.73 -5.69 -13.16
C PHE C 180 -27.31 -5.85 -11.71
N THR C 181 -26.10 -5.39 -11.40
CA THR C 181 -25.54 -5.48 -10.05
C THR C 181 -25.41 -4.08 -9.48
N GLU C 182 -26.19 -3.79 -8.44
CA GLU C 182 -26.07 -2.49 -7.77
C GLU C 182 -24.66 -2.32 -7.21
N ASN C 183 -24.10 -1.13 -7.42
CA ASN C 183 -22.71 -0.90 -7.04
C ASN C 183 -22.49 -1.04 -5.54
N GLY C 184 -23.41 -0.52 -4.74
CA GLY C 184 -23.33 -0.61 -3.30
C GLY C 184 -22.69 0.60 -2.63
N GLN C 185 -21.90 1.37 -3.36
CA GLN C 185 -21.39 2.64 -2.86
C GLN C 185 -21.97 3.84 -3.58
N TRP C 186 -22.50 3.64 -4.78
CA TRP C 186 -23.09 4.71 -5.57
C TRP C 186 -24.52 4.35 -5.94
N SER C 187 -25.34 5.37 -6.15
CA SER C 187 -26.69 5.19 -6.63
C SER C 187 -26.87 6.02 -7.90
N ILE C 188 -27.40 5.41 -8.94
CA ILE C 188 -27.55 6.05 -10.24
C ILE C 188 -28.83 6.89 -10.22
N GLU C 189 -28.68 8.21 -10.10
CA GLU C 189 -29.83 9.10 -10.07
C GLU C 189 -30.40 9.29 -11.47
N HIS C 190 -29.61 9.86 -12.37
CA HIS C 190 -30.02 10.08 -13.75
C HIS C 190 -29.04 9.40 -14.69
N LYS C 191 -29.55 8.99 -15.84
CA LYS C 191 -28.69 8.34 -16.83
C LYS C 191 -29.06 8.75 -18.25
N PRO C 192 -29.12 10.04 -18.57
CA PRO C 192 -29.56 10.43 -19.90
C PRO C 192 -28.48 10.20 -20.94
N SER C 193 -28.91 10.19 -22.20
CA SER C 193 -28.02 10.15 -23.34
C SER C 193 -28.34 11.32 -24.25
N ARG C 194 -27.31 11.85 -24.91
CA ARG C 194 -27.54 13.02 -25.75
C ARG C 194 -26.48 13.11 -26.83
N LYS C 195 -26.88 13.58 -28.00
CA LYS C 195 -25.94 13.82 -29.07
C LYS C 195 -25.27 15.18 -28.89
N ASN C 196 -23.98 15.25 -29.19
CA ASN C 196 -23.21 16.46 -29.08
C ASN C 196 -22.48 16.74 -30.38
N TRP C 197 -22.43 18.01 -30.75
CA TRP C 197 -21.69 18.50 -31.91
C TRP C 197 -20.62 19.47 -31.43
N ARG C 198 -19.93 20.07 -32.40
CA ARG C 198 -18.98 21.14 -32.12
C ARG C 198 -19.22 22.27 -33.11
N SER C 199 -19.26 23.50 -32.60
CA SER C 199 -19.48 24.65 -33.48
C SER C 199 -18.33 24.83 -34.46
N ASP C 200 -17.10 24.69 -33.98
CA ASP C 200 -15.93 24.93 -34.82
C ASP C 200 -15.57 23.73 -35.70
N ASP C 201 -16.12 22.55 -35.42
CA ASP C 201 -15.76 21.32 -36.12
C ASP C 201 -17.05 20.68 -36.63
N PRO C 202 -17.52 21.09 -37.81
CA PRO C 202 -18.77 20.51 -38.34
C PRO C 202 -18.69 19.03 -38.60
N SER C 203 -17.49 18.48 -38.77
CA SER C 203 -17.31 17.05 -39.03
C SER C 203 -17.27 16.23 -37.74
N TYR C 204 -17.81 16.77 -36.65
CA TYR C 204 -17.80 16.09 -35.35
C TYR C 204 -19.23 15.87 -34.88
N GLU C 205 -19.51 14.64 -34.46
CA GLU C 205 -20.79 14.30 -33.84
C GLU C 205 -20.58 13.07 -33.00
N ASP C 206 -21.08 13.09 -31.77
CA ASP C 206 -20.87 11.94 -30.88
C ASP C 206 -22.10 11.74 -30.01
N VAL C 207 -22.22 10.54 -29.47
CA VAL C 207 -23.30 10.19 -28.55
C VAL C 207 -22.69 10.04 -27.17
N THR C 208 -23.13 10.87 -26.23
CA THR C 208 -22.59 10.84 -24.89
C THR C 208 -23.63 10.29 -23.93
N PHE C 209 -23.23 9.32 -23.11
CA PHE C 209 -24.08 8.76 -22.08
C PHE C 209 -23.59 9.28 -20.73
N TYR C 210 -24.47 9.97 -20.02
CA TYR C 210 -24.13 10.59 -18.75
C TYR C 210 -24.62 9.73 -17.60
N LEU C 211 -23.82 9.65 -16.55
CA LEU C 211 -24.17 8.93 -15.33
C LEU C 211 -24.03 9.92 -14.19
N ILE C 212 -25.16 10.38 -13.66
CA ILE C 212 -25.19 11.17 -12.44
C ILE C 212 -25.32 10.17 -11.30
N ILE C 213 -24.27 10.03 -10.50
CA ILE C 213 -24.23 9.01 -9.46
C ILE C 213 -23.93 9.68 -8.13
N GLN C 214 -24.73 9.35 -7.11
CA GLN C 214 -24.57 9.93 -5.79
C GLN C 214 -23.89 8.93 -4.87
N ARG C 215 -22.88 9.38 -4.15
CA ARG C 215 -22.18 8.52 -3.21
C ARG C 215 -23.03 8.28 -1.97
N LYS C 216 -22.98 7.07 -1.46
CA LYS C 216 -23.59 6.75 -0.17
C LYS C 216 -22.52 6.89 0.90
N PRO C 217 -22.61 7.88 1.79
CA PRO C 217 -21.45 8.26 2.60
C PRO C 217 -21.33 7.52 3.92
N LEU C 218 -22.04 6.41 4.09
CA LEU C 218 -22.05 5.74 5.39
C LEU C 218 -20.66 5.30 5.82
N PHE C 219 -19.88 4.74 4.88
CA PHE C 219 -18.54 4.27 5.21
C PHE C 219 -17.68 5.41 5.74
N TYR C 220 -17.62 6.52 5.00
CA TYR C 220 -16.77 7.63 5.41
C TYR C 220 -17.28 8.27 6.68
N ILE C 221 -18.60 8.39 6.84
CA ILE C 221 -19.15 8.88 8.10
C ILE C 221 -18.61 8.05 9.25
N VAL C 222 -18.91 6.75 9.23
CA VAL C 222 -18.58 5.87 10.35
C VAL C 222 -17.08 5.87 10.63
N TYR C 223 -16.26 5.83 9.59
CA TYR C 223 -14.83 5.62 9.81
C TYR C 223 -14.02 6.92 9.90
N THR C 224 -14.62 8.07 9.66
CA THR C 224 -13.81 9.28 9.79
C THR C 224 -14.47 10.36 10.62
N ILE C 225 -15.78 10.55 10.49
CA ILE C 225 -16.40 11.75 11.06
C ILE C 225 -16.63 11.57 12.56
N ILE C 226 -17.20 10.43 12.95
CA ILE C 226 -17.51 10.21 14.36
C ILE C 226 -16.26 10.15 15.24
N PRO C 227 -15.21 9.41 14.87
CA PRO C 227 -13.99 9.47 15.69
C PRO C 227 -13.43 10.87 15.84
N CYS C 228 -13.50 11.68 14.78
CA CYS C 228 -13.06 13.07 14.89
C CYS C 228 -13.99 13.88 15.79
N ILE C 229 -15.29 13.55 15.80
CA ILE C 229 -16.20 14.19 16.74
C ILE C 229 -15.78 13.87 18.18
N LEU C 230 -15.43 12.61 18.44
CA LEU C 230 -14.95 12.24 19.77
C LEU C 230 -13.66 12.96 20.13
N ILE C 231 -12.77 13.11 19.15
CA ILE C 231 -11.52 13.85 19.39
C ILE C 231 -11.84 15.30 19.75
N SER C 232 -12.78 15.91 19.04
CA SER C 232 -13.16 17.29 19.35
C SER C 232 -13.81 17.38 20.72
N ILE C 233 -14.56 16.35 21.12
CA ILE C 233 -15.14 16.31 22.46
C ILE C 233 -14.04 16.31 23.51
N LEU C 234 -12.98 15.54 23.28
CA LEU C 234 -11.85 15.56 24.21
C LEU C 234 -11.18 16.93 24.22
N ALA C 235 -11.04 17.55 23.04
CA ALA C 235 -10.41 18.86 22.97
C ALA C 235 -11.23 19.91 23.71
N ILE C 236 -12.54 19.77 23.75
CA ILE C 236 -13.34 20.65 24.60
C ILE C 236 -13.14 20.29 26.06
N LEU C 237 -13.10 18.99 26.38
CA LEU C 237 -12.98 18.55 27.77
C LEU C 237 -11.71 19.07 28.43
N VAL C 238 -10.64 19.23 27.67
CA VAL C 238 -9.33 19.56 28.26
C VAL C 238 -9.43 20.83 29.10
N PHE C 239 -10.45 21.65 28.83
CA PHE C 239 -10.68 22.87 29.58
C PHE C 239 -11.51 22.65 30.85
N TYR C 240 -11.92 21.42 31.13
CA TYR C 240 -12.58 21.13 32.40
C TYR C 240 -11.63 20.50 33.41
N LEU C 241 -10.50 20.00 32.95
CA LEU C 241 -9.51 19.43 33.85
C LEU C 241 -8.88 20.53 34.69
N PRO C 242 -8.56 20.24 35.95
CA PRO C 242 -7.87 21.22 36.78
C PRO C 242 -6.38 21.22 36.48
N PRO C 243 -5.75 22.39 36.50
CA PRO C 243 -4.31 22.44 36.18
C PRO C 243 -3.46 21.60 37.11
N ASP C 244 -3.92 21.35 38.34
CA ASP C 244 -3.17 20.52 39.27
C ASP C 244 -3.05 19.08 38.80
N ALA C 245 -3.96 18.62 37.93
CA ALA C 245 -3.98 17.22 37.54
C ALA C 245 -2.71 16.81 36.81
N GLY C 246 -2.09 17.74 36.08
CA GLY C 246 -0.89 17.40 35.35
C GLY C 246 -1.12 16.58 34.10
N GLU C 247 -2.33 16.63 33.54
CA GLU C 247 -2.68 15.84 32.36
C GLU C 247 -3.34 16.68 31.29
N LYS C 248 -3.23 18.00 31.37
CA LYS C 248 -3.85 18.86 30.37
C LYS C 248 -3.14 18.72 29.02
N MET C 249 -1.80 18.78 29.03
CA MET C 249 -1.04 18.59 27.80
C MET C 249 -1.25 17.20 27.22
N SER C 250 -1.29 16.18 28.07
CA SER C 250 -1.51 14.82 27.58
C SER C 250 -2.78 14.75 26.74
N LEU C 251 -3.89 15.23 27.29
CA LEU C 251 -5.16 15.15 26.60
C LEU C 251 -5.16 15.99 25.32
N SER C 252 -4.73 17.25 25.43
CA SER C 252 -4.80 18.13 24.27
C SER C 252 -3.90 17.65 23.13
N ILE C 253 -2.66 17.27 23.46
CA ILE C 253 -1.73 16.81 22.44
C ILE C 253 -2.18 15.47 21.85
N SER C 254 -2.75 14.59 22.66
CA SER C 254 -3.26 13.34 22.12
C SER C 254 -4.37 13.60 21.13
N ALA C 255 -5.28 14.51 21.44
CA ALA C 255 -6.33 14.86 20.47
C ALA C 255 -5.73 15.43 19.19
N LEU C 256 -4.73 16.30 19.32
CA LEU C 256 -4.10 16.89 18.15
C LEU C 256 -3.46 15.82 17.26
N LEU C 257 -2.70 14.92 17.87
CA LEU C 257 -2.04 13.87 17.10
C LEU C 257 -3.06 12.93 16.45
N ALA C 258 -4.12 12.60 17.17
CA ALA C 258 -5.15 11.72 16.60
C ALA C 258 -5.79 12.35 15.39
N VAL C 259 -6.15 13.63 15.48
CA VAL C 259 -6.81 14.26 14.33
C VAL C 259 -5.83 14.43 13.18
N THR C 260 -4.55 14.68 13.47
CA THR C 260 -3.54 14.74 12.41
C THR C 260 -3.41 13.40 11.70
N VAL C 261 -3.40 12.30 12.46
CA VAL C 261 -3.33 10.97 11.86
C VAL C 261 -4.54 10.72 10.99
N PHE C 262 -5.72 11.14 11.46
CA PHE C 262 -6.93 10.96 10.67
C PHE C 262 -6.84 11.73 9.36
N LEU C 263 -6.34 12.97 9.41
CA LEU C 263 -6.16 13.74 8.18
C LEU C 263 -5.19 13.07 7.24
N LEU C 264 -4.05 12.58 7.77
CA LEU C 264 -3.05 11.95 6.93
C LEU C 264 -3.61 10.71 6.24
N LEU C 265 -4.33 9.88 6.98
CA LEU C 265 -4.88 8.66 6.39
C LEU C 265 -6.00 8.96 5.41
N LEU C 266 -6.81 9.98 5.68
CA LEU C 266 -7.87 10.33 4.75
C LEU C 266 -7.32 11.00 3.50
N ALA C 267 -6.10 11.51 3.56
CA ALA C 267 -5.47 12.05 2.34
C ALA C 267 -5.23 10.99 1.29
N ASP C 268 -5.33 9.70 1.64
CA ASP C 268 -5.17 8.64 0.65
C ASP C 268 -6.39 8.51 -0.24
N LYS C 269 -7.59 8.64 0.31
CA LYS C 269 -8.81 8.33 -0.42
C LYS C 269 -9.37 9.50 -1.21
N VAL C 270 -8.82 10.69 -1.04
CA VAL C 270 -9.30 11.86 -1.78
C VAL C 270 -8.46 12.05 -3.03
N PRO C 271 -9.02 12.59 -4.11
CA PRO C 271 -8.22 12.87 -5.30
C PRO C 271 -7.24 14.01 -5.05
N GLU C 272 -6.17 14.03 -5.84
CA GLU C 272 -5.09 14.98 -5.66
C GLU C 272 -5.25 16.24 -6.51
N THR C 273 -6.47 16.60 -6.87
CA THR C 273 -6.69 17.83 -7.58
C THR C 273 -6.66 19.01 -6.63
N SER C 274 -6.32 20.18 -7.17
CA SER C 274 -6.21 21.40 -6.40
C SER C 274 -7.24 22.44 -6.83
N LEU C 275 -8.38 21.97 -7.35
CA LEU C 275 -9.46 22.88 -7.72
C LEU C 275 -10.27 23.32 -6.51
N SER C 276 -10.34 22.49 -5.47
CA SER C 276 -11.06 22.82 -4.25
C SER C 276 -10.63 21.85 -3.16
N VAL C 277 -11.03 22.14 -1.94
CA VAL C 277 -10.70 21.34 -0.77
C VAL C 277 -11.97 20.63 -0.32
N PRO C 278 -12.01 19.30 -0.26
CA PRO C 278 -13.23 18.60 0.10
C PRO C 278 -13.73 18.98 1.48
N ILE C 279 -15.06 18.94 1.65
CA ILE C 279 -15.68 19.39 2.89
C ILE C 279 -15.18 18.58 4.08
N ILE C 280 -14.83 17.32 3.86
CA ILE C 280 -14.30 16.51 4.95
C ILE C 280 -12.90 16.99 5.34
N ILE C 281 -12.08 17.37 4.36
CA ILE C 281 -10.75 17.88 4.67
C ILE C 281 -10.85 19.24 5.35
N ARG C 282 -11.80 20.07 4.92
CA ARG C 282 -12.00 21.35 5.58
C ARG C 282 -12.44 21.15 7.03
N TYR C 283 -13.32 20.18 7.28
CA TYR C 283 -13.71 19.86 8.64
C TYR C 283 -12.52 19.39 9.47
N LEU C 284 -11.69 18.52 8.89
CA LEU C 284 -10.52 18.03 9.61
C LEU C 284 -9.54 19.16 9.92
N MET C 285 -9.34 20.07 8.97
CA MET C 285 -8.47 21.21 9.22
C MET C 285 -9.05 22.13 10.29
N PHE C 286 -10.38 22.30 10.29
CA PHE C 286 -11.02 23.10 11.33
C PHE C 286 -10.79 22.48 12.70
N ILE C 287 -10.99 21.17 12.81
CA ILE C 287 -10.78 20.51 14.09
C ILE C 287 -9.31 20.58 14.50
N MET C 288 -8.40 20.42 13.55
CA MET C 288 -6.97 20.47 13.89
C MET C 288 -6.56 21.85 14.37
N ILE C 289 -7.02 22.90 13.70
CA ILE C 289 -6.71 24.26 14.14
C ILE C 289 -7.33 24.52 15.51
N LEU C 290 -8.56 24.04 15.73
CA LEU C 290 -9.19 24.24 17.03
C LEU C 290 -8.43 23.54 18.13
N VAL C 291 -7.96 22.31 17.88
CA VAL C 291 -7.21 21.59 18.90
C VAL C 291 -5.86 22.25 19.15
N ALA C 292 -5.23 22.79 18.11
CA ALA C 292 -3.99 23.53 18.31
C ALA C 292 -4.22 24.75 19.18
N PHE C 293 -5.30 25.49 18.92
CA PHE C 293 -5.64 26.62 19.78
C PHE C 293 -5.95 26.15 21.19
N SER C 294 -6.54 24.97 21.33
CA SER C 294 -6.79 24.40 22.65
C SER C 294 -5.49 24.13 23.38
N VAL C 295 -4.50 23.60 22.67
CA VAL C 295 -3.18 23.37 23.27
C VAL C 295 -2.57 24.69 23.71
N ILE C 296 -2.65 25.72 22.86
CA ILE C 296 -2.06 27.01 23.18
C ILE C 296 -2.73 27.61 24.42
N LEU C 297 -4.07 27.56 24.46
CA LEU C 297 -4.78 28.14 25.59
C LEU C 297 -4.58 27.31 26.86
N SER C 298 -4.42 26.00 26.73
CA SER C 298 -4.09 25.17 27.90
C SER C 298 -2.72 25.52 28.44
N VAL C 299 -1.76 25.78 27.56
CA VAL C 299 -0.44 26.22 28.01
C VAL C 299 -0.55 27.56 28.72
N VAL C 300 -1.37 28.47 28.19
CA VAL C 300 -1.55 29.76 28.84
C VAL C 300 -2.17 29.59 30.22
N VAL C 301 -3.17 28.71 30.34
CA VAL C 301 -3.81 28.47 31.63
C VAL C 301 -2.82 27.87 32.61
N LEU C 302 -2.02 26.90 32.16
CA LEU C 302 -1.03 26.30 33.04
C LEU C 302 0.01 27.33 33.49
N ASN C 303 0.41 28.23 32.58
CA ASN C 303 1.33 29.29 32.96
C ASN C 303 0.72 30.21 34.01
N LEU C 304 -0.55 30.58 33.84
CA LEU C 304 -1.19 31.45 34.81
C LEU C 304 -1.33 30.77 36.17
N HIS C 305 -1.66 29.48 36.17
CA HIS C 305 -1.93 28.78 37.42
C HIS C 305 -0.67 28.64 38.27
N HIS C 306 0.50 28.56 37.64
CA HIS C 306 1.73 28.22 38.33
C HIS C 306 2.61 29.44 38.61
N ARG C 307 2.04 30.63 38.66
CA ARG C 307 2.82 31.81 39.00
C ARG C 307 2.81 32.03 40.52
N SER C 308 3.70 32.92 40.96
CA SER C 308 3.88 33.18 42.37
C SER C 308 4.27 34.64 42.57
N PRO C 309 3.98 35.22 43.73
CA PRO C 309 4.41 36.60 43.98
C PRO C 309 5.92 36.78 43.93
N ASN C 310 6.68 35.75 44.30
CA ASN C 310 8.12 35.83 44.23
C ASN C 310 8.63 35.90 42.79
N THR C 311 7.76 35.67 41.82
CA THR C 311 8.15 35.62 40.41
C THR C 311 7.36 36.56 39.53
N HIS C 312 6.08 36.80 39.83
CA HIS C 312 5.24 37.66 39.02
C HIS C 312 4.45 38.61 39.91
N THR C 313 4.07 39.75 39.34
CA THR C 313 3.21 40.73 39.98
C THR C 313 1.95 40.89 39.12
N MET C 314 0.80 40.75 39.74
CA MET C 314 -0.45 40.72 38.98
C MET C 314 -0.77 42.09 38.41
N PRO C 315 -0.90 42.22 37.09
CA PRO C 315 -1.27 43.51 36.51
C PRO C 315 -2.71 43.88 36.86
N ASN C 316 -2.97 45.18 36.87
CA ASN C 316 -4.26 45.67 37.32
C ASN C 316 -5.39 45.23 36.41
N TRP C 317 -5.14 45.18 35.10
CA TRP C 317 -6.21 44.86 34.15
C TRP C 317 -6.66 43.40 34.29
N ILE C 318 -5.72 42.48 34.54
CA ILE C 318 -6.10 41.08 34.74
C ILE C 318 -7.01 40.94 35.96
N ARG C 319 -6.66 41.62 37.05
CA ARG C 319 -7.54 41.61 38.22
C ARG C 319 -8.88 42.23 37.90
N GLN C 320 -8.89 43.32 37.13
CA GLN C 320 -10.12 44.02 36.82
C GLN C 320 -11.06 43.17 35.96
N ILE C 321 -10.50 42.34 35.10
CA ILE C 321 -11.32 41.52 34.20
C ILE C 321 -11.68 40.19 34.85
N PHE C 322 -10.68 39.40 35.20
CA PHE C 322 -10.90 37.99 35.52
C PHE C 322 -11.35 37.74 36.96
N ILE C 323 -11.18 38.71 37.86
CA ILE C 323 -11.58 38.53 39.26
C ILE C 323 -12.97 39.09 39.52
N GLU C 324 -13.30 40.22 38.90
CA GLU C 324 -14.52 40.97 39.25
C GLU C 324 -15.63 40.85 38.22
N THR C 325 -15.32 40.90 36.94
CA THR C 325 -16.36 40.97 35.92
C THR C 325 -16.79 39.60 35.41
N LEU C 326 -15.82 38.79 34.96
CA LEU C 326 -16.16 37.51 34.34
C LEU C 326 -16.85 36.53 35.29
N PRO C 327 -16.38 36.31 36.53
CA PRO C 327 -16.97 35.25 37.35
C PRO C 327 -18.47 35.38 37.55
N PRO C 328 -19.02 36.59 37.73
CA PRO C 328 -20.49 36.69 37.74
C PRO C 328 -21.13 36.22 36.45
N PHE C 329 -20.51 36.47 35.31
CA PHE C 329 -21.11 36.10 34.04
C PHE C 329 -21.00 34.60 33.78
N LEU C 330 -19.92 33.97 34.23
CA LEU C 330 -19.70 32.55 34.03
C LEU C 330 -20.26 31.70 35.18
N TRP C 331 -20.90 32.32 36.16
CA TRP C 331 -21.46 31.62 37.32
C TRP C 331 -20.39 30.77 38.02
N ILE C 332 -19.22 31.37 38.22
CA ILE C 332 -18.09 30.63 38.79
C ILE C 332 -17.53 31.42 39.97
N GLN C 333 -18.41 32.14 40.67
CA GLN C 333 -17.99 32.88 41.86
C GLN C 333 -17.41 31.93 42.93
N ARG C 334 -16.70 32.52 43.87
CA ARG C 334 -16.06 31.75 44.94
C ARG C 334 -16.53 32.22 46.32
N PRO C 398 14.70 36.87 81.81
CA PRO C 398 15.57 35.70 81.71
C PRO C 398 16.02 35.44 80.28
N GLN C 399 17.26 34.99 80.11
CA GLN C 399 17.82 34.79 78.79
C GLN C 399 17.10 33.67 78.04
N ASP C 400 16.89 32.53 78.71
CA ASP C 400 16.23 31.41 78.06
C ASP C 400 14.81 31.77 77.66
N LEU C 401 14.06 32.40 78.55
CA LEU C 401 12.70 32.82 78.23
C LEU C 401 12.71 33.86 77.11
N LYS C 402 13.71 34.73 77.09
CA LYS C 402 13.82 35.73 76.04
C LYS C 402 13.99 35.07 74.68
N GLU C 403 14.88 34.07 74.60
CA GLU C 403 15.07 33.36 73.34
C GLU C 403 13.82 32.57 72.95
N ALA C 404 13.13 31.99 73.92
CA ALA C 404 11.90 31.27 73.62
C ALA C 404 10.85 32.22 73.03
N VAL C 405 10.69 33.40 73.63
CA VAL C 405 9.73 34.36 73.12
C VAL C 405 10.13 34.84 71.73
N GLU C 406 11.42 35.06 71.52
CA GLU C 406 11.89 35.47 70.20
C GLU C 406 11.60 34.40 69.16
N ALA C 407 11.80 33.13 69.51
CA ALA C 407 11.49 32.03 68.59
C ALA C 407 10.00 31.99 68.26
N ILE C 408 9.15 32.14 69.27
CA ILE C 408 7.71 32.13 69.03
C ILE C 408 7.31 33.28 68.12
N LYS C 409 7.88 34.47 68.38
CA LYS C 409 7.56 35.63 67.55
C LYS C 409 8.01 35.41 66.10
N TYR C 410 9.20 34.83 65.91
CA TYR C 410 9.67 34.58 64.56
C TYR C 410 8.78 33.59 63.84
N ILE C 411 8.33 32.55 64.55
CA ILE C 411 7.42 31.58 63.95
C ILE C 411 6.10 32.25 63.55
N ALA C 412 5.60 33.15 64.40
CA ALA C 412 4.36 33.86 64.06
C ALA C 412 4.54 34.72 62.82
N GLU C 413 5.67 35.42 62.71
CA GLU C 413 5.91 36.24 61.52
C GLU C 413 6.04 35.37 60.28
N GLN C 414 6.69 34.22 60.42
CA GLN C 414 6.80 33.29 59.29
C GLN C 414 5.43 32.83 58.83
N LEU C 415 4.53 32.54 59.77
CA LEU C 415 3.18 32.14 59.39
C LEU C 415 2.42 33.29 58.73
N GLU C 416 2.62 34.52 59.21
CA GLU C 416 2.06 35.69 58.53
C GLU C 416 2.48 35.72 57.06
N SER C 417 3.78 35.63 56.82
CA SER C 417 4.29 35.70 55.45
C SER C 417 3.77 34.56 54.60
N ALA C 418 3.73 33.35 55.17
CA ALA C 418 3.23 32.20 54.43
C ALA C 418 1.77 32.38 54.04
N SER C 419 0.95 32.88 54.97
CA SER C 419 -0.47 33.09 54.66
C SER C 419 -0.64 34.13 53.56
N GLU C 420 0.11 35.24 53.63
CA GLU C 420 -0.02 36.27 52.61
C GLU C 420 0.38 35.74 51.24
N PHE C 421 1.53 35.06 51.18
CA PHE C 421 2.01 34.50 49.93
C PHE C 421 1.01 33.49 49.37
N ASP C 422 0.45 32.64 50.24
CA ASP C 422 -0.51 31.65 49.79
C ASP C 422 -1.77 32.31 49.26
N ASP C 423 -2.23 33.39 49.90
CA ASP C 423 -3.41 34.09 49.41
C ASP C 423 -3.17 34.68 48.02
N LEU C 424 -2.01 35.27 47.80
CA LEU C 424 -1.73 35.81 46.47
C LEU C 424 -1.64 34.70 45.43
N LYS C 425 -1.03 33.56 45.79
CA LYS C 425 -1.00 32.43 44.87
C LYS C 425 -2.40 31.93 44.57
N LYS C 426 -3.28 31.94 45.57
CA LYS C 426 -4.67 31.55 45.35
C LYS C 426 -5.36 32.50 44.39
N ASP C 427 -5.04 33.79 44.48
CA ASP C 427 -5.61 34.74 43.52
C ASP C 427 -5.15 34.42 42.10
N TRP C 428 -3.87 34.10 41.93
CA TRP C 428 -3.39 33.72 40.59
C TRP C 428 -4.10 32.47 40.09
N GLN C 429 -4.26 31.47 40.97
CA GLN C 429 -4.93 30.24 40.56
C GLN C 429 -6.39 30.48 40.20
N TYR C 430 -7.05 31.39 40.91
CA TYR C 430 -8.44 31.73 40.57
C TYR C 430 -8.51 32.43 39.22
N VAL C 431 -7.54 33.30 38.93
CA VAL C 431 -7.47 33.89 37.58
C VAL C 431 -7.38 32.79 36.54
N ALA C 432 -6.51 31.82 36.78
CA ALA C 432 -6.35 30.72 35.83
C ALA C 432 -7.65 29.94 35.67
N MET C 433 -8.34 29.68 36.78
CA MET C 433 -9.58 28.91 36.72
C MET C 433 -10.67 29.65 35.95
N VAL C 434 -10.80 30.95 36.18
CA VAL C 434 -11.82 31.73 35.47
C VAL C 434 -11.51 31.77 33.98
N ALA C 435 -10.25 32.02 33.63
CA ALA C 435 -9.89 32.02 32.21
C ALA C 435 -10.15 30.66 31.58
N ASP C 436 -9.88 29.59 32.33
CA ASP C 436 -10.09 28.24 31.81
C ASP C 436 -11.57 28.00 31.55
N ARG C 437 -12.44 28.43 32.46
CA ARG C 437 -13.88 28.25 32.26
C ARG C 437 -14.37 29.05 31.06
N LEU C 438 -13.89 30.29 30.91
CA LEU C 438 -14.26 31.06 29.73
C LEU C 438 -13.84 30.37 28.45
N PHE C 439 -12.62 29.83 28.43
CA PHE C 439 -12.16 29.08 27.27
C PHE C 439 -13.04 27.87 27.01
N LEU C 440 -13.46 27.17 28.07
CA LEU C 440 -14.33 26.01 27.90
C LEU C 440 -15.61 26.40 27.19
N TYR C 441 -16.29 27.44 27.67
CA TYR C 441 -17.55 27.83 27.06
C TYR C 441 -17.35 28.28 25.61
N VAL C 442 -16.34 29.12 25.37
CA VAL C 442 -16.12 29.65 24.04
C VAL C 442 -15.80 28.53 23.06
N PHE C 443 -14.92 27.60 23.45
CA PHE C 443 -14.54 26.53 22.55
C PHE C 443 -15.68 25.56 22.32
N PHE C 444 -16.49 25.29 23.33
CA PHE C 444 -17.65 24.43 23.12
C PHE C 444 -18.60 25.04 22.09
N VAL C 445 -18.88 26.34 22.24
CA VAL C 445 -19.76 27.00 21.29
C VAL C 445 -19.18 26.97 19.89
N ILE C 446 -17.89 27.30 19.75
CA ILE C 446 -17.27 27.37 18.43
C ILE C 446 -17.26 26.00 17.78
N CYS C 447 -16.89 24.95 18.53
CA CYS C 447 -16.82 23.61 17.96
C CYS C 447 -18.20 23.15 17.50
N SER C 448 -19.22 23.34 18.34
CA SER C 448 -20.56 22.91 17.96
C SER C 448 -21.04 23.66 16.72
N ILE C 449 -20.86 24.99 16.71
CA ILE C 449 -21.34 25.77 15.58
C ILE C 449 -20.60 25.37 14.30
N GLY C 450 -19.28 25.22 14.37
CA GLY C 450 -18.54 24.87 13.18
C GLY C 450 -18.90 23.50 12.63
N THR C 451 -18.97 22.50 13.50
CA THR C 451 -19.33 21.16 13.04
C THR C 451 -20.72 21.14 12.45
N PHE C 452 -21.69 21.75 13.13
CA PHE C 452 -23.05 21.77 12.62
C PHE C 452 -23.13 22.50 11.29
N SER C 453 -22.45 23.64 11.18
CA SER C 453 -22.49 24.41 9.93
C SER C 453 -21.90 23.61 8.78
N ILE C 454 -20.74 22.98 9.00
CA ILE C 454 -20.08 22.24 7.93
C ILE C 454 -20.94 21.09 7.48
N PHE C 455 -21.49 20.32 8.42
CA PHE C 455 -22.25 19.15 8.02
C PHE C 455 -23.64 19.48 7.52
N LEU C 456 -24.20 20.62 7.91
CA LEU C 456 -25.45 21.07 7.30
C LEU C 456 -25.23 21.53 5.87
N ASP C 457 -24.11 22.22 5.63
CA ASP C 457 -23.77 22.59 4.26
C ASP C 457 -23.56 21.34 3.40
N ALA C 458 -22.86 20.35 3.94
CA ALA C 458 -22.61 19.13 3.18
C ALA C 458 -23.89 18.34 2.93
N SER C 459 -24.76 18.25 3.95
CA SER C 459 -25.97 17.45 3.82
C SER C 459 -26.92 17.99 2.76
N HIS C 460 -26.91 19.30 2.53
CA HIS C 460 -27.78 19.92 1.54
C HIS C 460 -27.06 20.04 0.20
N ASN C 461 -26.72 18.88 -0.36
CA ASN C 461 -26.05 18.80 -1.65
C ASN C 461 -26.59 17.57 -2.38
N VAL C 462 -27.48 17.79 -3.34
CA VAL C 462 -28.13 16.71 -4.08
C VAL C 462 -27.99 16.98 -5.57
N PRO C 463 -28.00 15.95 -6.42
CA PRO C 463 -27.95 16.20 -7.86
C PRO C 463 -29.21 16.89 -8.32
N PRO C 464 -29.11 17.73 -9.36
CA PRO C 464 -30.31 18.44 -9.84
C PRO C 464 -31.34 17.47 -10.38
N ASP C 465 -32.62 17.84 -10.23
CA ASP C 465 -33.69 17.01 -10.77
C ASP C 465 -33.64 16.95 -12.29
N ASN C 466 -33.24 18.04 -12.93
CA ASN C 466 -33.05 18.05 -14.37
C ASN C 466 -31.62 17.67 -14.70
N PRO C 467 -31.38 16.56 -15.41
CA PRO C 467 -30.00 16.14 -15.67
C PRO C 467 -29.22 17.06 -16.60
N PHE C 468 -29.90 17.97 -17.29
CA PHE C 468 -29.26 18.90 -18.24
C PHE C 468 -28.62 18.17 -19.41
N ALA C 469 -29.13 16.99 -19.74
CA ALA C 469 -28.61 16.20 -20.85
C ALA C 469 -29.63 15.17 -21.32
N SER D 1 -20.06 -0.04 -50.93
CA SER D 1 -20.12 0.65 -52.20
C SER D 1 -19.42 -0.17 -53.28
N GLU D 2 -20.04 -0.25 -54.46
CA GLU D 2 -19.44 -1.01 -55.56
C GLU D 2 -18.23 -0.28 -56.12
N HIS D 3 -18.36 1.02 -56.36
CA HIS D 3 -17.25 1.79 -56.90
C HIS D 3 -16.08 1.80 -55.94
N GLU D 4 -16.35 1.98 -54.65
CA GLU D 4 -15.27 1.97 -53.66
C GLU D 4 -14.61 0.61 -53.58
N THR D 5 -15.40 -0.46 -53.68
CA THR D 5 -14.83 -1.81 -53.68
C THR D 5 -13.89 -2.01 -54.86
N ARG D 6 -14.32 -1.58 -56.05
CA ARG D 6 -13.45 -1.70 -57.22
C ARG D 6 -12.19 -0.87 -57.06
N LEU D 7 -12.32 0.34 -56.52
CA LEU D 7 -11.16 1.21 -56.34
C LEU D 7 -10.17 0.60 -55.36
N VAL D 8 -10.66 0.06 -54.25
CA VAL D 8 -9.78 -0.53 -53.25
C VAL D 8 -9.11 -1.79 -53.81
N ALA D 9 -9.85 -2.57 -54.60
CA ALA D 9 -9.25 -3.73 -55.22
C ALA D 9 -8.15 -3.34 -56.20
N ASN D 10 -8.36 -2.28 -56.97
CA ASN D 10 -7.35 -1.89 -57.96
C ASN D 10 -6.15 -1.24 -57.30
N LEU D 11 -6.35 -0.47 -56.23
CA LEU D 11 -5.24 0.25 -55.62
C LEU D 11 -4.20 -0.70 -55.03
N LEU D 12 -4.65 -1.77 -54.38
CA LEU D 12 -3.77 -2.66 -53.65
C LEU D 12 -3.51 -3.97 -54.39
N GLU D 13 -3.66 -3.98 -55.72
CA GLU D 13 -3.42 -5.22 -56.46
C GLU D 13 -1.94 -5.51 -56.60
N ASN D 14 -1.12 -4.49 -56.81
CA ASN D 14 0.32 -4.66 -56.94
C ASN D 14 1.06 -3.62 -56.10
N TYR D 15 0.53 -3.33 -54.93
CA TYR D 15 1.10 -2.36 -54.01
C TYR D 15 1.90 -3.09 -52.95
N ASN D 16 3.18 -2.76 -52.83
CA ASN D 16 4.06 -3.35 -51.84
C ASN D 16 4.24 -2.35 -50.70
N LYS D 17 3.92 -2.78 -49.48
CA LYS D 17 4.01 -1.89 -48.33
C LYS D 17 5.40 -1.82 -47.74
N VAL D 18 6.37 -2.53 -48.32
CA VAL D 18 7.76 -2.47 -47.85
C VAL D 18 8.55 -1.38 -48.56
N ILE D 19 7.99 -0.76 -49.59
CA ILE D 19 8.70 0.17 -50.45
C ILE D 19 8.30 1.59 -50.10
N ARG D 20 9.30 2.48 -49.99
CA ARG D 20 9.03 3.88 -49.73
C ARG D 20 8.22 4.49 -50.87
N PRO D 21 7.32 5.41 -50.57
CA PRO D 21 6.55 6.09 -51.62
C PRO D 21 7.32 7.26 -52.24
N VAL D 22 8.26 6.93 -53.11
CA VAL D 22 9.04 7.92 -53.85
C VAL D 22 9.11 7.49 -55.30
N GLU D 23 8.99 8.45 -56.21
CA GLU D 23 9.08 8.15 -57.63
C GLU D 23 10.47 7.66 -58.00
N HIS D 24 11.49 8.10 -57.28
CA HIS D 24 12.87 7.67 -57.52
C HIS D 24 13.55 7.50 -56.18
N HIS D 25 14.41 6.48 -56.07
CA HIS D 25 14.95 6.10 -54.77
C HIS D 25 15.80 7.21 -54.14
N THR D 26 16.31 8.14 -54.93
CA THR D 26 17.11 9.22 -54.37
C THR D 26 16.28 10.28 -53.65
N HIS D 27 15.00 10.39 -53.97
CA HIS D 27 14.13 11.36 -53.30
C HIS D 27 13.83 10.91 -51.88
N PHE D 28 13.04 11.72 -51.17
CA PHE D 28 12.65 11.41 -49.81
C PHE D 28 11.16 11.67 -49.62
N VAL D 29 10.59 10.97 -48.65
CA VAL D 29 9.18 11.14 -48.30
C VAL D 29 9.09 12.29 -47.31
N ASP D 30 8.47 13.39 -47.72
CA ASP D 30 8.30 14.54 -46.84
C ASP D 30 7.07 14.32 -45.98
N ILE D 31 7.28 14.12 -44.69
CA ILE D 31 6.21 13.78 -43.75
C ILE D 31 6.00 14.96 -42.82
N THR D 32 4.76 15.36 -42.65
CA THR D 32 4.38 16.41 -41.72
C THR D 32 3.82 15.78 -40.46
N VAL D 33 4.50 15.98 -39.34
CA VAL D 33 4.15 15.35 -38.07
C VAL D 33 3.66 16.43 -37.11
N GLY D 34 2.50 16.19 -36.51
CA GLY D 34 1.96 17.08 -35.51
C GLY D 34 1.44 16.32 -34.31
N LEU D 35 1.64 16.83 -33.12
CA LEU D 35 1.16 16.19 -31.91
C LEU D 35 -0.07 16.92 -31.41
N GLN D 36 -1.02 16.16 -30.87
CA GLN D 36 -2.24 16.73 -30.31
C GLN D 36 -2.45 16.13 -28.92
N LEU D 37 -2.28 16.95 -27.89
CA LEU D 37 -2.32 16.48 -26.51
C LEU D 37 -3.76 16.46 -26.04
N ILE D 38 -4.38 15.28 -26.05
CA ILE D 38 -5.77 15.16 -25.61
C ILE D 38 -5.88 15.35 -24.12
N GLN D 39 -4.93 14.81 -23.35
CA GLN D 39 -5.05 14.78 -21.90
C GLN D 39 -3.70 14.45 -21.29
N LEU D 40 -3.41 15.09 -20.16
CA LEU D 40 -2.20 14.80 -19.38
C LEU D 40 -2.59 13.81 -18.30
N ILE D 41 -2.31 12.53 -18.53
CA ILE D 41 -2.80 11.50 -17.62
C ILE D 41 -2.13 11.62 -16.26
N SER D 42 -0.81 11.68 -16.21
CA SER D 42 -0.16 11.73 -14.90
C SER D 42 1.27 12.23 -15.03
N VAL D 43 1.81 12.66 -13.89
CA VAL D 43 3.21 13.04 -13.77
C VAL D 43 3.73 12.32 -12.53
N ASP D 44 4.29 11.14 -12.70
CA ASP D 44 4.81 10.32 -11.61
C ASP D 44 6.20 10.83 -11.26
N GLU D 45 6.28 11.58 -10.16
CA GLU D 45 7.54 12.21 -9.76
C GLU D 45 8.55 11.20 -9.24
N VAL D 46 8.07 10.21 -8.48
CA VAL D 46 8.99 9.24 -7.89
C VAL D 46 9.66 8.40 -8.98
N ASN D 47 8.90 8.01 -10.00
CA ASN D 47 9.46 7.30 -11.13
C ASN D 47 9.87 8.21 -12.27
N GLN D 48 9.56 9.51 -12.18
CA GLN D 48 9.97 10.50 -13.18
C GLN D 48 9.44 10.15 -14.57
N ILE D 49 8.15 9.84 -14.65
CA ILE D 49 7.53 9.43 -15.90
C ILE D 49 6.26 10.25 -16.11
N VAL D 50 6.09 10.80 -17.31
CA VAL D 50 4.92 11.60 -17.64
C VAL D 50 4.07 10.79 -18.62
N GLU D 51 2.85 10.47 -18.21
CA GLU D 51 1.92 9.73 -19.04
C GLU D 51 0.95 10.70 -19.70
N THR D 52 0.94 10.69 -21.03
CA THR D 52 0.12 11.60 -21.83
C THR D 52 -0.69 10.82 -22.84
N ASN D 53 -1.89 11.32 -23.12
CA ASN D 53 -2.75 10.79 -24.17
C ASN D 53 -2.62 11.72 -25.37
N VAL D 54 -2.13 11.19 -26.50
CA VAL D 54 -1.84 12.02 -27.65
C VAL D 54 -2.43 11.42 -28.91
N ARG D 55 -2.62 12.27 -29.90
CA ARG D 55 -2.89 11.86 -31.28
C ARG D 55 -1.70 12.31 -32.13
N LEU D 56 -1.14 11.38 -32.90
CA LEU D 56 0.09 11.65 -33.64
C LEU D 56 -0.24 11.79 -35.12
N ARG D 57 -0.64 13.00 -35.50
CA ARG D 57 -1.09 13.25 -36.88
C ARG D 57 0.10 13.23 -37.82
N GLN D 58 0.02 12.41 -38.86
CA GLN D 58 1.08 12.28 -39.85
C GLN D 58 0.48 12.42 -41.24
N GLN D 59 1.04 13.31 -42.04
CA GLN D 59 0.56 13.54 -43.39
C GLN D 59 1.70 13.36 -44.37
N TRP D 60 1.45 12.68 -45.48
CA TRP D 60 2.48 12.53 -46.50
C TRP D 60 1.82 12.26 -47.84
N ILE D 61 2.64 12.06 -48.86
CA ILE D 61 2.18 11.84 -50.23
C ILE D 61 2.61 10.44 -50.66
N ASP D 62 1.66 9.68 -51.20
CA ASP D 62 1.94 8.35 -51.74
C ASP D 62 1.44 8.34 -53.17
N VAL D 63 2.37 8.42 -54.13
CA VAL D 63 1.99 8.50 -55.53
C VAL D 63 1.31 7.22 -56.00
N ARG D 64 1.73 6.07 -55.47
CA ARG D 64 1.18 4.79 -55.90
C ARG D 64 -0.29 4.63 -55.56
N LEU D 65 -0.84 5.48 -54.70
CA LEU D 65 -2.23 5.38 -54.26
C LEU D 65 -3.09 6.50 -54.81
N ARG D 66 -2.84 6.89 -56.07
CA ARG D 66 -3.61 7.93 -56.72
C ARG D 66 -4.54 7.32 -57.75
N TRP D 67 -5.65 8.01 -58.04
CA TRP D 67 -6.61 7.53 -59.01
C TRP D 67 -7.35 8.73 -59.60
N ASN D 68 -8.05 8.48 -60.70
CA ASN D 68 -8.88 9.50 -61.33
C ASN D 68 -10.31 9.35 -60.84
N PRO D 69 -10.87 10.34 -60.14
CA PRO D 69 -12.19 10.15 -59.54
C PRO D 69 -13.29 9.84 -60.53
N ALA D 70 -13.22 10.41 -61.74
CA ALA D 70 -14.28 10.21 -62.73
C ALA D 70 -14.42 8.75 -63.13
N ASP D 71 -13.41 7.93 -62.92
CA ASP D 71 -13.47 6.52 -63.25
C ASP D 71 -14.12 5.68 -62.15
N TYR D 72 -14.36 6.25 -60.98
CA TYR D 72 -14.90 5.50 -59.86
C TYR D 72 -16.09 6.20 -59.24
N GLY D 73 -16.93 6.79 -60.08
CA GLY D 73 -18.16 7.39 -59.61
C GLY D 73 -18.01 8.70 -58.89
N GLY D 74 -16.83 9.30 -58.89
CA GLY D 74 -16.62 10.56 -58.21
C GLY D 74 -16.12 10.46 -56.79
N ILE D 75 -15.62 9.29 -56.38
CA ILE D 75 -15.05 9.14 -55.05
C ILE D 75 -13.77 9.96 -54.95
N LYS D 76 -13.64 10.72 -53.88
CA LYS D 76 -12.44 11.55 -53.68
C LYS D 76 -11.71 11.25 -52.38
N LYS D 77 -12.28 10.43 -51.51
CA LYS D 77 -11.62 10.05 -50.26
C LYS D 77 -12.02 8.63 -49.91
N ILE D 78 -11.05 7.85 -49.42
CA ILE D 78 -11.34 6.53 -48.89
C ILE D 78 -10.61 6.37 -47.56
N ARG D 79 -11.01 5.36 -46.80
CA ARG D 79 -10.41 5.08 -45.50
C ARG D 79 -9.74 3.71 -45.58
N LEU D 80 -8.44 3.72 -45.83
CA LEU D 80 -7.85 2.38 -45.89
C LEU D 80 -7.30 1.97 -44.53
N PRO D 81 -7.36 0.70 -44.17
CA PRO D 81 -6.68 0.25 -42.96
C PRO D 81 -5.19 0.53 -43.08
N SER D 82 -4.59 0.99 -41.98
CA SER D 82 -3.19 1.39 -42.03
C SER D 82 -2.27 0.20 -42.25
N ASP D 83 -2.73 -1.02 -41.97
CA ASP D 83 -1.90 -2.19 -42.16
C ASP D 83 -1.62 -2.50 -43.62
N ASP D 84 -2.30 -1.85 -44.56
CA ASP D 84 -2.18 -2.19 -45.96
C ASP D 84 -1.18 -1.33 -46.72
N VAL D 85 -0.85 -0.15 -46.21
CA VAL D 85 -0.02 0.79 -46.94
C VAL D 85 1.28 0.99 -46.17
N TRP D 86 2.23 1.65 -46.83
CA TRP D 86 3.48 2.00 -46.17
C TRP D 86 3.21 3.01 -45.06
N LEU D 87 3.85 2.80 -43.91
CA LEU D 87 3.74 3.73 -42.81
C LEU D 87 5.11 4.11 -42.31
N PRO D 88 5.28 5.33 -41.81
CA PRO D 88 6.58 5.73 -41.27
C PRO D 88 6.76 5.22 -39.85
N ASP D 89 7.87 4.53 -39.62
CA ASP D 89 8.18 4.04 -38.28
C ASP D 89 8.62 5.19 -37.38
N LEU D 90 7.66 5.84 -36.75
CA LEU D 90 7.93 7.03 -35.94
C LEU D 90 7.98 6.59 -34.48
N VAL D 91 9.13 6.81 -33.84
CA VAL D 91 9.43 6.27 -32.53
C VAL D 91 9.65 7.41 -31.56
N LEU D 92 9.12 7.24 -30.35
CA LEU D 92 9.39 8.13 -29.22
C LEU D 92 10.73 7.74 -28.62
N TYR D 93 11.74 8.59 -28.82
CA TYR D 93 13.10 8.24 -28.42
C TYR D 93 13.20 8.04 -26.91
N ASN D 94 12.60 8.93 -26.14
CA ASN D 94 12.76 8.95 -24.69
C ASN D 94 11.64 8.22 -23.97
N ASN D 95 11.11 7.16 -24.57
CA ASN D 95 10.11 6.34 -23.90
C ASN D 95 10.69 5.74 -22.63
N ALA D 96 9.86 5.62 -21.59
CA ALA D 96 10.32 5.14 -20.31
C ALA D 96 9.65 3.84 -19.88
N ASP D 97 8.35 3.69 -20.11
CA ASP D 97 7.66 2.48 -19.68
C ASP D 97 6.70 1.94 -20.72
N GLY D 98 6.31 2.72 -21.73
CA GLY D 98 5.32 2.32 -22.69
C GLY D 98 5.91 1.72 -23.94
N ASP D 99 5.15 1.81 -25.04
CA ASP D 99 5.58 1.29 -26.32
C ASP D 99 6.31 2.36 -27.11
N PHE D 100 7.37 1.96 -27.81
CA PHE D 100 8.16 2.91 -28.56
C PHE D 100 7.38 3.47 -29.74
N ALA D 101 6.79 2.61 -30.55
CA ALA D 101 6.10 3.02 -31.75
C ALA D 101 4.59 3.06 -31.50
N ILE D 102 3.84 3.44 -32.53
CA ILE D 102 2.39 3.41 -32.46
C ILE D 102 1.92 1.96 -32.51
N VAL D 103 1.02 1.61 -31.60
CA VAL D 103 0.51 0.24 -31.53
C VAL D 103 -0.94 0.12 -31.96
N HIS D 104 -1.69 1.21 -31.99
CA HIS D 104 -3.10 1.19 -32.39
C HIS D 104 -3.18 1.58 -33.86
N MET D 105 -3.23 0.59 -34.74
CA MET D 105 -3.28 0.82 -36.18
C MET D 105 -4.74 1.09 -36.58
N THR D 106 -5.11 2.36 -36.60
CA THR D 106 -6.43 2.77 -37.04
C THR D 106 -6.43 2.98 -38.55
N LYS D 107 -7.61 3.25 -39.09
CA LYS D 107 -7.71 3.54 -40.52
C LYS D 107 -7.17 4.93 -40.82
N LEU D 108 -6.75 5.13 -42.07
CA LEU D 108 -6.16 6.37 -42.51
C LEU D 108 -6.93 6.91 -43.72
N LEU D 109 -7.16 8.21 -43.70
CA LEU D 109 -7.81 8.89 -44.81
C LEU D 109 -6.85 9.00 -45.99
N LEU D 110 -7.39 8.84 -47.20
CA LEU D 110 -6.58 8.86 -48.42
C LEU D 110 -7.36 9.59 -49.49
N ASP D 111 -6.85 10.74 -49.92
CA ASP D 111 -7.46 11.51 -50.99
C ASP D 111 -7.17 10.85 -52.33
N TYR D 112 -7.65 11.48 -53.40
CA TYR D 112 -7.42 10.96 -54.75
C TYR D 112 -6.12 11.45 -55.36
N THR D 113 -5.44 12.41 -54.72
CA THR D 113 -4.16 12.89 -55.20
C THR D 113 -2.98 12.16 -54.57
N GLY D 114 -3.25 11.15 -53.75
CA GLY D 114 -2.22 10.43 -53.04
C GLY D 114 -1.97 10.93 -51.63
N LYS D 115 -2.47 12.11 -51.29
CA LYS D 115 -2.29 12.64 -49.94
C LYS D 115 -2.88 11.67 -48.92
N ILE D 116 -2.10 11.37 -47.88
CA ILE D 116 -2.50 10.45 -46.83
C ILE D 116 -2.40 11.17 -45.51
N MET D 117 -3.44 11.06 -44.69
CA MET D 117 -3.46 11.61 -43.35
C MET D 117 -3.82 10.51 -42.37
N TRP D 118 -2.99 10.34 -41.35
CA TRP D 118 -3.11 9.25 -40.40
C TRP D 118 -3.08 9.84 -38.99
N THR D 119 -4.08 9.53 -38.17
CA THR D 119 -4.20 10.12 -36.84
C THR D 119 -4.37 9.02 -35.81
N PRO D 120 -3.31 8.27 -35.52
CA PRO D 120 -3.41 7.22 -34.53
C PRO D 120 -3.30 7.78 -33.13
N PRO D 121 -4.00 7.18 -32.17
CA PRO D 121 -3.87 7.58 -30.77
C PRO D 121 -2.67 6.89 -30.15
N ALA D 122 -2.30 7.37 -28.97
CA ALA D 122 -1.15 6.78 -28.29
C ALA D 122 -1.16 7.22 -26.84
N ILE D 123 -0.62 6.36 -25.98
CA ILE D 123 -0.30 6.69 -24.60
C ILE D 123 1.22 6.74 -24.53
N PHE D 124 1.77 7.93 -24.36
CA PHE D 124 3.21 8.10 -24.28
C PHE D 124 3.61 8.25 -22.82
N LYS D 125 4.39 7.29 -22.33
CA LYS D 125 4.98 7.37 -21.00
C LYS D 125 6.43 7.84 -21.12
N SER D 126 6.57 9.13 -21.37
CA SER D 126 7.90 9.67 -21.61
C SER D 126 8.65 9.83 -20.29
N TYR D 127 9.96 10.00 -20.39
CA TYR D 127 10.82 10.18 -19.23
C TYR D 127 10.93 11.67 -18.93
N CYS D 128 10.63 12.04 -17.69
CA CYS D 128 10.54 13.44 -17.28
C CYS D 128 11.64 13.71 -16.26
N GLU D 129 12.51 14.67 -16.57
CA GLU D 129 13.56 15.07 -15.64
C GLU D 129 12.92 15.92 -14.55
N ILE D 130 12.30 15.25 -13.59
CA ILE D 130 11.61 15.93 -12.51
C ILE D 130 12.63 16.63 -11.63
N ILE D 131 12.40 17.90 -11.36
CA ILE D 131 13.31 18.72 -10.55
C ILE D 131 12.54 19.21 -9.34
N VAL D 132 12.63 18.47 -8.24
CA VAL D 132 11.94 18.81 -7.00
C VAL D 132 12.90 19.68 -6.17
N THR D 133 12.90 20.96 -6.48
CA THR D 133 13.62 21.94 -5.67
C THR D 133 12.73 23.06 -5.16
N HIS D 134 11.55 23.26 -5.75
CA HIS D 134 10.56 24.20 -5.24
C HIS D 134 9.24 23.51 -4.95
N PHE D 135 9.27 22.20 -4.77
CA PHE D 135 8.06 21.45 -4.48
C PHE D 135 7.41 22.00 -3.22
N PRO D 136 6.08 22.16 -3.20
CA PRO D 136 5.12 21.83 -4.25
C PRO D 136 4.82 22.96 -5.24
N PHE D 137 5.63 24.02 -5.25
CA PHE D 137 5.42 25.13 -6.16
C PHE D 137 6.32 25.03 -7.39
N ASP D 138 6.62 23.81 -7.82
CA ASP D 138 7.63 23.59 -8.85
C ASP D 138 7.07 23.79 -10.25
N GLN D 139 7.99 23.96 -11.19
CA GLN D 139 7.68 24.07 -12.61
C GLN D 139 8.47 23.00 -13.34
N GLN D 140 7.77 22.06 -13.99
CA GLN D 140 8.40 20.92 -14.63
C GLN D 140 8.43 21.12 -16.13
N ASN D 141 9.61 20.95 -16.71
CA ASN D 141 9.79 20.99 -18.15
C ASN D 141 10.28 19.61 -18.57
N CYS D 142 9.48 18.90 -19.36
CA CYS D 142 9.96 17.64 -19.89
C CYS D 142 9.22 17.28 -21.16
N THR D 143 9.93 16.57 -22.03
CA THR D 143 9.73 16.60 -23.46
C THR D 143 9.19 15.27 -23.99
N MET D 144 8.99 15.25 -25.30
CA MET D 144 8.53 14.09 -26.06
C MET D 144 9.31 14.14 -27.35
N LYS D 145 10.31 13.27 -27.45
CA LYS D 145 11.28 13.29 -28.54
C LYS D 145 10.89 12.23 -29.57
N LEU D 146 10.47 12.66 -30.74
CA LEU D 146 9.99 11.78 -31.79
C LEU D 146 10.90 11.82 -32.99
N GLY D 147 10.98 10.70 -33.69
CA GLY D 147 11.78 10.68 -34.92
C GLY D 147 11.61 9.36 -35.64
N ILE D 148 11.87 9.41 -36.94
CA ILE D 148 11.89 8.18 -37.73
C ILE D 148 13.09 7.35 -37.31
N TRP D 149 12.84 6.09 -36.97
CA TRP D 149 13.91 5.27 -36.40
C TRP D 149 14.89 4.81 -37.47
N THR D 150 14.42 4.08 -38.47
CA THR D 150 15.31 3.37 -39.38
C THR D 150 15.64 4.14 -40.64
N TYR D 151 15.16 5.36 -40.78
CA TYR D 151 15.46 6.19 -41.94
C TYR D 151 16.14 7.47 -41.48
N ASP D 152 17.14 7.90 -42.23
CA ASP D 152 17.82 9.16 -41.96
C ASP D 152 17.15 10.27 -42.75
N GLY D 153 17.77 11.45 -42.76
CA GLY D 153 17.16 12.60 -43.39
C GLY D 153 17.20 12.60 -44.90
N THR D 154 17.92 11.66 -45.52
CA THR D 154 17.98 11.57 -46.96
C THR D 154 16.98 10.59 -47.54
N LYS D 155 16.23 9.89 -46.69
CA LYS D 155 15.20 8.96 -47.15
C LYS D 155 13.81 9.33 -46.66
N VAL D 156 13.69 9.74 -45.40
CA VAL D 156 12.42 10.20 -44.84
C VAL D 156 12.69 11.50 -44.10
N SER D 157 11.92 12.53 -44.41
CA SER D 157 12.07 13.84 -43.80
C SER D 157 10.79 14.21 -43.07
N ILE D 158 10.90 14.57 -41.79
CA ILE D 158 9.76 14.95 -40.98
C ILE D 158 9.84 16.44 -40.68
N SER D 159 8.69 17.10 -40.65
CA SER D 159 8.61 18.52 -40.39
C SER D 159 7.37 18.77 -39.54
N PRO D 160 7.48 19.58 -38.48
CA PRO D 160 6.31 19.80 -37.62
C PRO D 160 5.21 20.55 -38.34
N GLU D 161 3.96 20.22 -37.98
CA GLU D 161 2.82 20.90 -38.55
C GLU D 161 2.84 22.38 -38.22
N SER D 162 3.13 22.72 -36.96
CA SER D 162 3.10 24.09 -36.49
C SER D 162 4.11 24.24 -35.37
N ASP D 163 4.42 25.49 -35.04
CA ASP D 163 5.42 25.76 -34.02
C ASP D 163 5.01 25.22 -32.66
N ARG D 164 3.73 24.97 -32.44
CA ARG D 164 3.25 24.49 -31.16
C ARG D 164 2.41 23.23 -31.33
N PRO D 165 2.44 22.33 -30.37
CA PRO D 165 1.52 21.18 -30.41
C PRO D 165 0.08 21.66 -30.26
N ASP D 166 -0.82 20.93 -30.90
CA ASP D 166 -2.23 21.32 -30.90
C ASP D 166 -2.86 20.97 -29.56
N LEU D 167 -3.34 22.00 -28.85
CA LEU D 167 -3.99 21.81 -27.56
C LEU D 167 -5.42 22.33 -27.59
N SER D 168 -6.05 22.38 -28.76
CA SER D 168 -7.40 22.90 -28.87
C SER D 168 -8.39 22.03 -28.08
N THR D 169 -8.26 20.72 -28.20
CA THR D 169 -9.13 19.78 -27.49
C THR D 169 -8.48 19.23 -26.23
N PHE D 170 -7.59 19.99 -25.61
CA PHE D 170 -6.93 19.55 -24.39
C PHE D 170 -7.91 19.48 -23.24
N MET D 171 -7.76 18.45 -22.41
CA MET D 171 -8.57 18.27 -21.22
C MET D 171 -7.79 18.82 -20.02
N GLU D 172 -8.32 19.87 -19.40
CA GLU D 172 -7.63 20.49 -18.27
C GLU D 172 -7.42 19.48 -17.16
N SER D 173 -6.18 19.40 -16.67
CA SER D 173 -5.81 18.34 -15.74
C SER D 173 -6.34 18.58 -14.33
N GLY D 174 -6.43 19.83 -13.90
CA GLY D 174 -6.83 20.11 -12.54
C GLY D 174 -5.72 19.96 -11.53
N GLU D 175 -4.50 19.63 -11.96
CA GLU D 175 -3.35 19.57 -11.07
C GLU D 175 -2.20 20.35 -11.66
N TRP D 176 -2.15 20.46 -12.98
CA TRP D 176 -1.07 21.15 -13.68
C TRP D 176 -1.66 22.14 -14.68
N VAL D 177 -0.89 23.18 -14.98
CA VAL D 177 -1.30 24.24 -15.89
C VAL D 177 -0.31 24.30 -17.05
N MET D 178 -0.83 24.31 -18.27
CA MET D 178 -0.02 24.37 -19.48
C MET D 178 0.47 25.80 -19.68
N LYS D 179 1.60 26.12 -19.04
CA LYS D 179 2.14 27.47 -19.17
C LYS D 179 2.61 27.75 -20.61
N ASP D 180 3.38 26.83 -21.17
CA ASP D 180 3.92 27.01 -22.50
C ASP D 180 4.11 25.64 -23.15
N TYR D 181 4.17 25.63 -24.46
CA TYR D 181 4.42 24.40 -25.20
C TYR D 181 4.95 24.77 -26.58
N ARG D 182 5.92 23.99 -27.06
CA ARG D 182 6.58 24.31 -28.31
C ARG D 182 7.08 23.02 -28.94
N GLY D 183 7.28 23.07 -30.26
CA GLY D 183 7.83 21.95 -30.99
C GLY D 183 8.98 22.38 -31.86
N TRP D 184 10.17 21.82 -31.62
CA TRP D 184 11.38 22.23 -32.32
C TRP D 184 11.90 21.08 -33.16
N LYS D 185 12.27 21.36 -34.40
CA LYS D 185 12.94 20.38 -35.25
C LYS D 185 14.44 20.49 -35.06
N HIS D 186 15.10 19.34 -35.02
CA HIS D 186 16.53 19.26 -34.76
C HIS D 186 17.24 18.51 -35.88
N TRP D 187 18.37 19.04 -36.31
CA TRP D 187 19.29 18.35 -37.20
C TRP D 187 20.48 17.90 -36.38
N VAL D 188 20.72 16.59 -36.37
CA VAL D 188 21.83 16.01 -35.61
C VAL D 188 22.80 15.39 -36.62
N TYR D 189 24.05 15.82 -36.56
CA TYR D 189 25.10 15.30 -37.43
C TYR D 189 26.06 14.47 -36.60
N TYR D 190 26.32 13.25 -37.05
CA TYR D 190 27.25 12.37 -36.37
C TYR D 190 28.58 12.30 -37.11
N THR D 191 29.65 12.14 -36.33
CA THR D 191 30.99 12.07 -36.92
C THR D 191 31.13 10.90 -37.88
N CYS D 192 30.40 9.80 -37.63
CA CYS D 192 30.42 8.67 -38.56
C CYS D 192 30.01 9.11 -39.95
N CYS D 193 28.88 9.80 -40.05
CA CYS D 193 28.11 9.88 -41.29
C CYS D 193 27.68 11.31 -41.52
N PRO D 194 28.64 12.22 -41.75
CA PRO D 194 28.29 13.64 -41.88
C PRO D 194 27.39 13.92 -43.08
N ASP D 195 27.45 13.09 -44.11
CA ASP D 195 26.61 13.30 -45.28
C ASP D 195 25.12 13.17 -44.95
N THR D 196 24.78 12.22 -44.07
CA THR D 196 23.38 11.93 -43.77
C THR D 196 23.00 12.54 -42.44
N PRO D 197 22.18 13.58 -42.41
CA PRO D 197 21.69 14.13 -41.14
C PRO D 197 20.54 13.30 -40.59
N TYR D 198 20.34 13.43 -39.28
CA TYR D 198 19.26 12.73 -38.59
C TYR D 198 18.27 13.76 -38.08
N LEU D 199 17.01 13.62 -38.50
CA LEU D 199 15.99 14.59 -38.17
C LEU D 199 15.23 14.18 -36.92
N ASP D 200 14.74 15.16 -36.19
CA ASP D 200 14.10 14.90 -34.91
C ASP D 200 13.15 16.06 -34.62
N ILE D 201 12.07 15.75 -33.91
CA ILE D 201 11.10 16.75 -33.45
C ILE D 201 10.90 16.54 -31.96
N THR D 202 11.17 17.55 -31.18
CA THR D 202 11.05 17.51 -29.73
C THR D 202 9.92 18.45 -29.31
N TYR D 203 8.86 17.88 -28.74
CA TYR D 203 7.76 18.67 -28.21
C TYR D 203 7.92 18.80 -26.71
N HIS D 204 7.97 20.03 -26.22
CA HIS D 204 8.16 20.25 -24.79
C HIS D 204 7.01 21.07 -24.23
N PHE D 205 6.59 20.69 -23.02
CA PHE D 205 5.50 21.32 -22.30
C PHE D 205 6.01 21.78 -20.95
N ILE D 206 5.64 23.01 -20.57
CA ILE D 206 6.01 23.58 -19.27
C ILE D 206 4.79 23.46 -18.37
N MET D 207 4.85 22.60 -17.36
CA MET D 207 3.73 22.38 -16.47
C MET D 207 3.99 23.07 -15.14
N GLN D 208 3.01 23.81 -14.66
CA GLN D 208 3.08 24.49 -13.37
C GLN D 208 2.12 23.79 -12.42
N ARG D 209 2.64 23.25 -11.32
CA ARG D 209 1.80 22.53 -10.38
C ARG D 209 0.89 23.50 -9.64
N ILE D 210 -0.39 23.12 -9.52
CA ILE D 210 -1.35 23.86 -8.71
C ILE D 210 -1.19 23.36 -7.27
N PRO D 211 -0.71 24.18 -6.35
CA PRO D 211 -0.22 23.66 -5.07
C PRO D 211 -1.25 23.55 -3.95
N LEU D 212 -2.52 23.87 -4.21
CA LEU D 212 -3.50 23.95 -3.13
C LEU D 212 -3.60 22.64 -2.36
N TYR D 213 -3.66 21.52 -3.08
CA TYR D 213 -3.79 20.22 -2.42
C TYR D 213 -2.60 19.95 -1.50
N PHE D 214 -1.39 20.10 -2.02
CA PHE D 214 -0.21 19.83 -1.21
C PHE D 214 -0.07 20.82 -0.06
N VAL D 215 -0.39 22.10 -0.30
CA VAL D 215 -0.40 23.06 0.80
C VAL D 215 -1.30 22.55 1.92
N VAL D 216 -2.58 22.35 1.61
CA VAL D 216 -3.55 22.00 2.64
C VAL D 216 -3.19 20.69 3.32
N ASN D 217 -2.69 19.72 2.57
CA ASN D 217 -2.47 18.39 3.14
C ASN D 217 -1.13 18.19 3.81
N VAL D 218 -0.14 19.06 3.55
CA VAL D 218 1.17 18.85 4.16
C VAL D 218 1.64 20.10 4.88
N ILE D 219 1.64 21.24 4.18
CA ILE D 219 2.37 22.39 4.66
C ILE D 219 1.69 22.99 5.90
N ILE D 220 0.36 23.10 5.86
CA ILE D 220 -0.34 23.73 6.99
C ILE D 220 -0.16 22.95 8.28
N PRO D 221 -0.31 21.62 8.32
CA PRO D 221 0.00 20.91 9.56
C PRO D 221 1.45 21.04 9.98
N CYS D 222 2.39 21.02 9.03
CA CYS D 222 3.79 21.21 9.37
C CYS D 222 4.02 22.60 9.96
N LEU D 223 3.41 23.62 9.37
CA LEU D 223 3.52 24.96 9.92
C LEU D 223 2.92 25.03 11.32
N LEU D 224 1.80 24.34 11.52
CA LEU D 224 1.15 24.33 12.84
C LEU D 224 2.07 23.72 13.90
N PHE D 225 2.67 22.58 13.58
CA PHE D 225 3.54 21.94 14.57
C PHE D 225 4.83 22.73 14.76
N SER D 226 5.32 23.38 13.71
CA SER D 226 6.47 24.27 13.87
C SER D 226 6.13 25.41 14.81
N PHE D 227 4.92 25.97 14.69
CA PHE D 227 4.51 27.04 15.61
C PHE D 227 4.39 26.52 17.03
N LEU D 228 3.83 25.32 17.20
CA LEU D 228 3.69 24.76 18.54
C LEU D 228 5.04 24.39 19.15
N THR D 229 6.08 24.25 18.33
CA THR D 229 7.41 23.96 18.85
C THR D 229 7.82 24.93 19.95
N GLY D 230 7.71 26.23 19.68
CA GLY D 230 8.15 27.23 20.62
C GLY D 230 7.20 27.51 21.76
N LEU D 231 6.06 26.83 21.79
CA LEU D 231 5.12 27.03 22.89
C LEU D 231 5.59 26.39 24.18
N VAL D 232 6.54 25.44 24.11
CA VAL D 232 7.02 24.78 25.32
C VAL D 232 7.76 25.76 26.22
N PHE D 233 8.27 26.86 25.67
CA PHE D 233 9.01 27.81 26.49
C PHE D 233 8.08 28.56 27.44
N TYR D 234 6.81 28.70 27.07
CA TYR D 234 5.83 29.32 27.97
C TYR D 234 5.28 28.37 29.01
N LEU D 235 5.47 27.07 28.84
CA LEU D 235 4.96 26.10 29.79
C LEU D 235 5.80 26.13 31.07
N PRO D 236 5.19 26.33 32.24
CA PRO D 236 5.97 26.36 33.47
C PRO D 236 6.60 25.01 33.77
N THR D 237 7.79 25.06 34.38
CA THR D 237 8.50 23.83 34.69
C THR D 237 7.82 23.02 35.78
N ASP D 238 7.11 23.69 36.69
CA ASP D 238 6.47 22.98 37.80
C ASP D 238 5.41 22.00 37.30
N SER D 239 4.77 22.29 36.17
CA SER D 239 3.74 21.41 35.65
C SER D 239 4.29 20.04 35.28
N GLY D 240 5.58 19.95 34.94
CA GLY D 240 6.15 18.67 34.56
C GLY D 240 5.55 18.10 33.30
N GLU D 241 5.29 18.94 32.31
CA GLU D 241 4.69 18.49 31.06
C GLU D 241 5.42 19.03 29.84
N LYS D 242 6.59 19.66 30.04
CA LYS D 242 7.34 20.20 28.90
C LYS D 242 7.82 19.09 27.98
N MET D 243 8.27 17.98 28.57
CA MET D 243 8.75 16.86 27.78
C MET D 243 7.65 16.31 26.89
N THR D 244 6.44 16.17 27.43
CA THR D 244 5.33 15.64 26.63
C THR D 244 5.11 16.50 25.39
N LEU D 245 4.97 17.81 25.57
CA LEU D 245 4.72 18.71 24.45
C LEU D 245 5.86 18.66 23.43
N SER D 246 7.10 18.82 23.91
CA SER D 246 8.22 18.89 22.98
C SER D 246 8.39 17.59 22.20
N ILE D 247 8.34 16.45 22.90
CA ILE D 247 8.56 15.19 22.23
C ILE D 247 7.42 14.87 21.27
N SER D 248 6.18 15.22 21.64
CA SER D 248 5.07 15.00 20.73
C SER D 248 5.21 15.83 19.46
N VAL D 249 5.65 17.07 19.60
CA VAL D 249 5.92 17.89 18.41
C VAL D 249 6.99 17.24 17.56
N LEU D 250 8.05 16.72 18.19
CA LEU D 250 9.11 16.05 17.44
C LEU D 250 8.58 14.84 16.69
N LEU D 251 7.72 14.03 17.33
CA LEU D 251 7.17 12.86 16.69
C LEU D 251 6.27 13.23 15.52
N SER D 252 5.47 14.28 15.69
CA SER D 252 4.64 14.73 14.57
C SER D 252 5.49 15.17 13.39
N LEU D 253 6.58 15.90 13.67
CA LEU D 253 7.44 16.32 12.57
C LEU D 253 8.16 15.13 11.92
N THR D 254 8.52 14.11 12.69
CA THR D 254 9.16 12.96 12.04
C THR D 254 8.15 12.20 11.18
N VAL D 255 6.89 12.15 11.60
CA VAL D 255 5.85 11.55 10.76
C VAL D 255 5.67 12.34 9.48
N PHE D 256 5.70 13.67 9.57
CA PHE D 256 5.52 14.47 8.36
C PHE D 256 6.74 14.39 7.45
N LEU D 257 7.93 14.19 8.01
CA LEU D 257 9.09 13.93 7.17
C LEU D 257 8.94 12.58 6.45
N LEU D 258 8.46 11.57 7.16
CA LEU D 258 8.08 10.31 6.53
C LEU D 258 7.13 10.54 5.35
N VAL D 259 6.15 11.42 5.55
CA VAL D 259 5.20 11.74 4.48
C VAL D 259 5.92 12.38 3.29
N ILE D 260 6.83 13.32 3.58
CA ILE D 260 7.54 14.02 2.50
C ILE D 260 8.37 13.04 1.67
N VAL D 261 9.13 12.17 2.34
CA VAL D 261 10.11 11.36 1.61
C VAL D 261 9.41 10.40 0.65
N GLU D 262 8.17 10.02 0.92
CA GLU D 262 7.41 9.15 0.03
C GLU D 262 6.63 9.93 -1.02
N LEU D 263 6.76 11.25 -1.06
CA LEU D 263 6.11 12.08 -2.06
C LEU D 263 7.03 12.49 -3.20
N ILE D 264 8.33 12.56 -2.96
CA ILE D 264 9.29 13.09 -3.92
C ILE D 264 10.29 12.01 -4.32
N PRO D 265 10.93 12.11 -5.48
CA PRO D 265 11.90 11.08 -5.87
C PRO D 265 13.15 11.13 -5.03
N SER D 266 13.90 10.03 -5.04
CA SER D 266 15.11 9.89 -4.25
C SER D 266 16.33 10.47 -4.96
N THR D 267 16.13 11.35 -5.94
CA THR D 267 17.25 11.94 -6.65
C THR D 267 18.02 12.90 -5.76
N SER D 268 19.34 12.94 -5.96
CA SER D 268 20.21 13.79 -5.18
C SER D 268 20.78 14.95 -5.99
N SER D 269 20.26 15.19 -7.20
CA SER D 269 20.76 16.30 -8.01
C SER D 269 20.49 17.63 -7.33
N ALA D 270 19.30 17.79 -6.73
CA ALA D 270 18.96 18.99 -6.00
C ALA D 270 18.18 18.60 -4.75
N VAL D 271 18.52 19.23 -3.63
CA VAL D 271 17.81 18.98 -2.38
C VAL D 271 16.50 19.76 -2.40
N PRO D 272 15.36 19.12 -2.15
CA PRO D 272 14.10 19.85 -2.12
C PRO D 272 14.09 20.87 -0.99
N LEU D 273 13.50 22.03 -1.26
CA LEU D 273 13.44 23.06 -0.23
C LEU D 273 12.51 22.66 0.90
N ILE D 274 11.44 21.93 0.60
CA ILE D 274 10.53 21.50 1.65
C ILE D 274 11.23 20.55 2.62
N GLY D 275 11.99 19.59 2.08
CA GLY D 275 12.71 18.68 2.94
C GLY D 275 13.80 19.37 3.74
N LYS D 276 14.50 20.32 3.12
CA LYS D 276 15.53 21.06 3.84
C LYS D 276 14.93 21.88 4.97
N TYR D 277 13.80 22.54 4.71
CA TYR D 277 13.16 23.32 5.77
C TYR D 277 12.60 22.42 6.86
N MET D 278 12.13 21.23 6.49
CA MET D 278 11.67 20.28 7.49
C MET D 278 12.83 19.82 8.38
N LEU D 279 13.99 19.58 7.77
CA LEU D 279 15.18 19.26 8.54
C LEU D 279 15.56 20.40 9.47
N PHE D 280 15.43 21.65 8.99
CA PHE D 280 15.73 22.80 9.83
C PHE D 280 14.77 22.86 11.02
N THR D 281 13.49 22.59 10.80
CA THR D 281 12.54 22.56 11.90
C THR D 281 12.85 21.44 12.88
N MET D 282 13.31 20.30 12.38
CA MET D 282 13.74 19.22 13.28
C MET D 282 14.93 19.65 14.12
N ILE D 283 15.90 20.32 13.51
CA ILE D 283 17.04 20.83 14.26
C ILE D 283 16.57 21.81 15.33
N PHE D 284 15.61 22.67 14.98
CA PHE D 284 15.07 23.59 15.96
C PHE D 284 14.39 22.86 17.12
N VAL D 285 13.61 21.82 16.81
CA VAL D 285 12.91 21.09 17.86
C VAL D 285 13.91 20.39 18.76
N ILE D 286 14.97 19.83 18.18
CA ILE D 286 16.00 19.17 18.99
C ILE D 286 16.70 20.18 19.89
N SER D 287 17.02 21.35 19.35
CA SER D 287 17.64 22.39 20.17
C SER D 287 16.70 22.84 21.28
N SER D 288 15.41 22.96 20.97
CA SER D 288 14.43 23.33 21.98
C SER D 288 14.35 22.28 23.08
N ILE D 289 14.37 21.01 22.71
CA ILE D 289 14.33 19.94 23.71
C ILE D 289 15.56 19.97 24.58
N ILE D 290 16.74 20.17 23.98
CA ILE D 290 17.97 20.20 24.75
C ILE D 290 17.95 21.37 25.73
N ILE D 291 17.56 22.54 25.23
CA ILE D 291 17.61 23.72 26.10
C ILE D 291 16.50 23.69 27.14
N THR D 292 15.37 23.05 26.86
CA THR D 292 14.35 22.93 27.91
C THR D 292 14.74 21.86 28.93
N VAL D 293 15.52 20.86 28.53
CA VAL D 293 16.10 19.95 29.52
C VAL D 293 17.06 20.72 30.41
N VAL D 294 17.86 21.60 29.83
CA VAL D 294 18.74 22.44 30.64
C VAL D 294 17.94 23.32 31.59
N VAL D 295 16.84 23.89 31.11
CA VAL D 295 15.98 24.72 31.95
C VAL D 295 15.40 23.91 33.10
N ILE D 296 14.90 22.70 32.82
CA ILE D 296 14.32 21.87 33.87
C ILE D 296 15.39 21.51 34.89
N ASN D 297 16.60 21.19 34.43
CA ASN D 297 17.68 20.87 35.35
C ASN D 297 18.01 22.07 36.23
N THR D 298 18.07 23.27 35.66
CA THR D 298 18.36 24.46 36.44
C THR D 298 17.26 24.75 37.45
N HIS D 299 16.00 24.58 37.04
CA HIS D 299 14.88 24.90 37.92
C HIS D 299 14.88 24.03 39.16
N HIS D 300 15.13 22.73 39.01
CA HIS D 300 15.12 21.78 40.11
C HIS D 300 16.48 21.64 40.77
N ARG D 301 17.37 22.61 40.59
CA ARG D 301 18.69 22.52 41.19
C ARG D 301 18.60 22.61 42.70
N SER D 302 19.37 21.75 43.38
CA SER D 302 19.34 21.73 44.83
C SER D 302 20.14 22.91 45.38
N PRO D 303 19.54 23.76 46.21
CA PRO D 303 20.30 24.88 46.79
C PRO D 303 21.42 24.44 47.70
N SER D 304 21.34 23.25 48.29
CA SER D 304 22.39 22.80 49.19
C SER D 304 23.69 22.50 48.44
N THR D 305 23.59 21.83 47.29
CA THR D 305 24.78 21.39 46.58
C THR D 305 25.30 22.41 45.59
N HIS D 306 24.41 23.14 44.94
CA HIS D 306 24.79 24.13 43.93
C HIS D 306 24.57 25.52 44.50
N THR D 307 25.59 26.38 44.38
CA THR D 307 25.49 27.76 44.79
C THR D 307 25.63 28.65 43.56
N MET D 308 24.78 29.67 43.49
CA MET D 308 24.68 30.47 42.27
C MET D 308 25.94 31.30 42.06
N PRO D 309 26.60 31.18 40.90
CA PRO D 309 27.73 32.07 40.62
C PRO D 309 27.27 33.51 40.46
N GLN D 310 28.21 34.43 40.75
CA GLN D 310 27.86 35.85 40.73
C GLN D 310 27.44 36.31 39.35
N TRP D 311 28.13 35.83 38.31
CA TRP D 311 27.80 36.27 36.95
C TRP D 311 26.39 35.87 36.56
N VAL D 312 25.98 34.64 36.91
CA VAL D 312 24.63 34.20 36.60
C VAL D 312 23.61 35.10 37.28
N ARG D 313 23.83 35.39 38.55
CA ARG D 313 22.91 36.26 39.29
C ARG D 313 22.83 37.63 38.65
N LYS D 314 23.98 38.21 38.31
CA LYS D 314 23.98 39.53 37.70
C LYS D 314 23.24 39.54 36.37
N ILE D 315 23.53 38.56 35.51
CA ILE D 315 22.94 38.55 34.18
C ILE D 315 21.43 38.32 34.25
N PHE D 316 21.00 37.33 35.03
CA PHE D 316 19.63 36.86 34.94
C PHE D 316 18.73 37.37 36.05
N ILE D 317 19.24 38.20 36.96
CA ILE D 317 18.40 38.80 37.99
C ILE D 317 18.51 40.32 38.03
N ASP D 318 19.59 40.91 37.53
CA ASP D 318 19.84 42.34 37.69
C ASP D 318 19.62 43.15 36.43
N THR D 319 19.87 42.60 35.25
CA THR D 319 19.82 43.37 34.02
C THR D 319 18.75 42.91 33.04
N ILE D 320 18.68 41.62 32.74
CA ILE D 320 17.76 41.10 31.74
C ILE D 320 16.29 41.32 32.13
N PRO D 321 15.87 41.06 33.37
CA PRO D 321 14.45 41.29 33.70
C PRO D 321 13.98 42.71 33.46
N ASN D 322 14.86 43.70 33.57
CA ASN D 322 14.45 45.07 33.25
C ASN D 322 14.26 45.28 31.76
N VAL D 323 14.89 44.47 30.92
CA VAL D 323 14.83 44.67 29.48
C VAL D 323 13.44 44.38 28.95
N MET D 324 12.77 43.37 29.51
CA MET D 324 11.47 42.94 28.99
C MET D 324 10.39 43.88 29.53
N PHE D 325 9.90 44.76 28.66
CA PHE D 325 8.78 45.63 29.05
C PHE D 325 7.44 44.91 28.94
N PHE D 326 7.29 44.03 27.94
CA PHE D 326 6.04 43.32 27.74
C PHE D 326 5.84 42.16 28.70
N SER D 327 6.79 41.91 29.58
CA SER D 327 6.68 40.85 30.56
C SER D 327 6.17 41.42 31.89
N THR D 328 5.56 40.55 32.69
CA THR D 328 4.99 40.91 33.98
C THR D 328 5.82 40.34 35.14
N MET D 329 7.13 40.25 34.96
CA MET D 329 8.00 39.75 36.01
C MET D 329 8.09 40.75 37.16
N LYS D 330 8.63 40.29 38.28
CA LYS D 330 8.87 41.12 39.44
C LYS D 330 10.32 41.56 39.42
N ARG D 331 10.54 42.87 39.37
CA ARG D 331 11.89 43.41 39.26
C ARG D 331 12.19 44.39 40.38
N PRO D 370 14.55 21.41 84.42
CA PRO D 370 14.65 20.08 83.81
C PRO D 370 13.91 19.97 82.47
N ASP D 371 12.63 19.61 82.54
CA ASP D 371 11.85 19.45 81.32
C ASP D 371 11.57 20.79 80.64
N VAL D 372 11.44 21.86 81.41
CA VAL D 372 11.19 23.18 80.82
C VAL D 372 12.38 23.61 79.96
N LYS D 373 13.60 23.28 80.39
CA LYS D 373 14.76 23.57 79.57
C LYS D 373 14.72 22.79 78.26
N SER D 374 14.30 21.53 78.31
CA SER D 374 14.17 20.74 77.09
C SER D 374 13.13 21.36 76.16
N ALA D 375 12.00 21.81 76.71
CA ALA D 375 10.97 22.42 75.88
C ALA D 375 11.48 23.70 75.24
N ILE D 376 12.19 24.53 76.00
CA ILE D 376 12.73 25.77 75.44
C ILE D 376 13.72 25.47 74.33
N GLU D 377 14.59 24.48 74.55
CA GLU D 377 15.54 24.10 73.51
C GLU D 377 14.83 23.57 72.27
N GLY D 378 13.73 22.84 72.46
CA GLY D 378 12.97 22.35 71.33
C GLY D 378 12.33 23.47 70.52
N VAL D 379 11.79 24.47 71.21
CA VAL D 379 11.24 25.63 70.51
C VAL D 379 12.33 26.35 69.74
N LYS D 380 13.51 26.51 70.36
CA LYS D 380 14.63 27.12 69.66
C LYS D 380 15.04 26.30 68.44
N TYR D 381 15.00 24.97 68.56
CA TYR D 381 15.33 24.13 67.42
C TYR D 381 14.32 24.30 66.29
N ILE D 382 13.04 24.43 66.64
CA ILE D 382 12.02 24.68 65.61
C ILE D 382 12.30 25.99 64.90
N ALA D 383 12.65 27.03 65.67
CA ALA D 383 12.99 28.31 65.05
C ALA D 383 14.20 28.19 64.13
N GLU D 384 15.22 27.45 64.57
CA GLU D 384 16.41 27.29 63.73
C GLU D 384 16.08 26.55 62.45
N HIS D 385 15.26 25.50 62.54
CA HIS D 385 14.89 24.77 61.33
C HIS D 385 14.08 25.65 60.38
N MET D 386 13.22 26.52 60.93
CA MET D 386 12.51 27.46 60.07
C MET D 386 13.47 28.43 59.41
N LYS D 387 14.49 28.89 60.14
CA LYS D 387 15.54 29.73 59.55
C LYS D 387 16.16 29.04 58.34
N SER D 388 16.63 27.81 58.53
CA SER D 388 17.32 27.09 57.46
C SER D 388 16.38 26.83 56.29
N ASP D 389 15.13 26.48 56.58
CA ASP D 389 14.17 26.24 55.50
C ASP D 389 13.90 27.50 54.71
N GLU D 390 13.77 28.65 55.39
CA GLU D 390 13.56 29.90 54.68
C GLU D 390 14.73 30.24 53.78
N GLU D 391 15.96 30.06 54.28
CA GLU D 391 17.12 30.38 53.46
C GLU D 391 17.23 29.45 52.25
N SER D 392 17.02 28.15 52.46
CA SER D 392 17.07 27.21 51.36
C SER D 392 15.98 27.50 50.33
N SER D 393 14.78 27.85 50.80
CA SER D 393 13.69 28.17 49.88
C SER D 393 13.99 29.44 49.11
N ASN D 394 14.65 30.41 49.73
CA ASN D 394 15.05 31.62 49.01
C ASN D 394 16.03 31.28 47.90
N ALA D 395 17.02 30.43 48.19
CA ALA D 395 17.97 30.04 47.15
C ALA D 395 17.28 29.28 46.02
N ALA D 396 16.39 28.35 46.37
CA ALA D 396 15.66 27.61 45.35
C ALA D 396 14.79 28.54 44.51
N GLU D 397 14.20 29.56 45.15
CA GLU D 397 13.39 30.51 44.41
C GLU D 397 14.24 31.33 43.45
N GLU D 398 15.46 31.68 43.85
CA GLU D 398 16.36 32.35 42.93
C GLU D 398 16.68 31.47 41.73
N TRP D 399 16.93 30.19 41.96
CA TRP D 399 17.18 29.28 40.84
C TRP D 399 15.97 29.20 39.92
N LYS D 400 14.77 29.12 40.49
CA LYS D 400 13.56 29.06 39.67
C LYS D 400 13.38 30.34 38.88
N TYR D 401 13.72 31.49 39.48
CA TYR D 401 13.65 32.75 38.75
C TYR D 401 14.61 32.77 37.58
N VAL D 402 15.83 32.25 37.76
CA VAL D 402 16.77 32.18 36.65
C VAL D 402 16.22 31.30 35.53
N ALA D 403 15.63 30.16 35.89
CA ALA D 403 15.06 29.29 34.87
C ALA D 403 13.92 29.97 34.13
N MET D 404 13.07 30.70 34.85
CA MET D 404 11.97 31.40 34.21
C MET D 404 12.50 32.47 33.25
N VAL D 405 13.56 33.17 33.65
CA VAL D 405 14.14 34.19 32.78
C VAL D 405 14.69 33.54 31.51
N ILE D 406 15.33 32.39 31.64
CA ILE D 406 15.85 31.69 30.47
C ILE D 406 14.71 31.34 29.51
N ASP D 407 13.63 30.79 30.07
CA ASP D 407 12.48 30.45 29.24
C ASP D 407 11.91 31.68 28.55
N HIS D 408 11.86 32.81 29.24
CA HIS D 408 11.23 33.97 28.65
C HIS D 408 12.12 34.57 27.57
N ILE D 409 13.44 34.51 27.74
CA ILE D 409 14.36 34.90 26.68
C ILE D 409 14.12 34.06 25.43
N LEU D 410 14.05 32.74 25.62
CA LEU D 410 13.85 31.87 24.46
C LEU D 410 12.50 32.10 23.80
N LEU D 411 11.46 32.32 24.60
CA LEU D 411 10.15 32.59 24.05
C LEU D 411 10.15 33.89 23.24
N CYS D 412 10.82 34.93 23.74
CA CYS D 412 10.91 36.17 22.99
C CYS D 412 11.64 35.97 21.68
N VAL D 413 12.71 35.18 21.69
CA VAL D 413 13.43 34.89 20.45
C VAL D 413 12.51 34.18 19.45
N PHE D 414 11.77 33.18 19.94
CA PHE D 414 10.88 32.42 19.06
C PHE D 414 9.76 33.32 18.51
N MET D 415 9.21 34.19 19.34
CA MET D 415 8.17 35.11 18.88
C MET D 415 8.72 36.08 17.85
N LEU D 416 9.95 36.55 18.05
CA LEU D 416 10.56 37.43 17.04
C LEU D 416 10.72 36.70 15.72
N ILE D 417 11.16 35.45 15.76
CA ILE D 417 11.30 34.66 14.54
C ILE D 417 9.95 34.52 13.85
N CYS D 418 8.91 34.20 14.61
CA CYS D 418 7.59 34.03 14.02
C CYS D 418 7.08 35.32 13.40
N ILE D 419 7.25 36.44 14.09
CA ILE D 419 6.77 37.73 13.57
C ILE D 419 7.50 38.08 12.28
N ILE D 420 8.83 37.93 12.29
CA ILE D 420 9.61 38.25 11.10
C ILE D 420 9.18 37.38 9.93
N GLY D 421 9.02 36.07 10.18
CA GLY D 421 8.62 35.19 9.09
C GLY D 421 7.25 35.52 8.53
N THR D 422 6.26 35.71 9.41
CA THR D 422 4.91 35.99 8.95
C THR D 422 4.85 37.30 8.19
N VAL D 423 5.52 38.34 8.68
CA VAL D 423 5.51 39.62 7.98
C VAL D 423 6.23 39.51 6.64
N SER D 424 7.36 38.81 6.61
CA SER D 424 8.17 38.77 5.40
C SER D 424 7.48 37.98 4.29
N VAL D 425 7.00 36.77 4.60
CA VAL D 425 6.46 35.94 3.54
C VAL D 425 4.99 36.26 3.24
N PHE D 426 4.25 36.80 4.21
CA PHE D 426 2.84 37.09 4.02
C PHE D 426 2.47 38.44 4.62
N GLU E 1 9.80 4.36 -61.37
CA GLU E 1 9.33 3.96 -60.05
C GLU E 1 10.49 3.73 -59.11
N ASN E 2 10.18 3.51 -57.82
CA ASN E 2 11.20 3.22 -56.83
C ASN E 2 11.88 1.89 -57.18
N GLU E 3 13.16 1.95 -57.54
CA GLU E 3 13.86 0.75 -57.96
C GLU E 3 14.02 -0.26 -56.83
N GLU E 4 13.87 0.16 -55.58
CA GLU E 4 13.91 -0.77 -54.47
C GLU E 4 12.79 -1.81 -54.56
N GLY E 5 11.73 -1.52 -55.31
CA GLY E 5 10.62 -2.44 -55.46
C GLY E 5 11.03 -3.79 -56.02
N ARG E 6 11.56 -3.79 -57.24
CA ARG E 6 11.94 -5.06 -57.86
C ARG E 6 13.10 -5.71 -57.13
N LEU E 7 14.02 -4.91 -56.58
CA LEU E 7 15.13 -5.46 -55.82
C LEU E 7 14.63 -6.25 -54.61
N ILE E 8 13.75 -5.64 -53.81
CA ILE E 8 13.22 -6.33 -52.63
C ILE E 8 12.36 -7.51 -53.03
N GLU E 9 11.61 -7.37 -54.13
CA GLU E 9 10.83 -8.52 -54.61
C GLU E 9 11.73 -9.69 -54.97
N LYS E 10 12.85 -9.42 -55.63
CA LYS E 10 13.76 -10.50 -56.00
C LYS E 10 14.43 -11.10 -54.78
N LEU E 11 14.88 -10.26 -53.83
CA LEU E 11 15.55 -10.78 -52.65
C LEU E 11 14.62 -11.63 -51.80
N LEU E 12 13.46 -11.08 -51.44
CA LEU E 12 12.53 -11.78 -50.57
C LEU E 12 11.77 -12.89 -51.27
N GLY E 13 11.88 -12.99 -52.59
CA GLY E 13 11.34 -14.14 -53.30
C GLY E 13 12.30 -15.29 -53.18
N ASP E 14 11.76 -16.47 -52.82
CA ASP E 14 12.56 -17.66 -52.56
C ASP E 14 13.57 -17.36 -51.46
N TYR E 15 13.04 -17.12 -50.26
CA TYR E 15 13.85 -16.80 -49.09
C TYR E 15 13.11 -17.32 -47.88
N ASP E 16 13.61 -18.40 -47.29
CA ASP E 16 12.94 -19.04 -46.16
C ASP E 16 13.47 -18.40 -44.87
N LYS E 17 12.59 -17.72 -44.15
CA LYS E 17 12.98 -17.04 -42.92
C LYS E 17 13.45 -18.02 -41.85
N ARG E 18 13.01 -19.26 -41.90
CA ARG E 18 13.28 -20.23 -40.85
C ARG E 18 14.62 -20.93 -41.00
N ILE E 19 15.42 -20.58 -42.01
CA ILE E 19 16.67 -21.25 -42.30
C ILE E 19 17.82 -20.34 -41.90
N ILE E 20 18.75 -20.88 -41.10
CA ILE E 20 19.96 -20.13 -40.78
C ILE E 20 20.77 -19.92 -42.05
N PRO E 21 21.36 -18.74 -42.27
CA PRO E 21 22.08 -18.48 -43.53
C PRO E 21 23.51 -19.01 -43.54
N ALA E 22 23.66 -20.29 -43.20
CA ALA E 22 24.96 -20.94 -43.23
C ALA E 22 25.29 -21.34 -44.66
N LYS E 23 26.40 -20.82 -45.19
CA LYS E 23 26.75 -21.10 -46.58
C LYS E 23 27.03 -22.58 -46.79
N THR E 24 27.76 -23.20 -45.88
CA THR E 24 28.00 -24.64 -45.91
C THR E 24 27.77 -25.25 -44.55
N LEU E 25 28.12 -26.53 -44.37
CA LEU E 25 27.86 -27.19 -43.10
C LEU E 25 28.68 -26.58 -41.97
N ASP E 26 29.95 -26.29 -42.21
CA ASP E 26 30.85 -25.84 -41.15
C ASP E 26 30.80 -24.34 -40.92
N HIS E 27 30.08 -23.59 -41.75
CA HIS E 27 30.04 -22.14 -41.60
C HIS E 27 29.30 -21.76 -40.32
N ILE E 28 29.82 -20.75 -39.63
CA ILE E 28 29.26 -20.25 -38.38
C ILE E 28 28.97 -18.77 -38.54
N ILE E 29 27.76 -18.36 -38.22
CA ILE E 29 27.34 -16.97 -38.38
C ILE E 29 27.94 -16.14 -37.25
N ASP E 30 28.69 -15.10 -37.61
CA ASP E 30 29.36 -14.25 -36.63
C ASP E 30 28.42 -13.13 -36.22
N VAL E 31 27.54 -13.44 -35.25
CA VAL E 31 26.64 -12.44 -34.72
C VAL E 31 27.41 -11.50 -33.79
N THR E 32 27.25 -10.20 -34.01
CA THR E 32 28.04 -9.18 -33.33
C THR E 32 27.11 -8.25 -32.57
N LEU E 33 27.37 -8.06 -31.28
CA LEU E 33 26.49 -7.27 -30.42
C LEU E 33 27.15 -5.99 -29.96
N LYS E 34 26.30 -5.01 -29.64
CA LYS E 34 26.76 -3.76 -29.06
C LYS E 34 25.59 -3.09 -28.36
N LEU E 35 25.77 -2.72 -27.10
CA LEU E 35 24.69 -2.13 -26.31
C LEU E 35 24.90 -0.63 -26.17
N THR E 36 23.81 0.13 -26.29
CA THR E 36 23.84 1.57 -26.09
C THR E 36 22.80 1.92 -25.05
N LEU E 37 23.22 2.53 -23.96
CA LEU E 37 22.35 2.85 -22.84
C LEU E 37 21.94 4.31 -22.98
N THR E 38 20.64 4.55 -23.21
CA THR E 38 20.15 5.92 -23.29
C THR E 38 19.64 6.44 -21.97
N ASN E 39 19.20 5.57 -21.07
CA ASN E 39 18.72 6.01 -19.76
C ASN E 39 18.64 4.83 -18.80
N LEU E 40 19.21 4.98 -17.61
CA LEU E 40 19.03 4.01 -16.54
C LEU E 40 17.74 4.38 -15.84
N ILE E 41 16.64 3.75 -16.27
CA ILE E 41 15.32 4.21 -15.86
C ILE E 41 15.14 4.07 -14.36
N SER E 42 15.46 2.90 -13.80
CA SER E 42 15.27 2.72 -12.36
C SER E 42 16.00 1.47 -11.91
N LEU E 43 16.05 1.28 -10.59
CA LEU E 43 16.54 0.06 -9.96
C LEU E 43 15.59 -0.24 -8.80
N ASN E 44 14.59 -1.07 -9.07
CA ASN E 44 13.62 -1.47 -8.06
C ASN E 44 14.32 -2.37 -7.06
N GLU E 45 14.59 -1.84 -5.86
CA GLU E 45 15.28 -2.60 -4.84
C GLU E 45 14.42 -3.74 -4.32
N LYS E 46 13.14 -3.47 -4.04
CA LYS E 46 12.28 -4.50 -3.47
C LYS E 46 12.14 -5.69 -4.41
N GLU E 47 11.93 -5.42 -5.70
CA GLU E 47 11.85 -6.47 -6.71
C GLU E 47 13.22 -6.87 -7.23
N GLU E 48 14.26 -6.12 -6.91
CA GLU E 48 15.63 -6.42 -7.34
C GLU E 48 15.73 -6.49 -8.86
N ALA E 49 15.24 -5.43 -9.52
CA ALA E 49 15.22 -5.41 -10.97
C ALA E 49 15.71 -4.07 -11.48
N LEU E 50 16.61 -4.11 -12.45
CA LEU E 50 17.14 -2.91 -13.09
C LEU E 50 16.38 -2.68 -14.39
N THR E 51 15.80 -1.50 -14.53
CA THR E 51 15.02 -1.15 -15.72
C THR E 51 15.81 -0.12 -16.51
N THR E 52 16.10 -0.46 -17.77
CA THR E 52 16.97 0.33 -18.63
C THR E 52 16.35 0.50 -20.00
N ASN E 53 16.71 1.59 -20.66
CA ASN E 53 16.31 1.93 -22.02
C ASN E 53 17.56 1.81 -22.88
N VAL E 54 17.66 0.74 -23.68
CA VAL E 54 18.88 0.47 -24.42
C VAL E 54 18.54 0.18 -25.88
N TRP E 55 19.39 0.65 -26.77
CA TRP E 55 19.40 0.18 -28.15
C TRP E 55 20.37 -0.97 -28.26
N ILE E 56 19.92 -2.09 -28.80
CA ILE E 56 20.79 -3.24 -29.02
C ILE E 56 21.13 -3.29 -30.49
N GLU E 57 22.42 -3.32 -30.82
CA GLU E 57 22.88 -3.37 -32.19
C GLU E 57 23.40 -4.76 -32.47
N ILE E 58 22.80 -5.42 -33.45
CA ILE E 58 23.13 -6.79 -33.83
C ILE E 58 23.51 -6.77 -35.30
N GLN E 59 24.70 -7.29 -35.61
CA GLN E 59 25.19 -7.33 -36.97
C GLN E 59 25.49 -8.76 -37.35
N TRP E 60 25.12 -9.15 -38.57
CA TRP E 60 25.54 -10.45 -39.06
C TRP E 60 25.69 -10.37 -40.57
N ASN E 61 25.81 -11.52 -41.23
CA ASN E 61 26.09 -11.56 -42.65
C ASN E 61 25.24 -12.67 -43.28
N ASP E 62 24.13 -12.27 -43.90
CA ASP E 62 23.24 -13.19 -44.59
C ASP E 62 23.60 -13.16 -46.07
N TYR E 63 24.18 -14.26 -46.56
CA TYR E 63 24.66 -14.30 -47.93
C TYR E 63 23.52 -14.26 -48.94
N ARG E 64 22.32 -14.66 -48.56
CA ARG E 64 21.22 -14.72 -49.52
C ARG E 64 20.82 -13.34 -50.01
N LEU E 65 20.80 -12.35 -49.12
CA LEU E 65 20.39 -11.00 -49.48
C LEU E 65 21.63 -10.19 -49.87
N SER E 66 22.09 -10.43 -51.10
CA SER E 66 23.16 -9.67 -51.70
C SER E 66 22.84 -9.44 -53.17
N TRP E 67 23.37 -8.36 -53.72
CA TRP E 67 23.04 -7.99 -55.09
C TRP E 67 24.16 -7.15 -55.67
N ASN E 68 24.16 -7.05 -56.99
CA ASN E 68 25.11 -6.21 -57.72
C ASN E 68 24.52 -4.80 -57.84
N THR E 69 25.21 -3.81 -57.29
CA THR E 69 24.65 -2.47 -57.22
C THR E 69 24.36 -1.89 -58.60
N SER E 70 25.27 -2.12 -59.55
CA SER E 70 25.09 -1.58 -60.89
C SER E 70 23.82 -2.10 -61.56
N GLU E 71 23.31 -3.25 -61.12
CA GLU E 71 22.09 -3.79 -61.68
C GLU E 71 20.84 -3.06 -61.20
N TYR E 72 20.93 -2.31 -60.10
CA TYR E 72 19.78 -1.65 -59.52
C TYR E 72 20.05 -0.17 -59.32
N GLU E 73 20.67 0.46 -60.32
CA GLU E 73 20.88 1.91 -60.34
C GLU E 73 21.62 2.39 -59.08
N GLY E 74 22.60 1.62 -58.66
CA GLY E 74 23.46 2.05 -57.57
C GLY E 74 22.82 2.01 -56.19
N ILE E 75 21.79 1.19 -55.99
CA ILE E 75 21.20 1.02 -54.67
C ILE E 75 22.15 0.15 -53.86
N ASP E 76 22.71 0.72 -52.79
CA ASP E 76 23.68 0.01 -51.97
C ASP E 76 23.17 -0.24 -50.56
N LEU E 77 21.89 0.03 -50.29
CA LEU E 77 21.35 -0.11 -48.94
C LEU E 77 19.83 -0.10 -48.98
N VAL E 78 19.21 -1.08 -48.33
CA VAL E 78 17.75 -1.15 -48.26
C VAL E 78 17.35 -1.40 -46.81
N ARG E 79 16.08 -1.14 -46.53
CA ARG E 79 15.50 -1.45 -45.23
C ARG E 79 14.44 -2.52 -45.42
N ILE E 80 14.53 -3.60 -44.64
CA ILE E 80 13.56 -4.68 -44.73
C ILE E 80 12.98 -4.92 -43.34
N PRO E 81 11.67 -5.09 -43.19
CA PRO E 81 11.12 -5.33 -41.86
C PRO E 81 11.70 -6.59 -41.24
N SER E 82 11.99 -6.51 -39.94
CA SER E 82 12.66 -7.62 -39.26
C SER E 82 11.79 -8.86 -39.19
N GLU E 83 10.47 -8.71 -39.32
CA GLU E 83 9.59 -9.86 -39.31
C GLU E 83 9.67 -10.68 -40.58
N LEU E 84 10.37 -10.19 -41.60
CA LEU E 84 10.48 -10.86 -42.89
C LEU E 84 11.82 -11.55 -43.08
N LEU E 85 12.74 -11.41 -42.13
CA LEU E 85 14.11 -11.88 -42.29
C LEU E 85 14.46 -12.89 -41.22
N TRP E 86 15.48 -13.69 -41.50
CA TRP E 86 16.08 -14.52 -40.46
C TRP E 86 16.76 -13.62 -39.43
N LEU E 87 16.57 -13.96 -38.17
CA LEU E 87 17.22 -13.20 -37.10
C LEU E 87 17.87 -14.17 -36.13
N PRO E 88 19.03 -13.79 -35.56
CA PRO E 88 19.58 -14.56 -34.45
C PRO E 88 18.81 -14.22 -33.18
N ASP E 89 18.30 -15.24 -32.51
CA ASP E 89 17.41 -14.99 -31.39
C ASP E 89 18.21 -14.53 -30.18
N VAL E 90 18.88 -13.39 -30.30
CA VAL E 90 19.66 -12.83 -29.21
C VAL E 90 18.68 -12.23 -28.20
N VAL E 91 18.59 -12.85 -27.02
CA VAL E 91 17.62 -12.46 -26.02
C VAL E 91 18.33 -12.20 -24.70
N LEU E 92 17.69 -11.38 -23.87
CA LEU E 92 18.16 -11.10 -22.52
C LEU E 92 17.77 -12.28 -21.64
N GLU E 93 18.76 -13.06 -21.22
CA GLU E 93 18.47 -14.30 -20.52
C GLU E 93 18.01 -14.09 -19.09
N ASN E 94 18.47 -13.04 -18.43
CA ASN E 94 18.21 -12.85 -17.00
C ASN E 94 17.10 -11.84 -16.73
N ASN E 95 16.08 -11.81 -17.57
CA ASN E 95 14.96 -10.92 -17.34
C ASN E 95 14.12 -11.37 -16.15
N VAL E 96 13.55 -10.40 -15.44
CA VAL E 96 12.70 -10.71 -14.30
C VAL E 96 11.30 -11.15 -14.74
N ASP E 97 10.73 -10.46 -15.72
CA ASP E 97 9.43 -10.83 -16.26
C ASP E 97 9.64 -11.81 -17.40
N GLY E 98 8.60 -12.04 -18.19
CA GLY E 98 8.74 -12.93 -19.33
C GLY E 98 9.27 -12.32 -20.59
N GLN E 99 9.68 -11.04 -20.55
CA GLN E 99 10.09 -10.32 -21.75
C GLN E 99 11.50 -10.75 -22.14
N PHE E 100 11.59 -11.62 -23.14
CA PHE E 100 12.88 -12.02 -23.69
C PHE E 100 13.28 -11.14 -24.88
N GLU E 101 12.36 -10.97 -25.83
CA GLU E 101 12.65 -10.28 -27.09
C GLU E 101 12.71 -8.78 -26.86
N VAL E 102 12.87 -8.03 -27.95
CA VAL E 102 12.96 -6.58 -27.88
C VAL E 102 11.57 -5.97 -27.96
N ALA E 103 11.46 -4.74 -27.47
CA ALA E 103 10.15 -4.07 -27.42
C ALA E 103 9.63 -3.77 -28.82
N TYR E 104 10.45 -3.16 -29.66
CA TYR E 104 10.04 -2.70 -30.98
C TYR E 104 10.88 -3.39 -32.04
N TYR E 105 10.21 -3.97 -33.03
CA TYR E 105 10.89 -4.72 -34.09
C TYR E 105 11.19 -3.78 -35.25
N ALA E 106 12.31 -3.07 -35.13
CA ALA E 106 12.68 -2.08 -36.12
C ALA E 106 13.09 -2.76 -37.42
N ASN E 107 13.31 -1.94 -38.44
CA ASN E 107 13.76 -2.44 -39.73
C ASN E 107 15.23 -2.86 -39.66
N VAL E 108 15.61 -3.78 -40.55
CA VAL E 108 16.97 -4.27 -40.67
C VAL E 108 17.57 -3.61 -41.90
N LEU E 109 18.72 -2.95 -41.71
CA LEU E 109 19.46 -2.39 -42.81
C LEU E 109 20.24 -3.50 -43.51
N VAL E 110 20.03 -3.64 -44.80
CA VAL E 110 20.68 -4.66 -45.61
C VAL E 110 21.60 -3.96 -46.60
N TYR E 111 22.87 -4.36 -46.61
CA TYR E 111 23.82 -3.83 -47.56
C TYR E 111 24.05 -4.84 -48.69
N ASN E 112 24.46 -4.33 -49.85
CA ASN E 112 24.69 -5.19 -51.00
C ASN E 112 25.74 -6.26 -50.72
N ASP E 113 26.63 -6.01 -49.76
CA ASP E 113 27.57 -7.02 -49.30
C ASP E 113 26.86 -8.20 -48.63
N GLY E 114 25.60 -8.04 -48.27
CA GLY E 114 24.91 -9.00 -47.44
C GLY E 114 24.94 -8.68 -45.97
N SER E 115 25.69 -7.66 -45.57
CA SER E 115 25.74 -7.27 -44.17
C SER E 115 24.36 -6.87 -43.68
N MET E 116 24.01 -7.38 -42.50
CA MET E 116 22.74 -7.11 -41.85
C MET E 116 23.01 -6.31 -40.59
N TYR E 117 22.31 -5.20 -40.43
CA TYR E 117 22.49 -4.30 -39.30
C TYR E 117 21.12 -4.04 -38.69
N TRP E 118 20.89 -4.53 -37.49
CA TRP E 118 19.61 -4.39 -36.82
C TRP E 118 19.83 -3.61 -35.54
N LEU E 119 19.05 -2.56 -35.33
CA LEU E 119 19.22 -1.68 -34.16
C LEU E 119 17.85 -1.43 -33.53
N PRO E 120 17.29 -2.42 -32.86
CA PRO E 120 16.03 -2.21 -32.18
C PRO E 120 16.24 -1.61 -30.79
N PRO E 121 15.35 -0.72 -30.38
CA PRO E 121 15.35 -0.27 -28.99
C PRO E 121 14.59 -1.25 -28.12
N ALA E 122 14.85 -1.16 -26.82
CA ALA E 122 14.23 -2.10 -25.90
C ALA E 122 14.24 -1.53 -24.49
N ILE E 123 13.15 -1.81 -23.77
CA ILE E 123 13.06 -1.57 -22.34
C ILE E 123 13.34 -2.90 -21.67
N TYR E 124 14.46 -3.00 -20.97
CA TYR E 124 14.89 -4.26 -20.37
C TYR E 124 14.79 -4.18 -18.86
N ARG E 125 14.11 -5.16 -18.27
CA ARG E 125 14.02 -5.33 -16.83
C ARG E 125 14.83 -6.58 -16.50
N SER E 126 16.05 -6.39 -16.00
CA SER E 126 16.98 -7.48 -15.77
C SER E 126 17.25 -7.64 -14.28
N THR E 127 17.34 -8.88 -13.84
CA THR E 127 17.59 -9.12 -12.43
C THR E 127 18.96 -8.60 -12.03
N CYS E 128 19.03 -8.02 -10.83
CA CYS E 128 20.28 -7.49 -10.29
C CYS E 128 20.31 -7.77 -8.79
N PRO E 129 20.97 -8.84 -8.37
CA PRO E 129 21.06 -9.14 -6.93
C PRO E 129 21.74 -8.01 -6.19
N ILE E 130 21.03 -7.42 -5.24
CA ILE E 130 21.45 -6.20 -4.57
C ILE E 130 22.15 -6.57 -3.27
N ALA E 131 23.35 -6.03 -3.07
CA ALA E 131 24.09 -6.21 -1.83
C ALA E 131 23.75 -5.04 -0.90
N VAL E 132 23.04 -5.34 0.19
CA VAL E 132 22.54 -4.29 1.06
C VAL E 132 23.45 -4.00 2.24
N THR E 133 24.62 -4.64 2.32
CA THR E 133 25.44 -4.54 3.52
C THR E 133 25.83 -3.11 3.83
N TYR E 134 25.88 -2.24 2.82
CA TYR E 134 26.34 -0.87 3.01
C TYR E 134 25.29 0.17 2.62
N PHE E 135 24.03 -0.21 2.59
CA PHE E 135 22.97 0.74 2.29
C PHE E 135 22.93 1.81 3.38
N PRO E 136 22.74 3.09 3.03
CA PRO E 136 22.50 3.65 1.71
C PRO E 136 23.76 4.18 1.00
N PHE E 137 24.93 3.71 1.40
CA PHE E 137 26.18 4.10 0.75
C PHE E 137 26.65 3.08 -0.27
N ASP E 138 25.79 2.13 -0.64
CA ASP E 138 26.21 0.97 -1.40
C ASP E 138 26.45 1.31 -2.87
N TRP E 139 27.16 0.44 -3.57
CA TRP E 139 27.28 0.44 -5.02
C TRP E 139 26.84 -0.93 -5.51
N GLN E 140 25.99 -0.96 -6.52
CA GLN E 140 25.45 -2.21 -7.03
C GLN E 140 26.22 -2.65 -8.28
N ASN E 141 26.18 -3.94 -8.54
CA ASN E 141 26.89 -4.54 -9.67
C ASN E 141 25.84 -5.26 -10.52
N CYS E 142 25.18 -4.51 -11.38
CA CYS E 142 24.09 -5.03 -12.19
C CYS E 142 24.60 -5.47 -13.55
N SER E 143 23.99 -6.53 -14.08
CA SER E 143 24.49 -7.20 -15.27
C SER E 143 23.35 -7.49 -16.23
N LEU E 144 23.65 -7.41 -17.53
CA LEU E 144 22.73 -7.81 -18.59
C LEU E 144 23.38 -8.93 -19.37
N VAL E 145 22.69 -10.08 -19.46
CA VAL E 145 23.25 -11.28 -20.09
C VAL E 145 22.46 -11.55 -21.36
N PHE E 146 23.16 -11.49 -22.52
CA PHE E 146 22.56 -11.74 -23.82
C PHE E 146 23.06 -13.05 -24.36
N ARG E 147 22.14 -13.87 -24.86
CA ARG E 147 22.55 -15.11 -25.50
C ARG E 147 21.52 -15.51 -26.54
N SER E 148 21.93 -16.34 -27.47
CA SER E 148 21.02 -16.80 -28.50
C SER E 148 20.06 -17.82 -27.91
N GLN E 149 18.77 -17.52 -27.94
CA GLN E 149 17.78 -18.42 -27.37
C GLN E 149 17.68 -19.72 -28.15
N THR E 150 18.01 -19.68 -29.43
CA THR E 150 17.82 -20.83 -30.32
C THR E 150 19.10 -21.55 -30.67
N TYR E 151 20.09 -20.86 -31.21
CA TYR E 151 21.26 -21.49 -31.81
C TYR E 151 22.40 -21.58 -30.80
N ASN E 152 23.29 -22.54 -31.03
CA ASN E 152 24.40 -22.83 -30.13
C ASN E 152 25.71 -22.39 -30.77
N ALA E 153 26.81 -22.68 -30.08
CA ALA E 153 28.12 -22.23 -30.51
C ALA E 153 28.57 -22.88 -31.82
N HIS E 154 27.90 -23.93 -32.27
CA HIS E 154 28.21 -24.55 -33.54
C HIS E 154 27.47 -23.93 -34.71
N GLU E 155 26.57 -22.99 -34.45
CA GLU E 155 25.81 -22.31 -35.50
C GLU E 155 25.94 -20.80 -35.43
N VAL E 156 26.00 -20.22 -34.24
CA VAL E 156 26.09 -18.79 -34.04
C VAL E 156 27.25 -18.50 -33.11
N ASN E 157 28.11 -17.57 -33.49
CA ASN E 157 29.29 -17.20 -32.72
C ASN E 157 29.11 -15.76 -32.25
N LEU E 158 28.57 -15.59 -31.05
CA LEU E 158 28.41 -14.26 -30.50
C LEU E 158 29.77 -13.62 -30.28
N GLN E 159 29.91 -12.36 -30.71
CA GLN E 159 31.14 -11.62 -30.53
C GLN E 159 30.79 -10.19 -30.17
N LEU E 160 31.73 -9.50 -29.52
CA LEU E 160 31.56 -8.10 -29.22
C LEU E 160 31.92 -7.25 -30.43
N SER E 161 31.26 -6.10 -30.54
CA SER E 161 31.43 -5.25 -31.71
C SER E 161 32.86 -4.77 -31.84
N ALA E 162 33.36 -4.77 -33.07
CA ALA E 162 34.71 -4.29 -33.38
C ALA E 162 34.57 -2.96 -34.10
N GLU E 163 34.96 -1.88 -33.44
CA GLU E 163 34.88 -0.54 -33.99
C GLU E 163 36.28 -0.01 -34.21
N GLU E 164 36.54 0.45 -35.44
CA GLU E 164 37.87 0.96 -35.84
C GLU E 164 38.95 -0.10 -35.65
N GLY E 165 38.58 -1.37 -35.77
CA GLY E 165 39.51 -2.46 -35.60
C GLY E 165 39.78 -2.86 -34.18
N GLU E 166 39.21 -2.15 -33.21
CA GLU E 166 39.39 -2.46 -31.79
C GLU E 166 38.04 -2.86 -31.21
N ALA E 167 38.02 -4.00 -30.52
CA ALA E 167 36.76 -4.52 -30.00
C ALA E 167 36.15 -3.57 -28.99
N VAL E 168 34.84 -3.33 -29.14
CA VAL E 168 34.09 -2.52 -28.18
C VAL E 168 33.79 -3.39 -26.97
N GLU E 169 34.42 -3.10 -25.84
CA GLU E 169 34.26 -3.87 -24.62
C GLU E 169 33.60 -3.05 -23.53
N TRP E 170 32.66 -2.19 -23.89
CA TRP E 170 31.97 -1.38 -22.92
C TRP E 170 30.56 -1.08 -23.42
N ILE E 171 29.67 -0.77 -22.49
CA ILE E 171 28.33 -0.31 -22.83
C ILE E 171 28.47 1.10 -23.39
N HIS E 172 28.35 1.23 -24.71
CA HIS E 172 28.49 2.54 -25.33
C HIS E 172 27.43 3.50 -24.77
N ILE E 173 27.88 4.71 -24.43
CA ILE E 173 26.98 5.75 -23.93
C ILE E 173 27.15 6.97 -24.82
N ASP E 174 26.08 7.36 -25.49
CA ASP E 174 26.11 8.51 -26.39
C ASP E 174 25.75 9.76 -25.62
N PRO E 175 26.66 10.73 -25.47
CA PRO E 175 26.33 11.93 -24.69
C PRO E 175 25.13 12.68 -25.23
N GLU E 176 24.87 12.60 -26.54
CA GLU E 176 23.68 13.24 -27.10
C GLU E 176 22.41 12.61 -26.59
N ASP E 177 22.40 11.28 -26.44
CA ASP E 177 21.24 10.55 -25.92
C ASP E 177 21.64 9.87 -24.62
N PHE E 178 21.58 10.64 -23.53
CA PHE E 178 21.81 10.11 -22.19
C PHE E 178 21.38 11.11 -21.14
N THR E 179 20.55 10.68 -20.19
CA THR E 179 20.08 11.50 -19.09
C THR E 179 20.48 10.80 -17.79
N GLU E 180 21.47 11.37 -17.10
CA GLU E 180 21.97 10.71 -15.89
C GLU E 180 20.85 10.56 -14.87
N ASN E 181 20.80 9.39 -14.22
CA ASN E 181 19.65 9.02 -13.43
C ASN E 181 19.42 9.97 -12.26
N GLY E 182 20.47 10.61 -11.77
CA GLY E 182 20.35 11.50 -10.63
C GLY E 182 20.51 10.80 -9.30
N GLU E 183 19.98 9.58 -9.18
CA GLU E 183 20.20 8.79 -7.98
C GLU E 183 21.39 7.86 -8.11
N TRP E 184 21.60 7.27 -9.28
CA TRP E 184 22.67 6.32 -9.52
C TRP E 184 23.64 6.91 -10.54
N THR E 185 24.92 6.92 -10.20
CA THR E 185 25.96 7.34 -11.13
C THR E 185 26.74 6.13 -11.61
N ILE E 186 27.02 6.08 -12.90
CA ILE E 186 27.65 4.92 -13.51
C ILE E 186 29.16 5.09 -13.44
N ARG E 187 29.84 4.19 -12.73
CA ARG E 187 31.29 4.26 -12.57
C ARG E 187 32.02 3.43 -13.63
N HIS E 188 31.72 2.15 -13.71
CA HIS E 188 32.33 1.26 -14.69
C HIS E 188 31.23 0.60 -15.50
N ARG E 189 31.47 0.47 -16.80
CA ARG E 189 30.51 -0.19 -17.70
C ARG E 189 31.24 -1.14 -18.65
N PRO E 190 31.86 -2.19 -18.12
CA PRO E 190 32.57 -3.13 -18.98
C PRO E 190 31.63 -4.12 -19.64
N ALA E 191 32.14 -4.79 -20.66
CA ALA E 191 31.43 -5.86 -21.33
C ALA E 191 32.41 -6.96 -21.67
N LYS E 192 31.93 -8.20 -21.71
CA LYS E 192 32.83 -9.31 -22.00
C LYS E 192 32.02 -10.51 -22.47
N LYS E 193 32.69 -11.39 -23.20
CA LYS E 193 32.10 -12.65 -23.61
C LYS E 193 32.43 -13.71 -22.57
N ASN E 194 31.42 -14.46 -22.15
CA ASN E 194 31.55 -15.42 -21.07
C ASN E 194 31.16 -16.81 -21.54
N TYR E 195 31.77 -17.83 -20.94
CA TYR E 195 31.51 -19.21 -21.27
C TYR E 195 31.06 -19.96 -20.02
N ASN E 196 30.00 -20.76 -20.15
CA ASN E 196 29.59 -21.67 -19.09
C ASN E 196 30.24 -23.02 -19.37
N TRP E 197 31.38 -23.25 -18.74
CA TRP E 197 32.19 -24.43 -19.04
C TRP E 197 31.53 -25.73 -18.62
N GLN E 198 30.48 -25.69 -17.81
CA GLN E 198 29.77 -26.91 -17.48
C GLN E 198 29.07 -27.54 -18.68
N LEU E 199 28.91 -26.78 -19.76
CA LEU E 199 28.22 -27.25 -20.95
C LEU E 199 29.19 -27.29 -22.13
N THR E 200 28.91 -28.18 -23.07
CA THR E 200 29.71 -28.29 -24.28
C THR E 200 29.33 -27.16 -25.24
N LYS E 201 29.89 -27.21 -26.45
CA LYS E 201 29.61 -26.17 -27.43
C LYS E 201 28.14 -26.15 -27.83
N ASP E 202 27.40 -27.21 -27.55
CA ASP E 202 25.97 -27.24 -27.77
C ASP E 202 25.27 -26.69 -26.52
N ASP E 203 23.98 -26.98 -26.38
CA ASP E 203 23.14 -26.69 -25.22
C ASP E 203 22.69 -25.24 -25.16
N THR E 204 23.07 -24.39 -26.12
CA THR E 204 22.45 -23.09 -26.35
C THR E 204 22.82 -22.09 -25.24
N ASP E 205 23.43 -22.58 -24.17
CA ASP E 205 23.84 -21.71 -23.05
C ASP E 205 25.34 -21.67 -22.89
N PHE E 206 26.09 -22.19 -23.87
CA PHE E 206 27.55 -22.24 -23.73
C PHE E 206 28.16 -20.84 -23.72
N GLN E 207 27.67 -19.94 -24.56
CA GLN E 207 28.27 -18.63 -24.76
C GLN E 207 27.30 -17.52 -24.41
N GLU E 208 27.84 -16.43 -23.88
CA GLU E 208 27.06 -15.29 -23.46
C GLU E 208 27.84 -14.01 -23.75
N ILE E 209 27.12 -12.92 -23.87
CA ILE E 209 27.69 -11.58 -23.91
C ILE E 209 27.12 -10.84 -22.72
N ILE E 210 27.98 -10.49 -21.77
CA ILE E 210 27.53 -9.90 -20.51
C ILE E 210 28.00 -8.45 -20.48
N PHE E 211 27.05 -7.55 -20.27
CA PHE E 211 27.32 -6.12 -20.10
C PHE E 211 27.12 -5.78 -18.63
N PHE E 212 28.14 -5.22 -18.01
CA PHE E 212 28.10 -4.91 -16.59
C PHE E 212 27.88 -3.42 -16.39
N LEU E 213 27.13 -3.08 -15.33
CA LEU E 213 26.88 -1.71 -14.93
C LEU E 213 27.21 -1.64 -13.45
N ILE E 214 28.37 -1.05 -13.13
CA ILE E 214 28.75 -0.77 -11.75
C ILE E 214 28.21 0.61 -11.42
N ILE E 215 27.08 0.65 -10.71
CA ILE E 215 26.40 1.90 -10.42
C ILE E 215 26.60 2.20 -8.94
N GLN E 216 26.70 3.48 -8.60
CA GLN E 216 26.88 3.91 -7.22
C GLN E 216 25.72 4.81 -6.84
N ARG E 217 25.07 4.49 -5.72
CA ARG E 217 23.98 5.31 -5.22
C ARG E 217 24.51 6.64 -4.70
N LYS E 218 23.86 7.73 -5.06
CA LYS E 218 24.14 9.01 -4.44
C LYS E 218 23.45 9.05 -3.08
N PRO E 219 24.18 9.26 -1.98
CA PRO E 219 23.59 9.10 -0.65
C PRO E 219 23.03 10.38 -0.05
N LEU E 220 23.08 11.51 -0.75
CA LEU E 220 22.71 12.77 -0.12
C LEU E 220 21.25 12.79 0.30
N PHE E 221 20.35 12.32 -0.57
CA PHE E 221 18.94 12.30 -0.23
C PHE E 221 18.66 11.42 0.98
N TYR E 222 19.25 10.23 1.02
CA TYR E 222 19.04 9.34 2.15
C TYR E 222 19.67 9.90 3.42
N ILE E 223 20.84 10.53 3.29
CA ILE E 223 21.49 11.14 4.45
C ILE E 223 20.60 12.22 5.05
N ILE E 224 20.11 13.14 4.23
CA ILE E 224 19.31 14.25 4.75
C ILE E 224 17.97 13.76 5.27
N ASN E 225 17.30 12.89 4.52
CA ASN E 225 15.91 12.58 4.82
C ASN E 225 15.71 11.42 5.78
N ILE E 226 16.74 10.61 6.03
CA ILE E 226 16.57 9.50 6.97
C ILE E 226 17.64 9.52 8.05
N ILE E 227 18.91 9.51 7.64
CA ILE E 227 20.00 9.30 8.59
C ILE E 227 20.11 10.45 9.56
N ALA E 228 20.07 11.69 9.07
CA ALA E 228 20.21 12.83 9.96
C ALA E 228 19.09 12.94 10.99
N PRO E 229 17.80 12.83 10.62
CA PRO E 229 16.76 12.83 11.66
C PRO E 229 16.90 11.69 12.65
N CYS E 230 17.29 10.51 12.17
CA CYS E 230 17.46 9.37 13.08
C CYS E 230 18.57 9.63 14.08
N VAL E 231 19.69 10.17 13.61
CA VAL E 231 20.80 10.49 14.52
C VAL E 231 20.39 11.57 15.51
N LEU E 232 19.69 12.60 15.03
CA LEU E 232 19.25 13.67 15.93
C LEU E 232 18.33 13.14 17.01
N ILE E 233 17.38 12.28 16.64
CA ILE E 233 16.47 11.72 17.63
C ILE E 233 17.21 10.80 18.59
N SER E 234 18.08 9.93 18.07
CA SER E 234 18.81 9.01 18.92
C SER E 234 19.81 9.72 19.83
N SER E 235 20.18 10.95 19.52
CA SER E 235 21.04 11.71 20.42
C SER E 235 20.27 12.27 21.61
N LEU E 236 18.95 12.11 21.65
CA LEU E 236 18.15 12.62 22.76
C LEU E 236 18.13 11.70 23.97
N VAL E 237 18.57 10.45 23.82
CA VAL E 237 18.53 9.53 24.96
C VAL E 237 19.42 10.01 26.08
N VAL E 238 20.56 10.61 25.74
CA VAL E 238 21.49 11.05 26.77
C VAL E 238 20.97 12.22 27.58
N LEU E 239 19.88 12.85 27.16
CA LEU E 239 19.33 13.97 27.91
C LEU E 239 18.59 13.51 29.16
N VAL E 240 18.13 12.26 29.21
CA VAL E 240 17.38 11.79 30.35
C VAL E 240 18.21 11.77 31.63
N TYR E 241 19.52 11.97 31.51
CA TYR E 241 20.38 11.96 32.68
C TYR E 241 20.46 13.30 33.38
N PHE E 242 19.82 14.34 32.83
CA PHE E 242 19.79 15.64 33.46
C PHE E 242 18.41 16.02 33.98
N LEU E 243 17.38 15.27 33.64
CA LEU E 243 16.07 15.52 34.20
C LEU E 243 16.05 15.10 35.67
N PRO E 244 15.23 15.74 36.50
CA PRO E 244 15.17 15.35 37.91
C PRO E 244 14.62 13.94 38.07
N ALA E 245 15.12 13.26 39.10
CA ALA E 245 14.69 11.87 39.37
C ALA E 245 13.58 11.90 40.42
N GLN E 246 12.40 12.32 39.97
CA GLN E 246 11.23 12.40 40.83
C GLN E 246 9.99 12.48 39.96
N ALA E 247 8.84 12.63 40.61
CA ALA E 247 7.60 12.80 39.88
C ALA E 247 7.62 14.10 39.09
N GLY E 248 7.26 14.02 37.80
CA GLY E 248 7.28 15.17 36.93
C GLY E 248 8.58 15.40 36.20
N GLY E 249 9.64 14.66 36.53
CA GLY E 249 10.87 14.76 35.76
C GLY E 249 10.71 14.22 34.35
N GLN E 250 9.97 13.12 34.21
CA GLN E 250 9.67 12.50 32.92
C GLN E 250 10.94 11.97 32.25
N LYS E 251 11.73 11.21 33.01
CA LYS E 251 12.82 10.46 32.41
C LYS E 251 12.28 9.34 31.51
N CYS E 252 11.36 8.55 32.05
CA CYS E 252 10.83 7.41 31.31
C CYS E 252 10.07 7.87 30.07
N THR E 253 9.31 8.95 30.19
CA THR E 253 8.59 9.47 29.02
C THR E 253 9.55 9.73 27.87
N LEU E 254 10.61 10.49 28.13
CA LEU E 254 11.57 10.82 27.08
C LEU E 254 12.25 9.57 26.52
N SER E 255 12.68 8.66 27.41
CA SER E 255 13.38 7.46 26.95
C SER E 255 12.49 6.60 26.06
N ILE E 256 11.27 6.32 26.53
CA ILE E 256 10.37 5.45 25.78
C ILE E 256 9.95 6.13 24.47
N SER E 257 9.78 7.45 24.50
CA SER E 257 9.41 8.15 23.27
C SER E 257 10.51 8.06 22.23
N VAL E 258 11.77 8.20 22.65
CA VAL E 258 12.87 8.05 21.68
C VAL E 258 12.92 6.62 21.16
N LEU E 259 12.64 5.65 22.04
CA LEU E 259 12.59 4.25 21.58
C LEU E 259 11.52 4.06 20.52
N LEU E 260 10.34 4.65 20.72
CA LEU E 260 9.27 4.54 19.73
C LEU E 260 9.65 5.21 18.42
N ALA E 261 10.31 6.37 18.51
CA ALA E 261 10.76 7.02 17.29
C ALA E 261 11.74 6.15 16.52
N GLN E 262 12.67 5.51 17.22
CA GLN E 262 13.61 4.62 16.54
C GLN E 262 12.90 3.42 15.93
N THR E 263 11.86 2.91 16.60
CA THR E 263 11.07 1.83 16.03
C THR E 263 10.41 2.28 14.73
N ILE E 264 9.84 3.47 14.72
CA ILE E 264 9.22 4.00 13.50
C ILE E 264 10.24 4.13 12.39
N PHE E 265 11.46 4.56 12.73
CA PHE E 265 12.48 4.69 11.70
C PHE E 265 12.93 3.33 11.17
N LEU E 266 12.98 2.32 12.03
CA LEU E 266 13.26 0.97 11.57
C LEU E 266 12.19 0.49 10.60
N PHE E 267 10.92 0.74 10.92
CA PHE E 267 9.86 0.38 9.99
C PHE E 267 9.99 1.13 8.67
N LEU E 268 10.38 2.40 8.72
CA LEU E 268 10.60 3.17 7.49
C LEU E 268 11.69 2.53 6.65
N ILE E 269 12.80 2.14 7.28
CA ILE E 269 13.90 1.52 6.54
C ILE E 269 13.45 0.19 5.93
N ALA E 270 12.60 -0.54 6.64
CA ALA E 270 12.13 -1.82 6.12
C ALA E 270 11.40 -1.67 4.78
N GLN E 271 10.90 -0.48 4.47
CA GLN E 271 10.21 -0.24 3.20
C GLN E 271 11.16 0.15 2.07
N LYS E 272 12.44 0.38 2.35
CA LYS E 272 13.35 0.91 1.36
C LYS E 272 14.39 -0.09 0.87
N VAL E 273 14.46 -1.27 1.49
CA VAL E 273 15.50 -2.24 1.15
C VAL E 273 14.81 -3.56 0.80
N PRO E 274 15.46 -4.39 -0.01
CA PRO E 274 14.84 -5.67 -0.38
C PRO E 274 14.75 -6.60 0.81
N GLU E 275 13.85 -7.57 0.69
CA GLU E 275 13.60 -8.53 1.75
C GLU E 275 14.56 -9.70 1.73
N THR E 276 15.72 -9.54 1.09
CA THR E 276 16.72 -10.59 1.14
C THR E 276 17.30 -10.70 2.55
N SER E 277 17.76 -11.90 2.89
CA SER E 277 18.19 -12.20 4.25
C SER E 277 19.65 -12.63 4.31
N LEU E 278 20.46 -12.21 3.34
CA LEU E 278 21.88 -12.55 3.36
C LEU E 278 22.68 -11.59 4.23
N ASN E 279 22.27 -10.33 4.33
CA ASN E 279 22.97 -9.36 5.15
C ASN E 279 21.97 -8.33 5.66
N VAL E 280 22.37 -7.64 6.72
CA VAL E 280 21.57 -6.57 7.32
C VAL E 280 22.08 -5.23 6.81
N PRO E 281 21.22 -4.35 6.33
CA PRO E 281 21.69 -3.05 5.83
C PRO E 281 22.35 -2.24 6.93
N LEU E 282 23.32 -1.42 6.53
CA LEU E 282 24.10 -0.65 7.48
C LEU E 282 23.22 0.22 8.35
N ILE E 283 22.26 0.91 7.75
CA ILE E 283 21.34 1.72 8.53
C ILE E 283 20.51 0.85 9.46
N GLY E 284 20.16 -0.36 9.02
CA GLY E 284 19.47 -1.28 9.92
C GLY E 284 20.31 -1.69 11.11
N LYS E 285 21.60 -1.94 10.89
CA LYS E 285 22.50 -2.25 12.00
C LYS E 285 22.60 -1.07 12.96
N TYR E 286 22.71 0.14 12.43
CA TYR E 286 22.75 1.32 13.29
C TYR E 286 21.47 1.46 14.10
N LEU E 287 20.32 1.23 13.47
CA LEU E 287 19.06 1.34 14.18
C LEU E 287 18.94 0.29 15.27
N ILE E 288 19.37 -0.94 15.00
CA ILE E 288 19.34 -1.97 16.04
C ILE E 288 20.24 -1.56 17.19
N PHE E 289 21.43 -1.05 16.89
CA PHE E 289 22.36 -0.64 17.94
C PHE E 289 21.76 0.48 18.81
N VAL E 290 21.16 1.49 18.17
CA VAL E 290 20.63 2.60 18.95
C VAL E 290 19.38 2.19 19.73
N MET E 291 18.57 1.29 19.17
CA MET E 291 17.43 0.81 19.96
C MET E 291 17.90 0.02 21.17
N PHE E 292 18.95 -0.79 21.02
CA PHE E 292 19.48 -1.50 22.17
C PHE E 292 20.04 -0.52 23.21
N VAL E 293 20.74 0.52 22.75
CA VAL E 293 21.27 1.52 23.67
C VAL E 293 20.13 2.23 24.40
N SER E 294 19.07 2.58 23.68
CA SER E 294 17.94 3.25 24.32
C SER E 294 17.22 2.33 25.30
N MET E 295 17.15 1.04 25.01
CA MET E 295 16.56 0.11 25.98
C MET E 295 17.43 0.04 27.24
N LEU E 296 18.74 -0.01 27.07
CA LEU E 296 19.63 0.01 28.24
C LEU E 296 19.44 1.29 29.04
N ILE E 297 19.23 2.41 28.35
CA ILE E 297 19.01 3.68 29.05
C ILE E 297 17.66 3.69 29.74
N VAL E 298 16.65 3.02 29.19
CA VAL E 298 15.38 2.89 29.89
C VAL E 298 15.58 2.09 31.19
N MET E 299 16.33 0.99 31.11
CA MET E 299 16.66 0.25 32.32
C MET E 299 17.40 1.12 33.32
N ASN E 300 18.34 1.91 32.84
CA ASN E 300 19.11 2.77 33.73
C ASN E 300 18.24 3.84 34.38
N CYS E 301 17.29 4.40 33.62
CA CYS E 301 16.35 5.36 34.19
C CYS E 301 15.49 4.73 35.26
N VAL E 302 15.03 3.51 35.02
CA VAL E 302 14.24 2.81 36.03
C VAL E 302 15.06 2.60 37.29
N ILE E 303 16.32 2.18 37.12
CA ILE E 303 17.18 1.93 38.28
C ILE E 303 17.44 3.22 39.05
N VAL E 304 17.71 4.33 38.32
CA VAL E 304 17.98 5.59 38.98
C VAL E 304 16.75 6.09 39.72
N LEU E 305 15.57 5.94 39.12
CA LEU E 305 14.34 6.35 39.80
C LEU E 305 14.09 5.52 41.04
N ASN E 306 14.36 4.21 40.96
CA ASN E 306 14.18 3.36 42.13
C ASN E 306 15.15 3.73 43.23
N VAL E 307 16.38 4.09 42.87
CA VAL E 307 17.37 4.46 43.88
C VAL E 307 17.01 5.80 44.52
N SER E 308 16.64 6.78 43.71
CA SER E 308 16.42 8.13 44.23
C SER E 308 15.16 8.21 45.09
N LEU E 309 14.12 7.46 44.75
CA LEU E 309 12.85 7.56 45.41
C LEU E 309 12.71 6.59 46.58
N ARG E 310 13.82 6.03 47.05
CA ARG E 310 13.78 5.17 48.23
C ARG E 310 13.60 6.00 49.48
N THR E 311 12.97 5.40 50.48
CA THR E 311 12.68 6.02 51.76
C THR E 311 13.22 5.13 52.87
N PRO E 312 13.48 5.70 54.04
CA PRO E 312 13.93 4.85 55.17
C PRO E 312 12.93 3.78 55.54
N ASN E 313 11.65 4.00 55.29
CA ASN E 313 10.64 2.99 55.60
C ASN E 313 10.85 1.71 54.81
N THR E 314 11.13 1.85 53.52
CA THR E 314 11.19 0.67 52.65
C THR E 314 12.60 0.10 52.53
N HIS E 315 13.62 0.94 52.53
CA HIS E 315 15.00 0.49 52.32
C HIS E 315 15.92 1.14 53.35
N SER E 316 17.00 0.43 53.67
CA SER E 316 17.98 0.90 54.64
C SER E 316 19.23 1.36 53.90
N LEU E 317 19.69 2.57 54.21
CA LEU E 317 20.86 3.15 53.55
C LEU E 317 22.11 2.61 54.24
N SER E 318 22.75 1.64 53.62
CA SER E 318 23.96 1.05 54.17
C SER E 318 25.09 2.06 54.17
N GLU E 319 25.97 1.94 55.17
CA GLU E 319 27.12 2.85 55.25
C GLU E 319 28.13 2.57 54.15
N LYS E 320 28.30 1.29 53.78
CA LYS E 320 29.22 0.96 52.69
C LYS E 320 28.80 1.61 51.39
N ILE E 321 27.51 1.53 51.06
CA ILE E 321 27.01 2.12 49.82
C ILE E 321 27.14 3.63 49.87
N LYS E 322 26.81 4.23 51.02
CA LYS E 322 26.92 5.67 51.17
C LYS E 322 28.35 6.15 50.97
N HIS E 323 29.31 5.46 51.61
CA HIS E 323 30.71 5.81 51.43
C HIS E 323 31.15 5.63 50.00
N LEU E 324 30.73 4.53 49.36
CA LEU E 324 31.13 4.29 47.99
C LEU E 324 30.63 5.38 47.05
N PHE E 325 29.38 5.80 47.20
CA PHE E 325 28.78 6.73 46.27
C PHE E 325 28.87 8.19 46.70
N LEU E 326 29.49 8.47 47.85
CA LEU E 326 29.71 9.87 48.25
C LEU E 326 31.15 10.15 48.66
N GLY E 327 32.06 9.19 48.52
CA GLY E 327 33.44 9.41 48.91
C GLY E 327 34.45 9.15 47.81
N PHE E 328 34.11 8.27 46.86
CA PHE E 328 35.03 7.90 45.79
C PHE E 328 34.57 8.38 44.43
N LEU E 329 33.37 8.03 43.99
CA LEU E 329 32.90 8.46 42.68
C LEU E 329 32.80 9.98 42.56
N PRO E 330 32.15 10.70 43.48
CA PRO E 330 32.11 12.16 43.29
C PRO E 330 33.36 12.85 43.84
N PRO E 411 0.11 21.59 87.33
CA PRO E 411 -0.62 20.59 86.55
C PRO E 411 -0.64 20.92 85.06
N GLU E 412 -1.20 22.09 84.72
CA GLU E 412 -1.23 22.52 83.32
C GLU E 412 0.17 22.74 82.78
N ILE E 413 1.10 23.18 83.62
CA ILE E 413 2.47 23.42 83.18
C ILE E 413 3.11 22.13 82.70
N LYS E 414 2.90 21.04 83.44
CA LYS E 414 3.47 19.76 83.03
C LYS E 414 2.90 19.30 81.69
N SER E 415 1.59 19.45 81.50
CA SER E 415 0.98 19.06 80.23
C SER E 415 1.52 19.89 79.08
N CYS E 416 1.65 21.21 79.27
CA CYS E 416 2.19 22.06 78.23
C CYS E 416 3.63 21.69 77.90
N VAL E 417 4.44 21.41 78.92
CA VAL E 417 5.84 21.04 78.70
C VAL E 417 5.93 19.73 77.94
N GLU E 418 5.11 18.75 78.32
CA GLU E 418 5.10 17.48 77.60
C GLU E 418 4.69 17.67 76.15
N ALA E 419 3.68 18.51 75.91
CA ALA E 419 3.26 18.76 74.53
C ALA E 419 4.36 19.41 73.72
N CYS E 420 5.05 20.41 74.30
CA CYS E 420 6.14 21.06 73.59
C CYS E 420 7.26 20.08 73.28
N ASN E 421 7.60 19.22 74.25
CA ASN E 421 8.65 18.23 74.02
C ASN E 421 8.26 17.27 72.91
N PHE E 422 7.01 16.82 72.90
CA PHE E 422 6.56 15.92 71.84
C PHE E 422 6.63 16.60 70.48
N ILE E 423 6.24 17.87 70.41
CA ILE E 423 6.30 18.61 69.15
C ILE E 423 7.74 18.70 68.65
N ALA E 424 8.66 19.04 69.56
CA ALA E 424 10.06 19.14 69.18
C ALA E 424 10.60 17.82 68.68
N LYS E 425 10.28 16.72 69.39
CA LYS E 425 10.76 15.41 68.99
C LYS E 425 10.23 15.03 67.60
N SER E 426 8.93 15.26 67.37
CA SER E 426 8.35 14.91 66.07
C SER E 426 8.99 15.72 64.95
N THR E 427 9.22 17.01 65.18
CA THR E 427 9.88 17.83 64.16
C THR E 427 11.29 17.32 63.89
N LYS E 428 12.02 16.93 64.94
CA LYS E 428 13.37 16.41 64.74
C LYS E 428 13.36 15.14 63.91
N GLU E 429 12.44 14.22 64.21
CA GLU E 429 12.35 12.99 63.43
C GLU E 429 12.02 13.28 61.97
N GLN E 430 11.09 14.19 61.72
CA GLN E 430 10.73 14.52 60.34
C GLN E 430 11.92 15.11 59.60
N ASN E 431 12.69 15.99 60.25
CA ASN E 431 13.86 16.55 59.60
C ASN E 431 14.89 15.48 59.28
N ASP E 432 15.11 14.54 60.20
CA ASP E 432 16.07 13.47 59.94
C ASP E 432 15.62 12.60 58.76
N SER E 433 14.33 12.29 58.69
CA SER E 433 13.84 11.50 57.55
C SER E 433 14.03 12.26 56.24
N GLY E 434 13.76 13.56 56.25
CA GLY E 434 14.03 14.36 55.06
C GLY E 434 15.48 14.32 54.65
N SER E 435 16.39 14.38 55.62
CA SER E 435 17.82 14.31 55.32
C SER E 435 18.18 12.97 54.69
N GLU E 436 17.61 11.88 55.20
CA GLU E 436 17.87 10.57 54.61
C GLU E 436 17.39 10.51 53.16
N ASN E 437 16.19 11.05 52.90
CA ASN E 437 15.73 11.11 51.51
C ASN E 437 16.69 11.92 50.64
N GLU E 438 17.21 13.02 51.17
CA GLU E 438 18.15 13.84 50.40
C GLU E 438 19.42 13.05 50.09
N ASN E 439 19.91 12.27 51.05
CA ASN E 439 21.09 11.44 50.78
C ASN E 439 20.81 10.43 49.67
N TRP E 440 19.64 9.81 49.69
CA TRP E 440 19.30 8.89 48.61
C TRP E 440 19.26 9.62 47.26
N VAL E 441 18.71 10.83 47.24
CA VAL E 441 18.67 11.61 46.00
C VAL E 441 20.09 11.90 45.50
N LEU E 442 21.01 12.22 46.42
CA LEU E 442 22.38 12.49 46.01
C LEU E 442 23.03 11.26 45.40
N ILE E 443 22.82 10.09 46.02
CA ILE E 443 23.36 8.86 45.44
C ILE E 443 22.79 8.64 44.04
N GLY E 444 21.49 8.87 43.88
CA GLY E 444 20.88 8.75 42.57
C GLY E 444 21.51 9.68 41.54
N LYS E 445 21.79 10.92 41.95
CA LYS E 445 22.43 11.86 41.05
C LYS E 445 23.82 11.40 40.63
N VAL E 446 24.59 10.86 41.57
CA VAL E 446 25.94 10.39 41.23
C VAL E 446 25.88 9.25 40.23
N ILE E 447 25.01 8.26 40.49
CA ILE E 447 24.84 7.16 39.54
C ILE E 447 24.41 7.70 38.18
N ASP E 448 23.53 8.69 38.20
CA ASP E 448 22.99 9.25 36.97
C ASP E 448 24.09 9.88 36.14
N LYS E 449 24.96 10.66 36.78
CA LYS E 449 26.04 11.32 36.04
C LYS E 449 27.03 10.31 35.47
N ALA E 450 27.42 9.31 36.27
CA ALA E 450 28.36 8.32 35.77
C ALA E 450 27.80 7.57 34.57
N CYS E 451 26.53 7.14 34.68
CA CYS E 451 25.91 6.45 33.56
C CYS E 451 25.75 7.35 32.35
N PHE E 452 25.54 8.65 32.56
CA PHE E 452 25.49 9.59 31.43
C PHE E 452 26.82 9.60 30.70
N TRP E 453 27.92 9.68 31.44
CA TRP E 453 29.22 9.74 30.78
C TRP E 453 29.51 8.45 30.05
N ILE E 454 29.03 7.32 30.54
CA ILE E 454 29.17 6.07 29.79
C ILE E 454 28.34 6.10 28.51
N ALA E 455 27.06 6.47 28.63
CA ALA E 455 26.12 6.33 27.53
C ALA E 455 26.44 7.29 26.39
N LEU E 456 26.84 8.52 26.71
CA LEU E 456 27.18 9.47 25.65
C LEU E 456 28.34 8.96 24.82
N LEU E 457 29.38 8.45 25.49
CA LEU E 457 30.53 7.89 24.78
C LEU E 457 30.11 6.71 23.92
N LEU E 458 29.30 5.81 24.47
CA LEU E 458 28.89 4.63 23.71
C LEU E 458 28.13 5.03 22.45
N PHE E 459 27.17 5.94 22.59
CA PHE E 459 26.38 6.38 21.44
C PHE E 459 27.26 7.06 20.40
N SER E 460 28.14 7.97 20.84
CA SER E 460 28.97 8.69 19.89
C SER E 460 29.89 7.74 19.14
N ILE E 461 30.52 6.81 19.86
CA ILE E 461 31.43 5.86 19.21
C ILE E 461 30.67 5.02 18.21
N GLY E 462 29.51 4.50 18.59
CA GLY E 462 28.75 3.67 17.67
C GLY E 462 28.36 4.41 16.41
N THR E 463 27.81 5.62 16.57
CA THR E 463 27.39 6.41 15.40
C THR E 463 28.56 6.73 14.50
N LEU E 464 29.64 7.26 15.08
CA LEU E 464 30.79 7.65 14.28
C LEU E 464 31.39 6.46 13.55
N ALA E 465 31.54 5.33 14.23
CA ALA E 465 32.13 4.16 13.61
C ALA E 465 31.27 3.64 12.47
N ILE E 466 29.96 3.51 12.70
CA ILE E 466 29.10 2.94 11.67
C ILE E 466 29.08 3.85 10.44
N PHE E 467 28.91 5.15 10.64
CA PHE E 467 28.83 5.99 9.45
C PHE E 467 30.18 6.29 8.83
N LEU E 468 31.27 6.13 9.57
CA LEU E 468 32.60 6.20 8.95
C LEU E 468 32.85 5.00 8.06
N THR E 469 32.54 3.79 8.55
CA THR E 469 32.73 2.63 7.72
C THR E 469 31.74 2.61 6.56
N GLY E 470 30.60 3.29 6.70
CA GLY E 470 29.75 3.52 5.55
C GLY E 470 30.39 4.45 4.53
N HIS E 471 30.97 5.55 5.01
CA HIS E 471 31.57 6.53 4.10
C HIS E 471 32.79 5.96 3.39
N PHE E 472 33.45 4.95 3.95
CA PHE E 472 34.66 4.38 3.38
C PHE E 472 34.39 3.17 2.51
N ASN E 473 33.24 3.11 1.86
CA ASN E 473 32.88 2.02 0.97
C ASN E 473 33.04 2.52 -0.46
N GLN E 474 34.25 2.35 -1.00
CA GLN E 474 34.56 2.85 -2.33
C GLN E 474 34.21 1.82 -3.40
N VAL E 475 33.87 2.33 -4.58
CA VAL E 475 33.75 1.46 -5.76
C VAL E 475 35.13 0.97 -6.15
N PRO E 476 35.30 -0.31 -6.53
CA PRO E 476 36.63 -0.78 -6.90
C PRO E 476 37.20 0.01 -8.07
N GLU E 477 38.53 0.19 -8.04
CA GLU E 477 39.17 1.01 -9.06
C GLU E 477 39.09 0.36 -10.44
N PHE E 478 39.02 -0.97 -10.50
CA PHE E 478 38.97 -1.65 -11.77
C PHE E 478 37.65 -2.40 -11.92
N PRO E 479 37.11 -2.49 -13.13
CA PRO E 479 35.84 -3.19 -13.31
C PRO E 479 35.89 -4.65 -12.88
N PHE E 480 37.00 -5.33 -13.13
CA PHE E 480 37.25 -6.66 -12.61
C PHE E 480 38.53 -6.61 -11.79
N PRO E 481 38.50 -6.96 -10.50
CA PRO E 481 39.73 -6.87 -9.68
C PRO E 481 40.88 -7.69 -10.22
N GLY E 482 40.61 -8.84 -10.83
CA GLY E 482 41.69 -9.61 -11.43
C GLY E 482 42.34 -8.92 -12.60
N ASP E 483 41.53 -8.31 -13.47
CA ASP E 483 42.06 -7.67 -14.65
C ASP E 483 42.71 -6.34 -14.29
N PRO E 484 43.73 -5.92 -15.06
CA PRO E 484 44.29 -4.57 -14.90
C PRO E 484 43.75 -3.53 -15.87
N ARG E 485 42.74 -3.86 -16.66
CA ARG E 485 42.26 -2.99 -17.71
C ARG E 485 41.12 -2.11 -17.23
N LYS E 486 40.96 -0.95 -17.87
CA LYS E 486 39.96 0.02 -17.45
C LYS E 486 38.62 -0.15 -18.15
N TYR E 487 38.61 -0.67 -19.37
CA TYR E 487 37.38 -0.90 -20.14
C TYR E 487 36.64 0.40 -20.39
N VAL E 488 37.37 1.40 -20.89
CA VAL E 488 36.77 2.68 -21.28
C VAL E 488 37.28 3.05 -22.67
N PRO E 489 36.51 3.80 -23.46
CA PRO E 489 36.95 4.19 -24.81
C PRO E 489 38.06 5.23 -24.78
#